data_1F27
# 
_entry.id   1F27 
# 
_audit_conform.dict_name       mmcif_pdbx.dic 
_audit_conform.dict_version    5.385 
_audit_conform.dict_location   http://mmcif.pdb.org/dictionaries/ascii/mmcif_pdbx.dic 
# 
loop_
_database_2.database_id 
_database_2.database_code 
_database_2.pdbx_database_accession 
_database_2.pdbx_DOI 
PDB   1F27         pdb_00001f27 10.2210/pdb1f27/pdb 
NDB   DR0005       ?            ?                   
RCSB  RCSB011153   ?            ?                   
WWPDB D_1000011153 ?            ?                   
# 
loop_
_pdbx_audit_revision_history.ordinal 
_pdbx_audit_revision_history.data_content_type 
_pdbx_audit_revision_history.major_revision 
_pdbx_audit_revision_history.minor_revision 
_pdbx_audit_revision_history.revision_date 
1 'Structure model' 1 0 2000-06-12 
2 'Structure model' 1 1 2008-04-27 
3 'Structure model' 1 2 2011-07-13 
4 'Structure model' 1 3 2024-02-07 
# 
_pdbx_audit_revision_details.ordinal             1 
_pdbx_audit_revision_details.revision_ordinal    1 
_pdbx_audit_revision_details.data_content_type   'Structure model' 
_pdbx_audit_revision_details.provider            repository 
_pdbx_audit_revision_details.type                'Initial release' 
_pdbx_audit_revision_details.description         ? 
_pdbx_audit_revision_details.details             ? 
# 
loop_
_pdbx_audit_revision_group.ordinal 
_pdbx_audit_revision_group.revision_ordinal 
_pdbx_audit_revision_group.data_content_type 
_pdbx_audit_revision_group.group 
1 2 'Structure model' 'Version format compliance' 
2 3 'Structure model' 'Version format compliance' 
3 4 'Structure model' 'Data collection'           
4 4 'Structure model' 'Database references'       
5 4 'Structure model' 'Derived calculations'      
# 
loop_
_pdbx_audit_revision_category.ordinal 
_pdbx_audit_revision_category.revision_ordinal 
_pdbx_audit_revision_category.data_content_type 
_pdbx_audit_revision_category.category 
1 4 'Structure model' chem_comp_atom         
2 4 'Structure model' chem_comp_bond         
3 4 'Structure model' database_2             
4 4 'Structure model' pdbx_struct_conn_angle 
5 4 'Structure model' struct_conn            
6 4 'Structure model' struct_site            
# 
loop_
_pdbx_audit_revision_item.ordinal 
_pdbx_audit_revision_item.revision_ordinal 
_pdbx_audit_revision_item.data_content_type 
_pdbx_audit_revision_item.item 
1  4 'Structure model' '_database_2.pdbx_DOI'                        
2  4 'Structure model' '_database_2.pdbx_database_accession'         
3  4 'Structure model' '_pdbx_struct_conn_angle.ptnr1_auth_asym_id'  
4  4 'Structure model' '_pdbx_struct_conn_angle.ptnr1_auth_comp_id'  
5  4 'Structure model' '_pdbx_struct_conn_angle.ptnr1_auth_seq_id'   
6  4 'Structure model' '_pdbx_struct_conn_angle.ptnr1_label_asym_id' 
7  4 'Structure model' '_pdbx_struct_conn_angle.ptnr1_label_atom_id' 
8  4 'Structure model' '_pdbx_struct_conn_angle.ptnr1_label_comp_id' 
9  4 'Structure model' '_pdbx_struct_conn_angle.ptnr1_label_seq_id'  
10 4 'Structure model' '_pdbx_struct_conn_angle.ptnr1_symmetry'      
11 4 'Structure model' '_pdbx_struct_conn_angle.ptnr2_auth_asym_id'  
12 4 'Structure model' '_pdbx_struct_conn_angle.ptnr2_auth_seq_id'   
13 4 'Structure model' '_pdbx_struct_conn_angle.ptnr2_label_asym_id' 
14 4 'Structure model' '_pdbx_struct_conn_angle.ptnr3_auth_asym_id'  
15 4 'Structure model' '_pdbx_struct_conn_angle.ptnr3_auth_comp_id'  
16 4 'Structure model' '_pdbx_struct_conn_angle.ptnr3_auth_seq_id'   
17 4 'Structure model' '_pdbx_struct_conn_angle.ptnr3_label_asym_id' 
18 4 'Structure model' '_pdbx_struct_conn_angle.ptnr3_label_atom_id' 
19 4 'Structure model' '_pdbx_struct_conn_angle.ptnr3_label_comp_id' 
20 4 'Structure model' '_pdbx_struct_conn_angle.ptnr3_label_seq_id'  
21 4 'Structure model' '_pdbx_struct_conn_angle.ptnr3_symmetry'      
22 4 'Structure model' '_pdbx_struct_conn_angle.value'               
23 4 'Structure model' '_struct_conn.pdbx_dist_value'                
24 4 'Structure model' '_struct_conn.ptnr1_auth_asym_id'             
25 4 'Structure model' '_struct_conn.ptnr1_auth_comp_id'             
26 4 'Structure model' '_struct_conn.ptnr1_auth_seq_id'              
27 4 'Structure model' '_struct_conn.ptnr1_label_asym_id'            
28 4 'Structure model' '_struct_conn.ptnr1_label_atom_id'            
29 4 'Structure model' '_struct_conn.ptnr1_label_comp_id'            
30 4 'Structure model' '_struct_conn.ptnr1_label_seq_id'             
31 4 'Structure model' '_struct_conn.ptnr2_auth_asym_id'             
32 4 'Structure model' '_struct_conn.ptnr2_auth_comp_id'             
33 4 'Structure model' '_struct_conn.ptnr2_auth_seq_id'              
34 4 'Structure model' '_struct_conn.ptnr2_label_asym_id'            
35 4 'Structure model' '_struct_conn.ptnr2_label_atom_id'            
36 4 'Structure model' '_struct_conn.ptnr2_label_comp_id'            
37 4 'Structure model' '_struct_conn.ptnr2_label_seq_id'             
38 4 'Structure model' '_struct_conn.ptnr2_symmetry'                 
39 4 'Structure model' '_struct_site.pdbx_auth_asym_id'              
40 4 'Structure model' '_struct_site.pdbx_auth_comp_id'              
41 4 'Structure model' '_struct_site.pdbx_auth_seq_id'               
# 
_pdbx_database_status.status_code                     REL 
_pdbx_database_status.entry_id                        1F27 
_pdbx_database_status.recvd_initial_deposition_date   2000-05-23 
_pdbx_database_status.deposit_site                    RCSB 
_pdbx_database_status.process_site                    RCSB 
_pdbx_database_status.SG_entry                        . 
_pdbx_database_status.pdb_format_compatible           Y 
_pdbx_database_status.status_code_mr                  ? 
_pdbx_database_status.status_code_sf                  ? 
_pdbx_database_status.status_code_cs                  ? 
_pdbx_database_status.status_code_nmr_data            ? 
_pdbx_database_status.methods_development_category    ? 
# 
loop_
_audit_author.name 
_audit_author.pdbx_ordinal 
'Nix, J.'     1 
'Sussman, D.' 2 
'Wilson, C.'  3 
# 
_citation.id                        primary 
_citation.title                     
'The 1.3 A crystal structure of a biotin-binding pseudoknot and the basis for RNA molecular recognition.' 
_citation.journal_abbrev            J.Mol.Biol. 
_citation.journal_volume            296 
_citation.page_first                1235 
_citation.page_last                 1244 
_citation.year                      2000 
_citation.journal_id_ASTM           JMOBAK 
_citation.country                   UK 
_citation.journal_id_ISSN           0022-2836 
_citation.journal_id_CSD            0070 
_citation.book_publisher            ? 
_citation.pdbx_database_id_PubMed   10698630 
_citation.pdbx_database_id_DOI      10.1006/jmbi.2000.3539 
# 
loop_
_citation_author.citation_id 
_citation_author.name 
_citation_author.ordinal 
_citation_author.identifier_ORCID 
primary 'Nix, J.'     1 ? 
primary 'Sussman, D.' 2 ? 
primary 'Wilson, C.'  3 ? 
# 
loop_
_entity.id 
_entity.type 
_entity.src_method 
_entity.pdbx_description 
_entity.formula_weight 
_entity.pdbx_number_of_molecules 
_entity.pdbx_ec 
_entity.pdbx_mutation 
_entity.pdbx_fragment 
_entity.details 
1 polymer     syn 
;RNA (5'-R(*AP*CP*CP*GP*UP*CP*AP*GP*AP*GP*GP*AP*CP*AP*CP*GP*GP*UP*U)-3')
;
6116.713 1   ? ? ? 'RNA BIOTIN-BINDING APTAMER' 
2 polymer     syn 
;RNA (5'-R(*AP*AP*AP*AP*AP*GP*UP*CP*CP*UP*C)-3')
;
3474.154 1   ? ? ? 'RNA BIOTIN-BINDING APTAMER' 
3 non-polymer syn 'MAGNESIUM ION'                                                           24.305   6   ? ? ? ? 
4 non-polymer syn BIOTIN                                                                    244.311  1   ? ? ? ? 
5 water       nat water                                                                     18.015   184 ? ? ? ? 
# 
loop_
_entity_poly.entity_id 
_entity_poly.type 
_entity_poly.nstd_linkage 
_entity_poly.nstd_monomer 
_entity_poly.pdbx_seq_one_letter_code 
_entity_poly.pdbx_seq_one_letter_code_can 
_entity_poly.pdbx_strand_id 
_entity_poly.pdbx_target_identifier 
1 polyribonucleotide no no ACCGUCAGAGGACACGGUU ACCGUCAGAGGACACGGUU A ? 
2 polyribonucleotide no no AAAAAGUCCUC         AAAAAGUCCUC         B ? 
# 
loop_
_pdbx_entity_nonpoly.entity_id 
_pdbx_entity_nonpoly.name 
_pdbx_entity_nonpoly.comp_id 
3 'MAGNESIUM ION' MG  
4 BIOTIN          BTN 
5 water           HOH 
# 
loop_
_entity_poly_seq.entity_id 
_entity_poly_seq.num 
_entity_poly_seq.mon_id 
_entity_poly_seq.hetero 
1 1  A n 
1 2  C n 
1 3  C n 
1 4  G n 
1 5  U n 
1 6  C n 
1 7  A n 
1 8  G n 
1 9  A n 
1 10 G n 
1 11 G n 
1 12 A n 
1 13 C n 
1 14 A n 
1 15 C n 
1 16 G n 
1 17 G n 
1 18 U n 
1 19 U n 
2 1  A n 
2 2  A n 
2 3  A n 
2 4  A n 
2 5  A n 
2 6  G n 
2 7  U n 
2 8  C n 
2 9  C n 
2 10 U n 
2 11 C n 
# 
_pdbx_entity_src_syn.entity_id              1 
_pdbx_entity_src_syn.pdbx_src_id            1 
_pdbx_entity_src_syn.pdbx_alt_source_flag   sample 
_pdbx_entity_src_syn.pdbx_beg_seq_num       ? 
_pdbx_entity_src_syn.pdbx_end_seq_num       ? 
_pdbx_entity_src_syn.organism_scientific    ? 
_pdbx_entity_src_syn.organism_common_name   ? 
_pdbx_entity_src_syn.ncbi_taxonomy_id       ? 
_pdbx_entity_src_syn.details                'SEQUENCE FROM IN VITRO SELECTION EXPERIMENT' 
# 
loop_
_chem_comp.id 
_chem_comp.type 
_chem_comp.mon_nstd_flag 
_chem_comp.name 
_chem_comp.pdbx_synonyms 
_chem_comp.formula 
_chem_comp.formula_weight 
A   'RNA linking' y "ADENOSINE-5'-MONOPHOSPHATE" ? 'C10 H14 N5 O7 P' 347.221 
BTN non-polymer   . BIOTIN                       ? 'C10 H16 N2 O3 S' 244.311 
C   'RNA linking' y "CYTIDINE-5'-MONOPHOSPHATE"  ? 'C9 H14 N3 O8 P'  323.197 
G   'RNA linking' y "GUANOSINE-5'-MONOPHOSPHATE" ? 'C10 H14 N5 O8 P' 363.221 
HOH non-polymer   . WATER                        ? 'H2 O'            18.015  
MG  non-polymer   . 'MAGNESIUM ION'              ? 'Mg 2'            24.305  
U   'RNA linking' y "URIDINE-5'-MONOPHOSPHATE"   ? 'C9 H13 N2 O9 P'  324.181 
# 
loop_
_pdbx_poly_seq_scheme.asym_id 
_pdbx_poly_seq_scheme.entity_id 
_pdbx_poly_seq_scheme.seq_id 
_pdbx_poly_seq_scheme.mon_id 
_pdbx_poly_seq_scheme.ndb_seq_num 
_pdbx_poly_seq_scheme.pdb_seq_num 
_pdbx_poly_seq_scheme.auth_seq_num 
_pdbx_poly_seq_scheme.pdb_mon_id 
_pdbx_poly_seq_scheme.auth_mon_id 
_pdbx_poly_seq_scheme.pdb_strand_id 
_pdbx_poly_seq_scheme.pdb_ins_code 
_pdbx_poly_seq_scheme.hetero 
A 1 1  A 1  3  3  A A A . n 
A 1 2  C 2  4  4  C C A . n 
A 1 3  C 3  5  5  C C A . n 
A 1 4  G 4  6  6  G G A . n 
A 1 5  U 5  7  7  U U A . n 
A 1 6  C 6  8  8  C C A . n 
A 1 7  A 7  9  9  A A A . n 
A 1 8  G 8  10 10 G G A . n 
A 1 9  A 9  11 11 A A A . n 
A 1 10 G 10 12 12 G G A . n 
A 1 11 G 11 13 13 G G A . n 
A 1 12 A 12 14 14 A A A . n 
A 1 13 C 13 15 15 C C A . n 
A 1 14 A 14 16 16 A A A . n 
A 1 15 C 15 17 17 C C A . n 
A 1 16 G 16 18 18 G G A . n 
A 1 17 G 17 19 19 G G A . n 
A 1 18 U 18 20 20 U U A . n 
A 1 19 U 19 21 21 U U A . n 
B 2 1  A 1  22 22 A A B . n 
B 2 2  A 2  23 23 A A B . n 
B 2 3  A 3  24 24 A A B . n 
B 2 4  A 4  25 25 A A B . n 
B 2 5  A 5  26 26 A A B . n 
B 2 6  G 6  27 27 G G B . n 
B 2 7  U 7  28 28 U U B . n 
B 2 8  C 8  29 29 C C B . n 
B 2 9  C 9  30 30 C C B . n 
B 2 10 U 10 31 31 U U B . n 
B 2 11 C 11 32 32 C C B . n 
# 
loop_
_pdbx_nonpoly_scheme.asym_id 
_pdbx_nonpoly_scheme.entity_id 
_pdbx_nonpoly_scheme.mon_id 
_pdbx_nonpoly_scheme.ndb_seq_num 
_pdbx_nonpoly_scheme.pdb_seq_num 
_pdbx_nonpoly_scheme.auth_seq_num 
_pdbx_nonpoly_scheme.pdb_mon_id 
_pdbx_nonpoly_scheme.auth_mon_id 
_pdbx_nonpoly_scheme.pdb_strand_id 
_pdbx_nonpoly_scheme.pdb_ins_code 
C 3 MG  1   34  34  MG  MG  A . 
D 3 MG  1   35  35  MG  MG  A . 
E 3 MG  1   36  36  MG  MG  A . 
F 3 MG  1   37  37  MG  MG  A . 
G 3 MG  1   39  39  MG  MG  A . 
H 4 BTN 1   33  33  BTN BTN A . 
I 3 MG  1   38  38  MG  MG  B . 
J 5 HOH 1   41  41  HOH HOH A . 
J 5 HOH 2   42  42  HOH HOH A . 
J 5 HOH 3   43  43  HOH HOH A . 
J 5 HOH 4   44  44  HOH HOH A . 
J 5 HOH 5   45  45  HOH HOH A . 
J 5 HOH 6   48  48  HOH HOH A . 
J 5 HOH 7   49  49  HOH HOH A . 
J 5 HOH 8   50  50  HOH HOH A . 
J 5 HOH 9   51  51  HOH HOH A . 
J 5 HOH 10  52  52  HOH HOH A . 
J 5 HOH 11  54  54  HOH HOH A . 
J 5 HOH 12  55  55  HOH HOH A . 
J 5 HOH 13  57  57  HOH HOH A . 
J 5 HOH 14  58  58  HOH HOH A . 
J 5 HOH 15  61  61  HOH HOH A . 
J 5 HOH 16  62  62  HOH HOH A . 
J 5 HOH 17  63  63  HOH HOH A . 
J 5 HOH 18  64  64  HOH HOH A . 
J 5 HOH 19  65  65  HOH HOH A . 
J 5 HOH 20  66  66  HOH HOH A . 
J 5 HOH 21  67  67  HOH HOH A . 
J 5 HOH 22  69  69  HOH HOH A . 
J 5 HOH 23  71  71  HOH HOH A . 
J 5 HOH 24  73  73  HOH HOH A . 
J 5 HOH 25  78  78  HOH HOH A . 
J 5 HOH 26  79  79  HOH HOH A . 
J 5 HOH 27  83  83  HOH HOH A . 
J 5 HOH 28  86  86  HOH HOH A . 
J 5 HOH 29  87  87  HOH HOH A . 
J 5 HOH 30  88  88  HOH HOH A . 
J 5 HOH 31  90  90  HOH HOH A . 
J 5 HOH 32  91  91  HOH HOH A . 
J 5 HOH 33  93  93  HOH HOH A . 
J 5 HOH 34  94  94  HOH HOH A . 
J 5 HOH 35  95  95  HOH HOH A . 
J 5 HOH 36  96  96  HOH HOH A . 
J 5 HOH 37  97  97  HOH HOH A . 
J 5 HOH 38  101 101 HOH HOH A . 
J 5 HOH 39  102 102 HOH HOH A . 
J 5 HOH 40  103 103 HOH HOH A . 
J 5 HOH 41  105 105 HOH HOH A . 
J 5 HOH 42  106 106 HOH HOH A . 
J 5 HOH 43  107 107 HOH HOH A . 
J 5 HOH 44  108 108 HOH HOH A . 
J 5 HOH 45  109 109 HOH HOH A . 
J 5 HOH 46  113 113 HOH HOH A . 
J 5 HOH 47  114 114 HOH HOH A . 
J 5 HOH 48  115 115 HOH HOH A . 
J 5 HOH 49  117 117 HOH HOH A . 
J 5 HOH 50  119 119 HOH HOH A . 
J 5 HOH 51  123 123 HOH HOH A . 
J 5 HOH 52  126 126 HOH HOH A . 
J 5 HOH 53  127 127 HOH HOH A . 
J 5 HOH 54  128 128 HOH HOH A . 
J 5 HOH 55  129 129 HOH HOH A . 
J 5 HOH 56  131 131 HOH HOH A . 
J 5 HOH 57  134 134 HOH HOH A . 
J 5 HOH 58  136 136 HOH HOH A . 
J 5 HOH 59  137 137 HOH HOH A . 
J 5 HOH 60  139 139 HOH HOH A . 
J 5 HOH 61  140 140 HOH HOH A . 
J 5 HOH 62  141 141 HOH HOH A . 
J 5 HOH 63  143 143 HOH HOH A . 
J 5 HOH 64  144 144 HOH HOH A . 
J 5 HOH 65  146 146 HOH HOH A . 
J 5 HOH 66  148 148 HOH HOH A . 
J 5 HOH 67  149 149 HOH HOH A . 
J 5 HOH 68  150 150 HOH HOH A . 
J 5 HOH 69  155 155 HOH HOH A . 
J 5 HOH 70  156 156 HOH HOH A . 
J 5 HOH 71  159 159 HOH HOH A . 
J 5 HOH 72  160 160 HOH HOH A . 
J 5 HOH 73  162 162 HOH HOH A . 
J 5 HOH 74  163 163 HOH HOH A . 
J 5 HOH 75  164 164 HOH HOH A . 
J 5 HOH 76  165 165 HOH HOH A . 
J 5 HOH 77  166 166 HOH HOH A . 
J 5 HOH 78  167 167 HOH HOH A . 
J 5 HOH 79  168 168 HOH HOH A . 
J 5 HOH 80  169 169 HOH HOH A . 
J 5 HOH 81  170 170 HOH HOH A . 
J 5 HOH 82  171 171 HOH HOH A . 
J 5 HOH 83  172 172 HOH HOH A . 
J 5 HOH 84  173 173 HOH HOH A . 
J 5 HOH 85  174 174 HOH HOH A . 
J 5 HOH 86  176 176 HOH HOH A . 
J 5 HOH 87  180 180 HOH HOH A . 
J 5 HOH 88  181 181 HOH HOH A . 
J 5 HOH 89  182 182 HOH HOH A . 
J 5 HOH 90  183 183 HOH HOH A . 
J 5 HOH 91  184 184 HOH HOH A . 
J 5 HOH 92  185 185 HOH HOH A . 
J 5 HOH 93  186 186 HOH HOH A . 
J 5 HOH 94  188 188 HOH HOH A . 
J 5 HOH 95  190 190 HOH HOH A . 
J 5 HOH 96  191 191 HOH HOH A . 
J 5 HOH 97  193 193 HOH HOH A . 
J 5 HOH 98  195 195 HOH HOH A . 
J 5 HOH 99  196 196 HOH HOH A . 
J 5 HOH 100 197 197 HOH HOH A . 
J 5 HOH 101 198 198 HOH HOH A . 
J 5 HOH 102 199 199 HOH HOH A . 
J 5 HOH 103 200 200 HOH HOH A . 
J 5 HOH 104 201 201 HOH HOH A . 
J 5 HOH 105 202 202 HOH HOH A . 
J 5 HOH 106 203 203 HOH HOH A . 
J 5 HOH 107 204 204 HOH HOH A . 
J 5 HOH 108 205 205 HOH HOH A . 
J 5 HOH 109 206 206 HOH HOH A . 
J 5 HOH 110 207 207 HOH HOH A . 
J 5 HOH 111 210 210 HOH HOH A . 
J 5 HOH 112 211 211 HOH HOH A . 
J 5 HOH 113 212 212 HOH HOH A . 
J 5 HOH 114 217 217 HOH HOH A . 
J 5 HOH 115 219 219 HOH HOH A . 
J 5 HOH 116 221 221 HOH HOH A . 
J 5 HOH 117 223 223 HOH HOH A . 
K 5 HOH 1   40  40  HOH HOH B . 
K 5 HOH 2   46  46  HOH HOH B . 
K 5 HOH 3   47  47  HOH HOH B . 
K 5 HOH 4   53  53  HOH HOH B . 
K 5 HOH 5   56  56  HOH HOH B . 
K 5 HOH 6   59  59  HOH HOH B . 
K 5 HOH 7   60  60  HOH HOH B . 
K 5 HOH 8   68  68  HOH HOH B . 
K 5 HOH 9   70  70  HOH HOH B . 
K 5 HOH 10  72  72  HOH HOH B . 
K 5 HOH 11  74  74  HOH HOH B . 
K 5 HOH 12  75  75  HOH HOH B . 
K 5 HOH 13  76  76  HOH HOH B . 
K 5 HOH 14  77  77  HOH HOH B . 
K 5 HOH 15  80  80  HOH HOH B . 
K 5 HOH 16  81  81  HOH HOH B . 
K 5 HOH 17  82  82  HOH HOH B . 
K 5 HOH 18  84  84  HOH HOH B . 
K 5 HOH 19  85  85  HOH HOH B . 
K 5 HOH 20  89  89  HOH HOH B . 
K 5 HOH 21  92  92  HOH HOH B . 
K 5 HOH 22  98  98  HOH HOH B . 
K 5 HOH 23  99  99  HOH HOH B . 
K 5 HOH 24  100 100 HOH HOH B . 
K 5 HOH 25  104 104 HOH HOH B . 
K 5 HOH 26  110 110 HOH HOH B . 
K 5 HOH 27  111 111 HOH HOH B . 
K 5 HOH 28  112 112 HOH HOH B . 
K 5 HOH 29  116 116 HOH HOH B . 
K 5 HOH 30  118 118 HOH HOH B . 
K 5 HOH 31  120 120 HOH HOH B . 
K 5 HOH 32  121 121 HOH HOH B . 
K 5 HOH 33  122 122 HOH HOH B . 
K 5 HOH 34  124 124 HOH HOH B . 
K 5 HOH 35  125 125 HOH HOH B . 
K 5 HOH 36  130 130 HOH HOH B . 
K 5 HOH 37  132 132 HOH HOH B . 
K 5 HOH 38  133 133 HOH HOH B . 
K 5 HOH 39  135 135 HOH HOH B . 
K 5 HOH 40  138 138 HOH HOH B . 
K 5 HOH 41  142 142 HOH HOH B . 
K 5 HOH 42  145 145 HOH HOH B . 
K 5 HOH 43  147 147 HOH HOH B . 
K 5 HOH 44  151 151 HOH HOH B . 
K 5 HOH 45  152 152 HOH HOH B . 
K 5 HOH 46  153 153 HOH HOH B . 
K 5 HOH 47  154 154 HOH HOH B . 
K 5 HOH 48  157 157 HOH HOH B . 
K 5 HOH 49  158 158 HOH HOH B . 
K 5 HOH 50  161 161 HOH HOH B . 
K 5 HOH 51  175 175 HOH HOH B . 
K 5 HOH 52  177 177 HOH HOH B . 
K 5 HOH 53  178 178 HOH HOH B . 
K 5 HOH 54  179 179 HOH HOH B . 
K 5 HOH 55  187 187 HOH HOH B . 
K 5 HOH 56  189 189 HOH HOH B . 
K 5 HOH 57  192 192 HOH HOH B . 
K 5 HOH 58  194 194 HOH HOH B . 
K 5 HOH 59  208 208 HOH HOH B . 
K 5 HOH 60  209 209 HOH HOH B . 
K 5 HOH 61  213 213 HOH HOH B . 
K 5 HOH 62  214 214 HOH HOH B . 
K 5 HOH 63  215 215 HOH HOH B . 
K 5 HOH 64  216 216 HOH HOH B . 
K 5 HOH 65  218 218 HOH HOH B . 
K 5 HOH 66  220 220 HOH HOH B . 
K 5 HOH 67  222 222 HOH HOH B . 
# 
_pdbx_unobs_or_zero_occ_atoms.id               1 
_pdbx_unobs_or_zero_occ_atoms.PDB_model_num    1 
_pdbx_unobs_or_zero_occ_atoms.polymer_flag     Y 
_pdbx_unobs_or_zero_occ_atoms.occupancy_flag   1 
_pdbx_unobs_or_zero_occ_atoms.auth_asym_id     A 
_pdbx_unobs_or_zero_occ_atoms.auth_comp_id     A 
_pdbx_unobs_or_zero_occ_atoms.auth_seq_id      3 
_pdbx_unobs_or_zero_occ_atoms.PDB_ins_code     ? 
_pdbx_unobs_or_zero_occ_atoms.auth_atom_id     "O5'" 
_pdbx_unobs_or_zero_occ_atoms.label_alt_id     ? 
_pdbx_unobs_or_zero_occ_atoms.label_asym_id    A 
_pdbx_unobs_or_zero_occ_atoms.label_comp_id    A 
_pdbx_unobs_or_zero_occ_atoms.label_seq_id     1 
_pdbx_unobs_or_zero_occ_atoms.label_atom_id    "O5'" 
# 
loop_
_software.name 
_software.classification 
_software.version 
_software.citation_id 
_software.pdbx_ordinal 
SHARP     phasing          . ? 1 
CNS       refinement       . ? 2 
DENZO     'data reduction' . ? 3 
SCALEPACK 'data scaling'   . ? 4 
# 
_cell.entry_id           1F27 
_cell.length_a           47.59 
_cell.length_b           30.96 
_cell.length_c           62.11 
_cell.angle_alpha        90 
_cell.angle_beta         111.88 
_cell.angle_gamma        90 
_cell.Z_PDB              4 
_cell.pdbx_unique_axis   ? 
# 
_symmetry.entry_id                         1F27 
_symmetry.space_group_name_H-M             'C 1 2 1' 
_symmetry.pdbx_full_space_group_name_H-M   ? 
_symmetry.cell_setting                     monoclinic 
_symmetry.Int_Tables_number                5 
# 
_exptl.entry_id          1F27 
_exptl.method            'X-RAY DIFFRACTION' 
_exptl.crystals_number   2 
# 
_exptl_crystal.id                    1 
_exptl_crystal.density_meas          ? 
_exptl_crystal.density_percent_sol   44.43 
_exptl_crystal.density_Matthews      2.21 
_exptl_crystal.description           ? 
# 
_exptl_crystal_grow.crystal_id      1 
_exptl_crystal_grow.method          'VAPOR DIFFUSION, HANGING DROP' 
_exptl_crystal_grow.temp            301 
_exptl_crystal_grow.temp_details    ? 
_exptl_crystal_grow.pH              7.4 
_exptl_crystal_grow.pdbx_details    
'MPD, POTASIUM HEPES, MGCL2, KCL, BIOTIN, SPERMINE, pH 7.4, VAPOR DIFFUSION, HANGING DROP, temperature 301K' 
_exptl_crystal_grow.pdbx_pH_range   ? 
# 
loop_
_exptl_crystal_grow_comp.crystal_id 
_exptl_crystal_grow_comp.id 
_exptl_crystal_grow_comp.sol_id 
_exptl_crystal_grow_comp.name 
_exptl_crystal_grow_comp.volume 
_exptl_crystal_grow_comp.conc 
_exptl_crystal_grow_comp.details 
1 1 1 'POTASIUM HEPES' ? ? ? 
1 2 1 MGCL2            ? ? ? 
1 3 1 KCL              ? ? ? 
1 4 1 BIOTIN           ? ? ? 
1 5 1 SPERMINE         ? ? ? 
1 6 1 MPD              ? ? ? 
1 7 2 MPD              ? ? ? 
# 
loop_
_diffrn.id 
_diffrn.ambient_temp 
_diffrn.ambient_temp_details 
_diffrn.crystal_id 
1 100 ? 1 
2 ?   ? 1 
# 
loop_
_diffrn_detector.diffrn_id 
_diffrn_detector.detector 
_diffrn_detector.type 
_diffrn_detector.pdbx_collection_date 
_diffrn_detector.details 
1 CCD 'ADSC QUANTUM 4' 1998-09-20 ? 
2 CCD 'ADSC QUANTUM 4' 1999-03-21 ? 
# 
loop_
_diffrn_radiation.diffrn_id 
_diffrn_radiation.wavelength_id 
_diffrn_radiation.pdbx_monochromatic_or_laue_m_l 
_diffrn_radiation.monochromator 
_diffrn_radiation.pdbx_diffrn_protocol 
_diffrn_radiation.pdbx_scattering_type 
1 1 M ? 'SINGLE WAVELENGTH' x-ray 
2 2 M ? 'SINGLE WAVELENGTH' x-ray 
# 
loop_
_diffrn_radiation_wavelength.id 
_diffrn_radiation_wavelength.wavelength 
_diffrn_radiation_wavelength.wt 
1 0.97186 1.0 
2 0.97954 1.0 
3 0.97969 1.0 
4 0.98743 1.0 
5 0.9650  1.0 
# 
loop_
_diffrn_source.diffrn_id 
_diffrn_source.source 
_diffrn_source.type 
_diffrn_source.pdbx_synchrotron_site 
_diffrn_source.pdbx_synchrotron_beamline 
_diffrn_source.pdbx_wavelength 
_diffrn_source.pdbx_wavelength_list 
1 SYNCHROTRON 'ALS BEAMLINE 5.0.2' ALS 5.0.2 ?      '0.97186, 0.97954, 0.97969, 0.98743' 
2 SYNCHROTRON 'ALS BEAMLINE 5.0.2' ALS 5.0.2 0.9650 ?                                    
# 
_reflns.entry_id                     1F27 
_reflns.observed_criterion_sigma_I   1.0 
_reflns.observed_criterion_sigma_F   2.0 
_reflns.d_resolution_low             18.00 
_reflns.d_resolution_high            1.30 
_reflns.number_obs                   ? 
_reflns.number_all                   20852 
_reflns.percent_possible_obs         92 
_reflns.pdbx_Rmerge_I_obs            0.0480000 
_reflns.pdbx_Rsym_value              ? 
_reflns.pdbx_netI_over_sigmaI        9.00 
_reflns.B_iso_Wilson_estimate        12.2 
_reflns.pdbx_redundancy              6.3 
_reflns.R_free_details               ? 
_reflns.pdbx_diffrn_id               1,2 
_reflns.pdbx_ordinal                 1 
# 
_reflns_shell.d_res_high             1.30 
_reflns_shell.d_res_low              1.38 
_reflns_shell.percent_possible_all   66.4 
_reflns_shell.Rmerge_I_obs           0.3800000 
_reflns_shell.pdbx_Rsym_value        ? 
_reflns_shell.meanI_over_sigI_obs    ? 
_reflns_shell.pdbx_redundancy        ? 
_reflns_shell.percent_possible_obs   ? 
_reflns_shell.number_unique_all      ? 
_reflns_shell.pdbx_diffrn_id         ? 
_reflns_shell.pdbx_ordinal           1 
# 
_refine.entry_id                                 1F27 
_refine.ls_number_reflns_obs                     20852 
_refine.ls_number_reflns_all                     ? 
_refine.pdbx_ls_sigma_I                          1.0 
_refine.pdbx_ls_sigma_F                          2.0 
_refine.pdbx_data_cutoff_high_absF               ? 
_refine.pdbx_data_cutoff_low_absF                ? 
_refine.pdbx_data_cutoff_high_rms_absF           ? 
_refine.ls_d_res_low                             17.18 
_refine.ls_d_res_high                            1.30 
_refine.ls_percent_reflns_obs                    91.7 
_refine.ls_R_factor_obs                          0.1990000 
_refine.ls_R_factor_all                          ? 
_refine.ls_R_factor_R_work                       0.1990000 
_refine.ls_R_factor_R_free                       0.2380000 
_refine.ls_R_factor_R_free_error                 ? 
_refine.ls_R_factor_R_free_error_details         ? 
_refine.ls_percent_reflns_R_free                 8.6 
_refine.ls_number_reflns_R_free                  1797 
_refine.ls_number_parameters                     ? 
_refine.ls_number_restraints                     ? 
_refine.occupancy_min                            ? 
_refine.occupancy_max                            ? 
_refine.B_iso_mean                               ? 
_refine.aniso_B[1][1]                            ? 
_refine.aniso_B[2][2]                            ? 
_refine.aniso_B[3][3]                            ? 
_refine.aniso_B[1][2]                            ? 
_refine.aniso_B[1][3]                            ? 
_refine.aniso_B[2][3]                            ? 
_refine.solvent_model_details                    ? 
_refine.solvent_model_param_ksol                 ? 
_refine.solvent_model_param_bsol                 ? 
_refine.pdbx_ls_cross_valid_method               THROUGHOUT 
_refine.details                                  ? 
_refine.pdbx_starting_model                      ? 
_refine.pdbx_method_to_determine_struct          ? 
_refine.pdbx_isotropic_thermal_model             ? 
_refine.pdbx_stereochemistry_target_values       ? 
_refine.pdbx_stereochem_target_val_spec_case     ? 
_refine.pdbx_R_Free_selection_details            RANDOM 
_refine.pdbx_overall_ESU_R                       ? 
_refine.pdbx_overall_ESU_R_Free                  ? 
_refine.overall_SU_ML                            ? 
_refine.overall_SU_B                             ? 
_refine.ls_redundancy_reflns_obs                 ? 
_refine.correlation_coeff_Fo_to_Fc               ? 
_refine.correlation_coeff_Fo_to_Fc_free          ? 
_refine.overall_SU_R_Cruickshank_DPI             ? 
_refine.overall_SU_R_free                        ? 
_refine.pdbx_refine_id                           'X-RAY DIFFRACTION' 
_refine.pdbx_diffrn_id                           1 
_refine.pdbx_TLS_residual_ADP_flag               ? 
_refine.pdbx_solvent_vdw_probe_radii             ? 
_refine.pdbx_solvent_ion_probe_radii             ? 
_refine.pdbx_solvent_shrinkage_radii             ? 
_refine.pdbx_overall_phase_error                 ? 
_refine.pdbx_overall_SU_R_free_Cruickshank_DPI   ? 
_refine.pdbx_overall_SU_R_Blow_DPI               ? 
_refine.pdbx_overall_SU_R_free_Blow_DPI          ? 
# 
_refine_hist.pdbx_refine_id                   'X-RAY DIFFRACTION' 
_refine_hist.cycle_id                         LAST 
_refine_hist.pdbx_number_atoms_protein        0 
_refine_hist.pdbx_number_atoms_nucleic_acid   634 
_refine_hist.pdbx_number_atoms_ligand         22 
_refine_hist.number_atoms_solvent             184 
_refine_hist.number_atoms_total               840 
_refine_hist.d_res_high                       1.30 
_refine_hist.d_res_low                        17.18 
# 
_struct.entry_id                  1F27 
_struct.title                     'CRYSTAL STRUCTURE OF A BIOTIN-BINDING RNA PSEUDOKNOT' 
_struct.pdbx_model_details        ? 
_struct.pdbx_CASP_flag            ? 
_struct.pdbx_model_type_details   ? 
# 
_struct_keywords.entry_id        1F27 
_struct_keywords.pdbx_keywords   RNA 
_struct_keywords.text            'RNA APTAMER, PSEUDOKNOT, BIOTIN-BINDING RNA, RNA' 
# 
loop_
_struct_asym.id 
_struct_asym.pdbx_blank_PDB_chainid_flag 
_struct_asym.pdbx_modified 
_struct_asym.entity_id 
_struct_asym.details 
A N N 1 ? 
B N N 2 ? 
C N N 3 ? 
D N N 3 ? 
E N N 3 ? 
F N N 3 ? 
G N N 3 ? 
H N N 4 ? 
I N N 3 ? 
J N N 5 ? 
K N N 5 ? 
# 
loop_
_struct_ref.id 
_struct_ref.entity_id 
_struct_ref.db_name 
_struct_ref.db_code 
_struct_ref.pdbx_db_accession 
_struct_ref.pdbx_db_isoform 
_struct_ref.pdbx_seq_one_letter_code 
_struct_ref.pdbx_align_begin 
1 1 PDB 1F27 1F27 ? ? ? 
2 2 PDB 1F27 1F27 ? ? ? 
# 
loop_
_struct_ref_seq.align_id 
_struct_ref_seq.ref_id 
_struct_ref_seq.pdbx_PDB_id_code 
_struct_ref_seq.pdbx_strand_id 
_struct_ref_seq.seq_align_beg 
_struct_ref_seq.pdbx_seq_align_beg_ins_code 
_struct_ref_seq.seq_align_end 
_struct_ref_seq.pdbx_seq_align_end_ins_code 
_struct_ref_seq.pdbx_db_accession 
_struct_ref_seq.db_align_beg 
_struct_ref_seq.pdbx_db_align_beg_ins_code 
_struct_ref_seq.db_align_end 
_struct_ref_seq.pdbx_db_align_end_ins_code 
_struct_ref_seq.pdbx_auth_seq_align_beg 
_struct_ref_seq.pdbx_auth_seq_align_end 
1 1 1F27 A 1 ? 19 ? 1F27 3  ? 21 ? 3  21 
2 2 1F27 B 1 ? 11 ? 1F27 22 ? 32 ? 22 32 
# 
_pdbx_struct_assembly.id                   1 
_pdbx_struct_assembly.details              author_defined_assembly 
_pdbx_struct_assembly.method_details       ? 
_pdbx_struct_assembly.oligomeric_details   dimeric 
_pdbx_struct_assembly.oligomeric_count     2 
# 
_pdbx_struct_assembly_gen.assembly_id       1 
_pdbx_struct_assembly_gen.oper_expression   1 
_pdbx_struct_assembly_gen.asym_id_list      A,B,C,D,E,F,G,H,I,J,K 
# 
_pdbx_struct_oper_list.id                   1 
_pdbx_struct_oper_list.type                 'identity operation' 
_pdbx_struct_oper_list.name                 1_555 
_pdbx_struct_oper_list.symmetry_operation   x,y,z 
_pdbx_struct_oper_list.matrix[1][1]         1.0000000000 
_pdbx_struct_oper_list.matrix[1][2]         0.0000000000 
_pdbx_struct_oper_list.matrix[1][3]         0.0000000000 
_pdbx_struct_oper_list.vector[1]            0.0000000000 
_pdbx_struct_oper_list.matrix[2][1]         0.0000000000 
_pdbx_struct_oper_list.matrix[2][2]         1.0000000000 
_pdbx_struct_oper_list.matrix[2][3]         0.0000000000 
_pdbx_struct_oper_list.vector[2]            0.0000000000 
_pdbx_struct_oper_list.matrix[3][1]         0.0000000000 
_pdbx_struct_oper_list.matrix[3][2]         0.0000000000 
_pdbx_struct_oper_list.matrix[3][3]         1.0000000000 
_pdbx_struct_oper_list.vector[3]            0.0000000000 
# 
_struct_biol.id                    1 
_struct_biol.pdbx_parent_biol_id   ? 
_struct_biol.details               ? 
# 
loop_
_struct_conn.id 
_struct_conn.conn_type_id 
_struct_conn.pdbx_leaving_atom_flag 
_struct_conn.pdbx_PDB_id 
_struct_conn.ptnr1_label_asym_id 
_struct_conn.ptnr1_label_comp_id 
_struct_conn.ptnr1_label_seq_id 
_struct_conn.ptnr1_label_atom_id 
_struct_conn.pdbx_ptnr1_label_alt_id 
_struct_conn.pdbx_ptnr1_PDB_ins_code 
_struct_conn.pdbx_ptnr1_standard_comp_id 
_struct_conn.ptnr1_symmetry 
_struct_conn.ptnr2_label_asym_id 
_struct_conn.ptnr2_label_comp_id 
_struct_conn.ptnr2_label_seq_id 
_struct_conn.ptnr2_label_atom_id 
_struct_conn.pdbx_ptnr2_label_alt_id 
_struct_conn.pdbx_ptnr2_PDB_ins_code 
_struct_conn.ptnr1_auth_asym_id 
_struct_conn.ptnr1_auth_comp_id 
_struct_conn.ptnr1_auth_seq_id 
_struct_conn.ptnr2_auth_asym_id 
_struct_conn.ptnr2_auth_comp_id 
_struct_conn.ptnr2_auth_seq_id 
_struct_conn.ptnr2_symmetry 
_struct_conn.pdbx_ptnr3_label_atom_id 
_struct_conn.pdbx_ptnr3_label_seq_id 
_struct_conn.pdbx_ptnr3_label_comp_id 
_struct_conn.pdbx_ptnr3_label_asym_id 
_struct_conn.pdbx_ptnr3_label_alt_id 
_struct_conn.pdbx_ptnr3_PDB_ins_code 
_struct_conn.details 
_struct_conn.pdbx_dist_value 
_struct_conn.pdbx_value_order 
_struct_conn.pdbx_role 
metalc1  metalc ? ? A U   5  O4  ? ? ? 1_555 D MG  .  MG ? ? A U   7   A MG  35  1_555 ? ? ? ? ? ? ?             2.311 ? ? 
metalc2  metalc ? ? A C   6  OP2 ? ? ? 1_555 F MG  .  MG ? ? A C   8   A MG  37  1_555 ? ? ? ? ? ? ?             1.917 ? ? 
metalc3  metalc ? ? A A   7  OP2 ? ? ? 1_555 E MG  .  MG ? ? A A   9   A MG  36  1_555 ? ? ? ? ? ? ?             2.008 ? ? 
metalc4  metalc ? ? H BTN .  O3  ? ? ? 1_555 I MG  .  MG ? ? A BTN 33  B MG  38  1_555 ? ? ? ? ? ? ?             2.061 ? ? 
metalc5  metalc ? ? C MG  .  MG  ? ? ? 1_555 G MG  .  MG ? ? A MG  34  A MG  39  2_655 ? ? ? ? ? ? ?             2.875 ? ? 
metalc6  metalc ? ? C MG  .  MG  ? ? ? 1_555 J HOH .  O  ? ? A MG  34  A HOH 43  1_555 ? ? ? ? ? ? ?             2.207 ? ? 
metalc7  metalc ? ? C MG  .  MG  ? ? ? 1_555 J HOH .  O  ? ? A MG  34  A HOH 163 1_555 ? ? ? ? ? ? ?             2.088 ? ? 
metalc8  metalc ? ? C MG  .  MG  ? ? ? 1_555 J HOH .  O  ? ? A MG  34  A HOH 169 2_655 ? ? ? ? ? ? ?             2.190 ? ? 
metalc9  metalc ? ? C MG  .  MG  ? ? ? 1_555 J HOH .  O  ? ? A MG  34  A HOH 171 1_555 ? ? ? ? ? ? ?             2.043 ? ? 
metalc10 metalc ? ? C MG  .  MG  ? ? ? 1_555 J HOH .  O  ? ? A MG  34  A HOH 199 1_555 ? ? ? ? ? ? ?             2.460 ? ? 
metalc11 metalc ? ? C MG  .  MG  ? ? ? 1_555 J HOH .  O  ? ? A MG  34  A HOH 200 1_555 ? ? ? ? ? ? ?             1.990 ? ? 
metalc12 metalc ? ? C MG  .  MG  ? ? ? 1_555 J HOH .  O  ? ? A MG  34  A HOH 201 1_555 ? ? ? ? ? ? ?             2.043 ? ? 
metalc13 metalc ? ? D MG  .  MG  ? ? ? 1_555 J HOH .  O  ? ? A MG  35  A HOH 162 1_555 ? ? ? ? ? ? ?             2.094 ? ? 
metalc14 metalc ? ? D MG  .  MG  ? ? ? 1_555 J HOH .  O  ? ? A MG  35  A HOH 164 1_555 ? ? ? ? ? ? ?             2.036 ? ? 
metalc15 metalc ? ? D MG  .  MG  ? ? ? 1_555 J HOH .  O  ? ? A MG  35  A HOH 173 1_555 ? ? ? ? ? ? ?             2.076 ? ? 
metalc16 metalc ? ? E MG  .  MG  ? ? ? 1_555 J HOH .  O  ? ? A MG  36  A HOH 65  1_555 ? ? ? ? ? ? ?             2.155 ? ? 
metalc17 metalc ? ? E MG  .  MG  ? ? ? 1_555 J HOH .  O  ? ? A MG  36  A HOH 165 1_555 ? ? ? ? ? ? ?             2.027 ? ? 
metalc18 metalc ? ? E MG  .  MG  ? ? ? 1_555 J HOH .  O  ? ? A MG  36  A HOH 166 1_555 ? ? ? ? ? ? ?             2.161 ? ? 
metalc19 metalc ? ? E MG  .  MG  ? ? ? 1_555 J HOH .  O  ? ? A MG  36  A HOH 167 1_555 ? ? ? ? ? ? ?             2.118 ? ? 
metalc20 metalc ? ? E MG  .  MG  ? ? ? 1_555 J HOH .  O  ? ? A MG  36  A HOH 168 1_555 ? ? ? ? ? ? ?             2.058 ? ? 
metalc21 metalc ? ? F MG  .  MG  ? ? ? 1_555 J HOH .  O  ? ? A MG  37  A HOH 105 1_555 ? ? ? ? ? ? ?             2.295 ? ? 
metalc22 metalc ? ? F MG  .  MG  ? ? ? 1_555 J HOH .  O  ? ? A MG  37  A HOH 170 1_555 ? ? ? ? ? ? ?             2.238 ? ? 
metalc23 metalc ? ? F MG  .  MG  ? ? ? 1_555 J HOH .  O  ? ? A MG  37  A HOH 172 1_555 ? ? ? ? ? ? ?             2.066 ? ? 
metalc24 metalc ? ? F MG  .  MG  ? ? ? 1_555 J HOH .  O  ? ? A MG  37  A HOH 202 1_555 ? ? ? ? ? ? ?             1.974 ? ? 
metalc25 metalc ? ? F MG  .  MG  ? ? ? 1_555 J HOH .  O  ? ? A MG  37  A HOH 203 1_555 ? ? ? ? ? ? ?             1.973 ? ? 
metalc26 metalc ? ? G MG  .  MG  ? ? ? 1_555 J HOH .  O  ? ? A MG  39  A HOH 43  2_655 ? ? ? ? ? ? ?             2.126 ? ? 
metalc27 metalc ? ? G MG  .  MG  ? ? ? 1_555 J HOH .  O  ? ? A MG  39  A HOH 169 1_555 ? ? ? ? ? ? ?             2.019 ? ? 
metalc28 metalc ? ? G MG  .  MG  ? ? ? 1_555 J HOH .  O  ? ? A MG  39  A HOH 171 2_655 ? ? ? ? ? ? ?             3.069 ? ? 
metalc29 metalc ? ? G MG  .  MG  ? ? ? 1_555 J HOH .  O  ? ? A MG  39  A HOH 197 1_555 ? ? ? ? ? ? ?             2.235 ? ? 
metalc30 metalc ? ? G MG  .  MG  ? ? ? 1_555 J HOH .  O  ? ? A MG  39  A HOH 197 2_655 ? ? ? ? ? ? ?             2.248 ? ? 
metalc31 metalc ? ? G MG  .  MG  ? ? ? 1_555 J HOH .  O  ? ? A MG  39  A HOH 198 1_555 ? ? ? ? ? ? ?             1.957 ? ? 
metalc32 metalc ? ? G MG  .  MG  ? ? ? 1_555 J HOH .  O  ? ? A MG  39  A HOH 198 2_655 ? ? ? ? ? ? ?             2.113 ? ? 
metalc33 metalc ? ? G MG  .  MG  ? ? ? 1_555 J HOH .  O  ? ? A MG  39  A HOH 199 2_655 ? ? ? ? ? ? ?             1.961 ? ? 
metalc34 metalc ? ? J HOH .  O   ? ? ? 1_555 I MG  .  MG ? ? A HOH 159 B MG  38  1_555 ? ? ? ? ? ? ?             2.098 ? ? 
metalc35 metalc ? ? J HOH .  O   ? ? ? 1_555 I MG  .  MG ? ? A HOH 160 B MG  38  1_555 ? ? ? ? ? ? ?             2.052 ? ? 
metalc36 metalc ? ? B A   4  OP2 ? ? ? 1_555 I MG  .  MG ? ? B A   25  B MG  38  1_555 ? ? ? ? ? ? ?             1.993 ? ? 
metalc37 metalc ? ? I MG  .  MG  ? ? ? 1_555 K HOH .  O  ? ? B MG  38  B HOH 158 1_555 ? ? ? ? ? ? ?             2.031 ? ? 
metalc38 metalc ? ? I MG  .  MG  ? ? ? 1_555 K HOH .  O  ? ? B MG  38  B HOH 161 1_555 ? ? ? ? ? ? ?             2.084 ? ? 
hydrog1  hydrog ? ? A A   1  N1  ? ? ? 1_555 A U   18 N3 ? ? A A   3   A U   20  1_555 ? ? ? ? ? ? WATSON-CRICK  ?     ? ? 
hydrog2  hydrog ? ? A A   1  N6  ? ? ? 1_555 A U   18 O4 ? ? A A   3   A U   20  1_555 ? ? ? ? ? ? WATSON-CRICK  ?     ? ? 
hydrog3  hydrog ? ? A C   2  N3  ? ? ? 1_555 A G   17 N1 ? ? A C   4   A G   19  1_555 ? ? ? ? ? ? WATSON-CRICK  ?     ? ? 
hydrog4  hydrog ? ? A C   2  N4  ? ? ? 1_555 A G   17 O6 ? ? A C   4   A G   19  1_555 ? ? ? ? ? ? WATSON-CRICK  ?     ? ? 
hydrog5  hydrog ? ? A C   2  O2  ? ? ? 1_555 A G   17 N2 ? ? A C   4   A G   19  1_555 ? ? ? ? ? ? WATSON-CRICK  ?     ? ? 
hydrog6  hydrog ? ? A C   3  N3  ? ? ? 1_555 A G   16 N1 ? ? A C   5   A G   18  1_555 ? ? ? ? ? ? WATSON-CRICK  ?     ? ? 
hydrog7  hydrog ? ? A C   3  N4  ? ? ? 1_555 A G   16 O6 ? ? A C   5   A G   18  1_555 ? ? ? ? ? ? WATSON-CRICK  ?     ? ? 
hydrog8  hydrog ? ? A C   3  O2  ? ? ? 1_555 A G   16 N2 ? ? A C   5   A G   18  1_555 ? ? ? ? ? ? WATSON-CRICK  ?     ? ? 
hydrog9  hydrog ? ? A G   4  N1  ? ? ? 1_555 A C   15 N3 ? ? A G   6   A C   17  1_555 ? ? ? ? ? ? WATSON-CRICK  ?     ? ? 
hydrog10 hydrog ? ? A G   4  N2  ? ? ? 1_555 A C   15 O2 ? ? A G   6   A C   17  1_555 ? ? ? ? ? ? WATSON-CRICK  ?     ? ? 
hydrog11 hydrog ? ? A G   4  O6  ? ? ? 1_555 A C   15 N4 ? ? A G   6   A C   17  1_555 ? ? ? ? ? ? WATSON-CRICK  ?     ? ? 
hydrog12 hydrog ? ? A U   5  N3  ? ? ? 1_555 A A   14 N1 ? ? A U   7   A A   16  1_555 ? ? ? ? ? ? WATSON-CRICK  ?     ? ? 
hydrog13 hydrog ? ? A U   5  O4  ? ? ? 1_555 A A   14 N6 ? ? A U   7   A A   16  1_555 ? ? ? ? ? ? WATSON-CRICK  ?     ? ? 
hydrog14 hydrog ? ? A G   8  N1  ? ? ? 1_555 B C   11 N3 ? ? A G   10  B C   32  1_555 ? ? ? ? ? ? WATSON-CRICK  ?     ? ? 
hydrog15 hydrog ? ? A G   8  N2  ? ? ? 1_555 B C   11 O2 ? ? A G   10  B C   32  1_555 ? ? ? ? ? ? WATSON-CRICK  ?     ? ? 
hydrog16 hydrog ? ? A G   8  O6  ? ? ? 1_555 B C   11 N4 ? ? A G   10  B C   32  1_555 ? ? ? ? ? ? WATSON-CRICK  ?     ? ? 
hydrog17 hydrog ? ? A A   9  N1  ? ? ? 1_555 B U   10 N3 ? ? A A   11  B U   31  1_555 ? ? ? ? ? ? WATSON-CRICK  ?     ? ? 
hydrog18 hydrog ? ? A A   9  N6  ? ? ? 1_555 B U   10 O4 ? ? A A   11  B U   31  1_555 ? ? ? ? ? ? WATSON-CRICK  ?     ? ? 
hydrog19 hydrog ? ? A G   10 N1  ? ? ? 1_555 B C   9  N3 ? ? A G   12  B C   30  1_555 ? ? ? ? ? ? WATSON-CRICK  ?     ? ? 
hydrog20 hydrog ? ? A G   10 N2  ? ? ? 1_555 B C   9  O2 ? ? A G   12  B C   30  1_555 ? ? ? ? ? ? WATSON-CRICK  ?     ? ? 
hydrog21 hydrog ? ? A G   10 O6  ? ? ? 1_555 B C   9  N4 ? ? A G   12  B C   30  1_555 ? ? ? ? ? ? WATSON-CRICK  ?     ? ? 
hydrog22 hydrog ? ? A G   11 N1  ? ? ? 1_555 B C   8  N3 ? ? A G   13  B C   29  1_555 ? ? ? ? ? ? WATSON-CRICK  ?     ? ? 
hydrog23 hydrog ? ? A G   11 N2  ? ? ? 1_555 B C   8  O2 ? ? A G   13  B C   29  1_555 ? ? ? ? ? ? WATSON-CRICK  ?     ? ? 
hydrog24 hydrog ? ? A G   11 O6  ? ? ? 1_555 B C   8  N4 ? ? A G   13  B C   29  1_555 ? ? ? ? ? ? WATSON-CRICK  ?     ? ? 
hydrog25 hydrog ? ? A A   12 N1  ? ? ? 1_555 B U   7  N3 ? ? A A   14  B U   28  1_555 ? ? ? ? ? ? WATSON-CRICK  ?     ? ? 
hydrog26 hydrog ? ? A A   12 N6  ? ? ? 1_555 B U   7  O4 ? ? A A   14  B U   28  1_555 ? ? ? ? ? ? WATSON-CRICK  ?     ? ? 
hydrog27 hydrog ? ? A C   13 N3  ? ? ? 1_555 B G   6  N1 ? ? A C   15  B G   27  1_555 ? ? ? ? ? ? WATSON-CRICK  ?     ? ? 
hydrog28 hydrog ? ? A C   13 N4  ? ? ? 1_555 B G   6  O6 ? ? A C   15  B G   27  1_555 ? ? ? ? ? ? WATSON-CRICK  ?     ? ? 
hydrog29 hydrog ? ? A C   13 O2  ? ? ? 1_555 B G   6  N2 ? ? A C   15  B G   27  1_555 ? ? ? ? ? ? WATSON-CRICK  ?     ? ? 
hydrog30 hydrog ? ? A C   15 O2  ? ? ? 1_555 B A   5  N6 ? ? A C   17  B A   26  1_555 ? ? ? ? ? ? 'C-A MISPAIR' ?     ? ? 
hydrog31 hydrog ? ? A G   17 N2  ? ? ? 1_555 B A   2  N3 ? ? A G   19  B A   23  1_555 ? ? ? ? ? ? 'G-A MISPAIR' ?     ? ? 
# 
loop_
_struct_conn_type.id 
_struct_conn_type.criteria 
_struct_conn_type.reference 
metalc ? ? 
hydrog ? ? 
# 
loop_
_pdbx_struct_conn_angle.id 
_pdbx_struct_conn_angle.ptnr1_label_atom_id 
_pdbx_struct_conn_angle.ptnr1_label_alt_id 
_pdbx_struct_conn_angle.ptnr1_label_asym_id 
_pdbx_struct_conn_angle.ptnr1_label_comp_id 
_pdbx_struct_conn_angle.ptnr1_label_seq_id 
_pdbx_struct_conn_angle.ptnr1_auth_atom_id 
_pdbx_struct_conn_angle.ptnr1_auth_asym_id 
_pdbx_struct_conn_angle.ptnr1_auth_comp_id 
_pdbx_struct_conn_angle.ptnr1_auth_seq_id 
_pdbx_struct_conn_angle.ptnr1_PDB_ins_code 
_pdbx_struct_conn_angle.ptnr1_symmetry 
_pdbx_struct_conn_angle.ptnr2_label_atom_id 
_pdbx_struct_conn_angle.ptnr2_label_alt_id 
_pdbx_struct_conn_angle.ptnr2_label_asym_id 
_pdbx_struct_conn_angle.ptnr2_label_comp_id 
_pdbx_struct_conn_angle.ptnr2_label_seq_id 
_pdbx_struct_conn_angle.ptnr2_auth_atom_id 
_pdbx_struct_conn_angle.ptnr2_auth_asym_id 
_pdbx_struct_conn_angle.ptnr2_auth_comp_id 
_pdbx_struct_conn_angle.ptnr2_auth_seq_id 
_pdbx_struct_conn_angle.ptnr2_PDB_ins_code 
_pdbx_struct_conn_angle.ptnr2_symmetry 
_pdbx_struct_conn_angle.ptnr3_label_atom_id 
_pdbx_struct_conn_angle.ptnr3_label_alt_id 
_pdbx_struct_conn_angle.ptnr3_label_asym_id 
_pdbx_struct_conn_angle.ptnr3_label_comp_id 
_pdbx_struct_conn_angle.ptnr3_label_seq_id 
_pdbx_struct_conn_angle.ptnr3_auth_atom_id 
_pdbx_struct_conn_angle.ptnr3_auth_asym_id 
_pdbx_struct_conn_angle.ptnr3_auth_comp_id 
_pdbx_struct_conn_angle.ptnr3_auth_seq_id 
_pdbx_struct_conn_angle.ptnr3_PDB_ins_code 
_pdbx_struct_conn_angle.ptnr3_symmetry 
_pdbx_struct_conn_angle.value 
_pdbx_struct_conn_angle.value_esd 
1   O4  ? A U   5 ? A U   7   ? 1_555 MG ? D MG . ? A MG 35 ? 1_555 O   ? J HOH . ? A HOH 162 ? 1_555 82.9  ? 
2   O4  ? A U   5 ? A U   7   ? 1_555 MG ? D MG . ? A MG 35 ? 1_555 O   ? J HOH . ? A HOH 164 ? 1_555 100.3 ? 
3   O   ? J HOH . ? A HOH 162 ? 1_555 MG ? D MG . ? A MG 35 ? 1_555 O   ? J HOH . ? A HOH 164 ? 1_555 87.2  ? 
4   O4  ? A U   5 ? A U   7   ? 1_555 MG ? D MG . ? A MG 35 ? 1_555 O   ? J HOH . ? A HOH 173 ? 1_555 84.2  ? 
5   O   ? J HOH . ? A HOH 162 ? 1_555 MG ? D MG . ? A MG 35 ? 1_555 O   ? J HOH . ? A HOH 173 ? 1_555 80.9  ? 
6   O   ? J HOH . ? A HOH 164 ? 1_555 MG ? D MG . ? A MG 35 ? 1_555 O   ? J HOH . ? A HOH 173 ? 1_555 166.7 ? 
7   OP2 ? A C   6 ? A C   8   ? 1_555 MG ? F MG . ? A MG 37 ? 1_555 O   ? J HOH . ? A HOH 105 ? 1_555 87.0  ? 
8   OP2 ? A C   6 ? A C   8   ? 1_555 MG ? F MG . ? A MG 37 ? 1_555 O   ? J HOH . ? A HOH 170 ? 1_555 91.0  ? 
9   O   ? J HOH . ? A HOH 105 ? 1_555 MG ? F MG . ? A MG 37 ? 1_555 O   ? J HOH . ? A HOH 170 ? 1_555 88.4  ? 
10  OP2 ? A C   6 ? A C   8   ? 1_555 MG ? F MG . ? A MG 37 ? 1_555 O   ? J HOH . ? A HOH 172 ? 1_555 93.1  ? 
11  O   ? J HOH . ? A HOH 105 ? 1_555 MG ? F MG . ? A MG 37 ? 1_555 O   ? J HOH . ? A HOH 172 ? 1_555 85.7  ? 
12  O   ? J HOH . ? A HOH 170 ? 1_555 MG ? F MG . ? A MG 37 ? 1_555 O   ? J HOH . ? A HOH 172 ? 1_555 172.6 ? 
13  OP2 ? A C   6 ? A C   8   ? 1_555 MG ? F MG . ? A MG 37 ? 1_555 O   ? J HOH . ? A HOH 202 ? 1_555 177.4 ? 
14  O   ? J HOH . ? A HOH 105 ? 1_555 MG ? F MG . ? A MG 37 ? 1_555 O   ? J HOH . ? A HOH 202 ? 1_555 94.0  ? 
15  O   ? J HOH . ? A HOH 170 ? 1_555 MG ? F MG . ? A MG 37 ? 1_555 O   ? J HOH . ? A HOH 202 ? 1_555 86.7  ? 
16  O   ? J HOH . ? A HOH 172 ? 1_555 MG ? F MG . ? A MG 37 ? 1_555 O   ? J HOH . ? A HOH 202 ? 1_555 89.4  ? 
17  OP2 ? A C   6 ? A C   8   ? 1_555 MG ? F MG . ? A MG 37 ? 1_555 O   ? J HOH . ? A HOH 203 ? 1_555 97.5  ? 
18  O   ? J HOH . ? A HOH 105 ? 1_555 MG ? F MG . ? A MG 37 ? 1_555 O   ? J HOH . ? A HOH 203 ? 1_555 174.3 ? 
19  O   ? J HOH . ? A HOH 170 ? 1_555 MG ? F MG . ? A MG 37 ? 1_555 O   ? J HOH . ? A HOH 203 ? 1_555 95.0  ? 
20  O   ? J HOH . ? A HOH 172 ? 1_555 MG ? F MG . ? A MG 37 ? 1_555 O   ? J HOH . ? A HOH 203 ? 1_555 90.6  ? 
21  O   ? J HOH . ? A HOH 202 ? 1_555 MG ? F MG . ? A MG 37 ? 1_555 O   ? J HOH . ? A HOH 203 ? 1_555 81.6  ? 
22  OP2 ? A A   7 ? A A   9   ? 1_555 MG ? E MG . ? A MG 36 ? 1_555 O   ? J HOH . ? A HOH 65  ? 1_555 171.5 ? 
23  OP2 ? A A   7 ? A A   9   ? 1_555 MG ? E MG . ? A MG 36 ? 1_555 O   ? J HOH . ? A HOH 165 ? 1_555 87.2  ? 
24  O   ? J HOH . ? A HOH 65  ? 1_555 MG ? E MG . ? A MG 36 ? 1_555 O   ? J HOH . ? A HOH 165 ? 1_555 89.4  ? 
25  OP2 ? A A   7 ? A A   9   ? 1_555 MG ? E MG . ? A MG 36 ? 1_555 O   ? J HOH . ? A HOH 166 ? 1_555 98.3  ? 
26  O   ? J HOH . ? A HOH 65  ? 1_555 MG ? E MG . ? A MG 36 ? 1_555 O   ? J HOH . ? A HOH 166 ? 1_555 89.3  ? 
27  O   ? J HOH . ? A HOH 165 ? 1_555 MG ? E MG . ? A MG 36 ? 1_555 O   ? J HOH . ? A HOH 166 ? 1_555 88.7  ? 
28  OP2 ? A A   7 ? A A   9   ? 1_555 MG ? E MG . ? A MG 36 ? 1_555 O   ? J HOH . ? A HOH 167 ? 1_555 86.7  ? 
29  O   ? J HOH . ? A HOH 65  ? 1_555 MG ? E MG . ? A MG 36 ? 1_555 O   ? J HOH . ? A HOH 167 ? 1_555 85.7  ? 
30  O   ? J HOH . ? A HOH 165 ? 1_555 MG ? E MG . ? A MG 36 ? 1_555 O   ? J HOH . ? A HOH 167 ? 1_555 93.0  ? 
31  O   ? J HOH . ? A HOH 166 ? 1_555 MG ? E MG . ? A MG 36 ? 1_555 O   ? J HOH . ? A HOH 167 ? 1_555 174.7 ? 
32  OP2 ? A A   7 ? A A   9   ? 1_555 MG ? E MG . ? A MG 36 ? 1_555 O   ? J HOH . ? A HOH 168 ? 1_555 94.1  ? 
33  O   ? J HOH . ? A HOH 65  ? 1_555 MG ? E MG . ? A MG 36 ? 1_555 O   ? J HOH . ? A HOH 168 ? 1_555 89.5  ? 
34  O   ? J HOH . ? A HOH 165 ? 1_555 MG ? E MG . ? A MG 36 ? 1_555 O   ? J HOH . ? A HOH 168 ? 1_555 178.6 ? 
35  O   ? J HOH . ? A HOH 166 ? 1_555 MG ? E MG . ? A MG 36 ? 1_555 O   ? J HOH . ? A HOH 168 ? 1_555 90.6  ? 
36  O   ? J HOH . ? A HOH 167 ? 1_555 MG ? E MG . ? A MG 36 ? 1_555 O   ? J HOH . ? A HOH 168 ? 1_555 87.6  ? 
37  O3  ? H BTN . ? A BTN 33  ? 1_555 MG ? I MG . ? B MG 38 ? 1_555 O   ? J HOH . ? A HOH 159 ? 1_555 87.0  ? 
38  O3  ? H BTN . ? A BTN 33  ? 1_555 MG ? I MG . ? B MG 38 ? 1_555 O   ? J HOH . ? A HOH 160 ? 1_555 84.8  ? 
39  O   ? J HOH . ? A HOH 159 ? 1_555 MG ? I MG . ? B MG 38 ? 1_555 O   ? J HOH . ? A HOH 160 ? 1_555 171.8 ? 
40  O3  ? H BTN . ? A BTN 33  ? 1_555 MG ? I MG . ? B MG 38 ? 1_555 OP2 ? B A   4 ? B A   25  ? 1_555 179.0 ? 
41  O   ? J HOH . ? A HOH 159 ? 1_555 MG ? I MG . ? B MG 38 ? 1_555 OP2 ? B A   4 ? B A   25  ? 1_555 93.0  ? 
42  O   ? J HOH . ? A HOH 160 ? 1_555 MG ? I MG . ? B MG 38 ? 1_555 OP2 ? B A   4 ? B A   25  ? 1_555 95.2  ? 
43  O3  ? H BTN . ? A BTN 33  ? 1_555 MG ? I MG . ? B MG 38 ? 1_555 O   ? K HOH . ? B HOH 158 ? 1_555 90.5  ? 
44  O   ? J HOH . ? A HOH 159 ? 1_555 MG ? I MG . ? B MG 38 ? 1_555 O   ? K HOH . ? B HOH 158 ? 1_555 91.3  ? 
45  O   ? J HOH . ? A HOH 160 ? 1_555 MG ? I MG . ? B MG 38 ? 1_555 O   ? K HOH . ? B HOH 158 ? 1_555 88.3  ? 
46  OP2 ? B A   4 ? B A   25  ? 1_555 MG ? I MG . ? B MG 38 ? 1_555 O   ? K HOH . ? B HOH 158 ? 1_555 88.4  ? 
47  O3  ? H BTN . ? A BTN 33  ? 1_555 MG ? I MG . ? B MG 38 ? 1_555 O   ? K HOH . ? B HOH 161 ? 1_555 88.1  ? 
48  O   ? J HOH . ? A HOH 159 ? 1_555 MG ? I MG . ? B MG 38 ? 1_555 O   ? K HOH . ? B HOH 161 ? 1_555 88.6  ? 
49  O   ? J HOH . ? A HOH 160 ? 1_555 MG ? I MG . ? B MG 38 ? 1_555 O   ? K HOH . ? B HOH 161 ? 1_555 91.5  ? 
50  OP2 ? B A   4 ? B A   25  ? 1_555 MG ? I MG . ? B MG 38 ? 1_555 O   ? K HOH . ? B HOH 161 ? 1_555 92.9  ? 
51  O   ? K HOH . ? B HOH 158 ? 1_555 MG ? I MG . ? B MG 38 ? 1_555 O   ? K HOH . ? B HOH 161 ? 1_555 178.6 ? 
52  MG  ? G MG  . ? A MG  39  ? 2_655 MG ? C MG . ? A MG 34 ? 1_555 O   ? J HOH . ? A HOH 43  ? 1_555 47.2  ? 
53  MG  ? G MG  . ? A MG  39  ? 2_655 MG ? C MG . ? A MG 34 ? 1_555 O   ? J HOH . ? A HOH 163 ? 1_555 137.2 ? 
54  O   ? J HOH . ? A HOH 43  ? 1_555 MG ? C MG . ? A MG 34 ? 1_555 O   ? J HOH . ? A HOH 163 ? 1_555 93.0  ? 
55  MG  ? G MG  . ? A MG  39  ? 2_655 MG ? C MG . ? A MG 34 ? 1_555 O   ? J HOH . ? A HOH 169 ? 2_655 44.5  ? 
56  O   ? J HOH . ? A HOH 43  ? 1_555 MG ? C MG . ? A MG 34 ? 1_555 O   ? J HOH . ? A HOH 169 ? 2_655 80.7  ? 
57  O   ? J HOH . ? A HOH 163 ? 1_555 MG ? C MG . ? A MG 34 ? 1_555 O   ? J HOH . ? A HOH 169 ? 2_655 163.1 ? 
58  MG  ? G MG  . ? A MG  39  ? 2_655 MG ? C MG . ? A MG 34 ? 1_555 O   ? J HOH . ? A HOH 171 ? 1_555 75.1  ? 
59  O   ? J HOH . ? A HOH 43  ? 1_555 MG ? C MG . ? A MG 34 ? 1_555 O   ? J HOH . ? A HOH 171 ? 1_555 84.6  ? 
60  O   ? J HOH . ? A HOH 163 ? 1_555 MG ? C MG . ? A MG 34 ? 1_555 O   ? J HOH . ? A HOH 171 ? 1_555 87.9  ? 
61  O   ? J HOH . ? A HOH 169 ? 2_655 MG ? C MG . ? A MG 34 ? 1_555 O   ? J HOH . ? A HOH 171 ? 1_555 107.0 ? 
62  MG  ? G MG  . ? A MG  39  ? 2_655 MG ? C MG . ? A MG 34 ? 1_555 O   ? J HOH . ? A HOH 199 ? 1_555 42.3  ? 
63  O   ? J HOH . ? A HOH 43  ? 1_555 MG ? C MG . ? A MG 34 ? 1_555 O   ? J HOH . ? A HOH 199 ? 1_555 83.5  ? 
64  O   ? J HOH . ? A HOH 163 ? 1_555 MG ? C MG . ? A MG 34 ? 1_555 O   ? J HOH . ? A HOH 199 ? 1_555 137.8 ? 
65  O   ? J HOH . ? A HOH 169 ? 2_655 MG ? C MG . ? A MG 34 ? 1_555 O   ? J HOH . ? A HOH 199 ? 1_555 57.5  ? 
66  O   ? J HOH . ? A HOH 171 ? 1_555 MG ? C MG . ? A MG 34 ? 1_555 O   ? J HOH . ? A HOH 199 ? 1_555 49.9  ? 
67  MG  ? G MG  . ? A MG  39  ? 2_655 MG ? C MG . ? A MG 34 ? 1_555 O   ? J HOH . ? A HOH 200 ? 1_555 107.0 ? 
68  O   ? J HOH . ? A HOH 43  ? 1_555 MG ? C MG . ? A MG 34 ? 1_555 O   ? J HOH . ? A HOH 200 ? 1_555 91.7  ? 
69  O   ? J HOH . ? A HOH 163 ? 1_555 MG ? C MG . ? A MG 34 ? 1_555 O   ? J HOH . ? A HOH 200 ? 1_555 85.9  ? 
70  O   ? J HOH . ? A HOH 169 ? 2_655 MG ? C MG . ? A MG 34 ? 1_555 O   ? J HOH . ? A HOH 200 ? 1_555 78.6  ? 
71  O   ? J HOH . ? A HOH 171 ? 1_555 MG ? C MG . ? A MG 34 ? 1_555 O   ? J HOH . ? A HOH 200 ? 1_555 172.6 ? 
72  O   ? J HOH . ? A HOH 199 ? 1_555 MG ? C MG . ? A MG 34 ? 1_555 O   ? J HOH . ? A HOH 200 ? 1_555 136.1 ? 
73  MG  ? G MG  . ? A MG  39  ? 2_655 MG ? C MG . ? A MG 34 ? 1_555 O   ? J HOH . ? A HOH 201 ? 1_555 124.8 ? 
74  O   ? J HOH . ? A HOH 43  ? 1_555 MG ? C MG . ? A MG 34 ? 1_555 O   ? J HOH . ? A HOH 201 ? 1_555 171.4 ? 
75  O   ? J HOH . ? A HOH 163 ? 1_555 MG ? C MG . ? A MG 34 ? 1_555 O   ? J HOH . ? A HOH 201 ? 1_555 93.6  ? 
76  O   ? J HOH . ? A HOH 169 ? 2_655 MG ? C MG . ? A MG 34 ? 1_555 O   ? J HOH . ? A HOH 201 ? 1_555 94.4  ? 
77  O   ? J HOH . ? A HOH 171 ? 1_555 MG ? C MG . ? A MG 34 ? 1_555 O   ? J HOH . ? A HOH 201 ? 1_555 90.1  ? 
78  O   ? J HOH . ? A HOH 199 ? 1_555 MG ? C MG . ? A MG 34 ? 1_555 O   ? J HOH . ? A HOH 201 ? 1_555 87.9  ? 
79  O   ? J HOH . ? A HOH 200 ? 1_555 MG ? C MG . ? A MG 34 ? 1_555 O   ? J HOH . ? A HOH 201 ? 1_555 94.3  ? 
80  O   ? J HOH . ? A HOH 43  ? 2_655 MG ? G MG . ? A MG 39 ? 1_555 O   ? J HOH . ? A HOH 169 ? 1_555 86.7  ? 
81  O   ? J HOH . ? A HOH 43  ? 2_655 MG ? G MG . ? A MG 39 ? 1_555 O   ? J HOH . ? A HOH 171 ? 2_655 63.9  ? 
82  O   ? J HOH . ? A HOH 169 ? 1_555 MG ? G MG . ? A MG 39 ? 1_555 O   ? J HOH . ? A HOH 171 ? 2_655 81.1  ? 
83  O   ? J HOH . ? A HOH 43  ? 2_655 MG ? G MG . ? A MG 39 ? 1_555 O   ? J HOH . ? A HOH 197 ? 1_555 95.2  ? 
84  O   ? J HOH . ? A HOH 169 ? 1_555 MG ? G MG . ? A MG 39 ? 1_555 O   ? J HOH . ? A HOH 197 ? 1_555 171.6 ? 
85  O   ? J HOH . ? A HOH 171 ? 2_655 MG ? G MG . ? A MG 39 ? 1_555 O   ? J HOH . ? A HOH 197 ? 1_555 92.4  ? 
86  O   ? J HOH . ? A HOH 43  ? 2_655 MG ? G MG . ? A MG 39 ? 1_555 O   ? J HOH . ? A HOH 197 ? 2_655 95.6  ? 
87  O   ? J HOH . ? A HOH 169 ? 1_555 MG ? G MG . ? A MG 39 ? 1_555 O   ? J HOH . ? A HOH 197 ? 2_655 171.8 ? 
88  O   ? J HOH . ? A HOH 171 ? 2_655 MG ? G MG . ? A MG 39 ? 1_555 O   ? J HOH . ? A HOH 197 ? 2_655 92.8  ? 
89  O   ? J HOH . ? A HOH 197 ? 1_555 MG ? G MG . ? A MG 39 ? 1_555 O   ? J HOH . ? A HOH 197 ? 2_655 0.5   ? 
90  O   ? J HOH . ? A HOH 43  ? 2_655 MG ? G MG . ? A MG 39 ? 1_555 O   ? J HOH . ? A HOH 198 ? 1_555 92.4  ? 
91  O   ? J HOH . ? A HOH 169 ? 1_555 MG ? G MG . ? A MG 39 ? 1_555 O   ? J HOH . ? A HOH 198 ? 1_555 101.2 ? 
92  O   ? J HOH . ? A HOH 171 ? 2_655 MG ? G MG . ? A MG 39 ? 1_555 O   ? J HOH . ? A HOH 198 ? 1_555 156.1 ? 
93  O   ? J HOH . ? A HOH 197 ? 1_555 MG ? G MG . ? A MG 39 ? 1_555 O   ? J HOH . ? A HOH 198 ? 1_555 86.9  ? 
94  O   ? J HOH . ? A HOH 197 ? 2_655 MG ? G MG . ? A MG 39 ? 1_555 O   ? J HOH . ? A HOH 198 ? 1_555 86.5  ? 
95  O   ? J HOH . ? A HOH 43  ? 2_655 MG ? G MG . ? A MG 39 ? 1_555 O   ? J HOH . ? A HOH 198 ? 2_655 174.9 ? 
96  O   ? J HOH . ? A HOH 169 ? 1_555 MG ? G MG . ? A MG 39 ? 1_555 O   ? J HOH . ? A HOH 198 ? 2_655 94.1  ? 
97  O   ? J HOH . ? A HOH 171 ? 2_655 MG ? G MG . ? A MG 39 ? 1_555 O   ? J HOH . ? A HOH 198 ? 2_655 111.3 ? 
98  O   ? J HOH . ? A HOH 197 ? 1_555 MG ? G MG . ? A MG 39 ? 1_555 O   ? J HOH . ? A HOH 198 ? 2_655 83.2  ? 
99  O   ? J HOH . ? A HOH 197 ? 2_655 MG ? G MG . ? A MG 39 ? 1_555 O   ? J HOH . ? A HOH 198 ? 2_655 82.9  ? 
100 O   ? J HOH . ? A HOH 198 ? 1_555 MG ? G MG . ? A MG 39 ? 1_555 O   ? J HOH . ? A HOH 198 ? 2_655 92.3  ? 
101 O   ? J HOH . ? A HOH 43  ? 2_655 MG ? G MG . ? A MG 39 ? 1_555 O   ? J HOH . ? A HOH 199 ? 2_655 99.2  ? 
102 O   ? J HOH . ? A HOH 169 ? 1_555 MG ? G MG . ? A MG 39 ? 1_555 O   ? J HOH . ? A HOH 199 ? 2_655 68.8  ? 
103 O   ? J HOH . ? A HOH 171 ? 2_655 MG ? G MG . ? A MG 39 ? 1_555 O   ? J HOH . ? A HOH 199 ? 2_655 37.8  ? 
104 O   ? J HOH . ? A HOH 197 ? 1_555 MG ? G MG . ? A MG 39 ? 1_555 O   ? J HOH . ? A HOH 199 ? 2_655 102.8 ? 
105 O   ? J HOH . ? A HOH 197 ? 2_655 MG ? G MG . ? A MG 39 ? 1_555 O   ? J HOH . ? A HOH 199 ? 2_655 103.1 ? 
106 O   ? J HOH . ? A HOH 198 ? 1_555 MG ? G MG . ? A MG 39 ? 1_555 O   ? J HOH . ? A HOH 199 ? 2_655 164.1 ? 
107 O   ? J HOH . ? A HOH 198 ? 2_655 MG ? G MG . ? A MG 39 ? 1_555 O   ? J HOH . ? A HOH 199 ? 2_655 76.5  ? 
# 
loop_
_struct_site.id 
_struct_site.pdbx_evidence_code 
_struct_site.pdbx_auth_asym_id 
_struct_site.pdbx_auth_comp_id 
_struct_site.pdbx_auth_seq_id 
_struct_site.pdbx_auth_ins_code 
_struct_site.pdbx_num_residues 
_struct_site.details 
AC1 Software A MG  34 ? 8  'BINDING SITE FOR RESIDUE MG A 34'  
AC2 Software A MG  35 ? 4  'BINDING SITE FOR RESIDUE MG A 35'  
AC3 Software A MG  36 ? 6  'BINDING SITE FOR RESIDUE MG A 36'  
AC4 Software A MG  37 ? 6  'BINDING SITE FOR RESIDUE MG A 37'  
AC5 Software B MG  38 ? 6  'BINDING SITE FOR RESIDUE MG B 38'  
AC6 Software A MG  39 ? 9  'BINDING SITE FOR RESIDUE MG A 39'  
AC7 Software A BTN 33 ? 10 'BINDING SITE FOR RESIDUE BTN A 33' 
1   ?        ? ?   ?  ? ?  ?                                   
# 
loop_
_struct_site_gen.id 
_struct_site_gen.site_id 
_struct_site_gen.pdbx_num_res 
_struct_site_gen.label_comp_id 
_struct_site_gen.label_asym_id 
_struct_site_gen.label_seq_id 
_struct_site_gen.pdbx_auth_ins_code 
_struct_site_gen.auth_comp_id 
_struct_site_gen.auth_asym_id 
_struct_site_gen.auth_seq_id 
_struct_site_gen.label_atom_id 
_struct_site_gen.label_alt_id 
_struct_site_gen.symmetry 
_struct_site_gen.details 
1  AC1 8  MG  G . ? MG  A 39  . ? 2_655 ? 
2  AC1 8  HOH J . ? HOH A 43  . ? 1_555 ? 
3  AC1 8  HOH J . ? HOH A 163 . ? 1_555 ? 
4  AC1 8  HOH J . ? HOH A 169 . ? 2_655 ? 
5  AC1 8  HOH J . ? HOH A 171 . ? 1_555 ? 
6  AC1 8  HOH J . ? HOH A 199 . ? 1_555 ? 
7  AC1 8  HOH J . ? HOH A 200 . ? 1_555 ? 
8  AC1 8  HOH J . ? HOH A 201 . ? 1_555 ? 
9  AC2 4  U   A 5 ? U   A 7   . ? 1_555 ? 
10 AC2 4  HOH J . ? HOH A 162 . ? 1_555 ? 
11 AC2 4  HOH J . ? HOH A 164 . ? 1_555 ? 
12 AC2 4  HOH J . ? HOH A 173 . ? 1_555 ? 
13 AC3 6  A   A 7 ? A   A 9   . ? 1_555 ? 
14 AC3 6  HOH J . ? HOH A 65  . ? 1_555 ? 
15 AC3 6  HOH J . ? HOH A 165 . ? 1_555 ? 
16 AC3 6  HOH J . ? HOH A 166 . ? 1_555 ? 
17 AC3 6  HOH J . ? HOH A 167 . ? 1_555 ? 
18 AC3 6  HOH J . ? HOH A 168 . ? 1_555 ? 
19 AC4 6  C   A 6 ? C   A 8   . ? 1_555 ? 
20 AC4 6  HOH J . ? HOH A 105 . ? 1_555 ? 
21 AC4 6  HOH J . ? HOH A 170 . ? 1_555 ? 
22 AC4 6  HOH J . ? HOH A 172 . ? 1_555 ? 
23 AC4 6  HOH J . ? HOH A 202 . ? 1_555 ? 
24 AC4 6  HOH J . ? HOH A 203 . ? 1_555 ? 
25 AC5 6  BTN H . ? BTN A 33  . ? 1_555 ? 
26 AC5 6  HOH J . ? HOH A 159 . ? 1_555 ? 
27 AC5 6  HOH J . ? HOH A 160 . ? 1_555 ? 
28 AC5 6  A   B 4 ? A   B 25  . ? 1_555 ? 
29 AC5 6  HOH K . ? HOH B 158 . ? 1_555 ? 
30 AC5 6  HOH K . ? HOH B 161 . ? 1_555 ? 
31 AC6 9  MG  C . ? MG  A 34  . ? 2_655 ? 
32 AC6 9  HOH J . ? HOH A 43  . ? 2_655 ? 
33 AC6 9  HOH J . ? HOH A 169 . ? 1_555 ? 
34 AC6 9  HOH J . ? HOH A 171 . ? 2_655 ? 
35 AC6 9  HOH J . ? HOH A 197 . ? 2_655 ? 
36 AC6 9  HOH J . ? HOH A 197 . ? 1_555 ? 
37 AC6 9  HOH J . ? HOH A 198 . ? 2_655 ? 
38 AC6 9  HOH J . ? HOH A 198 . ? 1_555 ? 
39 AC6 9  HOH J . ? HOH A 199 . ? 2_655 ? 
40 AC7 10 G   A 4 ? G   A 6   . ? 1_555 ? 
41 AC7 10 U   A 5 ? U   A 7   . ? 1_555 ? 
42 AC7 10 HOH J . ? HOH A 159 . ? 1_555 ? 
43 AC7 10 HOH J . ? HOH A 160 . ? 1_555 ? 
44 AC7 10 A   B 5 ? A   B 26  . ? 1_555 ? 
45 AC7 10 G   B 6 ? G   B 27  . ? 1_555 ? 
46 AC7 10 MG  I . ? MG  B 38  . ? 1_555 ? 
47 AC7 10 HOH K . ? HOH B 53  . ? 1_555 ? 
48 AC7 10 HOH K . ? HOH B 158 . ? 1_555 ? 
49 AC7 10 HOH K . ? HOH B 161 . ? 1_555 ? 
# 
loop_
_pdbx_validate_planes.id 
_pdbx_validate_planes.PDB_model_num 
_pdbx_validate_planes.auth_comp_id 
_pdbx_validate_planes.auth_asym_id 
_pdbx_validate_planes.auth_seq_id 
_pdbx_validate_planes.PDB_ins_code 
_pdbx_validate_planes.label_alt_id 
_pdbx_validate_planes.rmsd 
_pdbx_validate_planes.type 
1 1 U A 7  ? ? 0.089 'SIDE CHAIN' 
2 1 U B 31 ? ? 0.068 'SIDE CHAIN' 
# 
_struct_site_keywords.site_id   1 
_struct_site_keywords.text      INTERCALATION 
# 
_pdbx_struct_special_symmetry.id              1 
_pdbx_struct_special_symmetry.PDB_model_num   1 
_pdbx_struct_special_symmetry.auth_asym_id    A 
_pdbx_struct_special_symmetry.auth_comp_id    HOH 
_pdbx_struct_special_symmetry.auth_seq_id     197 
_pdbx_struct_special_symmetry.PDB_ins_code    ? 
_pdbx_struct_special_symmetry.label_asym_id   J 
_pdbx_struct_special_symmetry.label_comp_id   HOH 
_pdbx_struct_special_symmetry.label_seq_id    . 
# 
loop_
_chem_comp_atom.comp_id 
_chem_comp_atom.atom_id 
_chem_comp_atom.type_symbol 
_chem_comp_atom.pdbx_aromatic_flag 
_chem_comp_atom.pdbx_stereo_config 
_chem_comp_atom.pdbx_ordinal 
A   OP3    O  N N 1   
A   P      P  N N 2   
A   OP1    O  N N 3   
A   OP2    O  N N 4   
A   "O5'"  O  N N 5   
A   "C5'"  C  N N 6   
A   "C4'"  C  N R 7   
A   "O4'"  O  N N 8   
A   "C3'"  C  N S 9   
A   "O3'"  O  N N 10  
A   "C2'"  C  N R 11  
A   "O2'"  O  N N 12  
A   "C1'"  C  N R 13  
A   N9     N  Y N 14  
A   C8     C  Y N 15  
A   N7     N  Y N 16  
A   C5     C  Y N 17  
A   C6     C  Y N 18  
A   N6     N  N N 19  
A   N1     N  Y N 20  
A   C2     C  Y N 21  
A   N3     N  Y N 22  
A   C4     C  Y N 23  
A   HOP3   H  N N 24  
A   HOP2   H  N N 25  
A   "H5'"  H  N N 26  
A   "H5''" H  N N 27  
A   "H4'"  H  N N 28  
A   "H3'"  H  N N 29  
A   "HO3'" H  N N 30  
A   "H2'"  H  N N 31  
A   "HO2'" H  N N 32  
A   "H1'"  H  N N 33  
A   H8     H  N N 34  
A   H61    H  N N 35  
A   H62    H  N N 36  
A   H2     H  N N 37  
BTN C11    C  N N 38  
BTN O11    O  N N 39  
BTN O12    O  N N 40  
BTN C10    C  N N 41  
BTN C9     C  N N 42  
BTN C8     C  N N 43  
BTN C7     C  N N 44  
BTN C2     C  N S 45  
BTN S1     S  N N 46  
BTN C6     C  N N 47  
BTN C5     C  N R 48  
BTN N1     N  N N 49  
BTN C3     C  N N 50  
BTN O3     O  N N 51  
BTN N2     N  N N 52  
BTN C4     C  N S 53  
BTN HO2    H  N N 54  
BTN H101   H  N N 55  
BTN H102   H  N N 56  
BTN H91    H  N N 57  
BTN H92    H  N N 58  
BTN H81    H  N N 59  
BTN H82    H  N N 60  
BTN H71    H  N N 61  
BTN H72    H  N N 62  
BTN H2     H  N N 63  
BTN H61    H  N N 64  
BTN H62    H  N N 65  
BTN H5     H  N N 66  
BTN HN1    H  N N 67  
BTN HN2    H  N N 68  
BTN H4     H  N N 69  
C   OP3    O  N N 70  
C   P      P  N N 71  
C   OP1    O  N N 72  
C   OP2    O  N N 73  
C   "O5'"  O  N N 74  
C   "C5'"  C  N N 75  
C   "C4'"  C  N R 76  
C   "O4'"  O  N N 77  
C   "C3'"  C  N S 78  
C   "O3'"  O  N N 79  
C   "C2'"  C  N R 80  
C   "O2'"  O  N N 81  
C   "C1'"  C  N R 82  
C   N1     N  N N 83  
C   C2     C  N N 84  
C   O2     O  N N 85  
C   N3     N  N N 86  
C   C4     C  N N 87  
C   N4     N  N N 88  
C   C5     C  N N 89  
C   C6     C  N N 90  
C   HOP3   H  N N 91  
C   HOP2   H  N N 92  
C   "H5'"  H  N N 93  
C   "H5''" H  N N 94  
C   "H4'"  H  N N 95  
C   "H3'"  H  N N 96  
C   "HO3'" H  N N 97  
C   "H2'"  H  N N 98  
C   "HO2'" H  N N 99  
C   "H1'"  H  N N 100 
C   H41    H  N N 101 
C   H42    H  N N 102 
C   H5     H  N N 103 
C   H6     H  N N 104 
G   OP3    O  N N 105 
G   P      P  N N 106 
G   OP1    O  N N 107 
G   OP2    O  N N 108 
G   "O5'"  O  N N 109 
G   "C5'"  C  N N 110 
G   "C4'"  C  N R 111 
G   "O4'"  O  N N 112 
G   "C3'"  C  N S 113 
G   "O3'"  O  N N 114 
G   "C2'"  C  N R 115 
G   "O2'"  O  N N 116 
G   "C1'"  C  N R 117 
G   N9     N  Y N 118 
G   C8     C  Y N 119 
G   N7     N  Y N 120 
G   C5     C  Y N 121 
G   C6     C  N N 122 
G   O6     O  N N 123 
G   N1     N  N N 124 
G   C2     C  N N 125 
G   N2     N  N N 126 
G   N3     N  N N 127 
G   C4     C  Y N 128 
G   HOP3   H  N N 129 
G   HOP2   H  N N 130 
G   "H5'"  H  N N 131 
G   "H5''" H  N N 132 
G   "H4'"  H  N N 133 
G   "H3'"  H  N N 134 
G   "HO3'" H  N N 135 
G   "H2'"  H  N N 136 
G   "HO2'" H  N N 137 
G   "H1'"  H  N N 138 
G   H8     H  N N 139 
G   H1     H  N N 140 
G   H21    H  N N 141 
G   H22    H  N N 142 
HOH O      O  N N 143 
HOH H1     H  N N 144 
HOH H2     H  N N 145 
MG  MG     MG N N 146 
U   OP3    O  N N 147 
U   P      P  N N 148 
U   OP1    O  N N 149 
U   OP2    O  N N 150 
U   "O5'"  O  N N 151 
U   "C5'"  C  N N 152 
U   "C4'"  C  N R 153 
U   "O4'"  O  N N 154 
U   "C3'"  C  N S 155 
U   "O3'"  O  N N 156 
U   "C2'"  C  N R 157 
U   "O2'"  O  N N 158 
U   "C1'"  C  N R 159 
U   N1     N  N N 160 
U   C2     C  N N 161 
U   O2     O  N N 162 
U   N3     N  N N 163 
U   C4     C  N N 164 
U   O4     O  N N 165 
U   C5     C  N N 166 
U   C6     C  N N 167 
U   HOP3   H  N N 168 
U   HOP2   H  N N 169 
U   "H5'"  H  N N 170 
U   "H5''" H  N N 171 
U   "H4'"  H  N N 172 
U   "H3'"  H  N N 173 
U   "HO3'" H  N N 174 
U   "H2'"  H  N N 175 
U   "HO2'" H  N N 176 
U   "H1'"  H  N N 177 
U   H3     H  N N 178 
U   H5     H  N N 179 
U   H6     H  N N 180 
# 
loop_
_chem_comp_bond.comp_id 
_chem_comp_bond.atom_id_1 
_chem_comp_bond.atom_id_2 
_chem_comp_bond.value_order 
_chem_comp_bond.pdbx_aromatic_flag 
_chem_comp_bond.pdbx_stereo_config 
_chem_comp_bond.pdbx_ordinal 
A   OP3   P      sing N N 1   
A   OP3   HOP3   sing N N 2   
A   P     OP1    doub N N 3   
A   P     OP2    sing N N 4   
A   P     "O5'"  sing N N 5   
A   OP2   HOP2   sing N N 6   
A   "O5'" "C5'"  sing N N 7   
A   "C5'" "C4'"  sing N N 8   
A   "C5'" "H5'"  sing N N 9   
A   "C5'" "H5''" sing N N 10  
A   "C4'" "O4'"  sing N N 11  
A   "C4'" "C3'"  sing N N 12  
A   "C4'" "H4'"  sing N N 13  
A   "O4'" "C1'"  sing N N 14  
A   "C3'" "O3'"  sing N N 15  
A   "C3'" "C2'"  sing N N 16  
A   "C3'" "H3'"  sing N N 17  
A   "O3'" "HO3'" sing N N 18  
A   "C2'" "O2'"  sing N N 19  
A   "C2'" "C1'"  sing N N 20  
A   "C2'" "H2'"  sing N N 21  
A   "O2'" "HO2'" sing N N 22  
A   "C1'" N9     sing N N 23  
A   "C1'" "H1'"  sing N N 24  
A   N9    C8     sing Y N 25  
A   N9    C4     sing Y N 26  
A   C8    N7     doub Y N 27  
A   C8    H8     sing N N 28  
A   N7    C5     sing Y N 29  
A   C5    C6     sing Y N 30  
A   C5    C4     doub Y N 31  
A   C6    N6     sing N N 32  
A   C6    N1     doub Y N 33  
A   N6    H61    sing N N 34  
A   N6    H62    sing N N 35  
A   N1    C2     sing Y N 36  
A   C2    N3     doub Y N 37  
A   C2    H2     sing N N 38  
A   N3    C4     sing Y N 39  
BTN C11   O11    doub N N 40  
BTN C11   O12    sing N N 41  
BTN C11   C10    sing N N 42  
BTN O12   HO2    sing N N 43  
BTN C10   C9     sing N N 44  
BTN C10   H101   sing N N 45  
BTN C10   H102   sing N N 46  
BTN C9    C8     sing N N 47  
BTN C9    H91    sing N N 48  
BTN C9    H92    sing N N 49  
BTN C8    C7     sing N N 50  
BTN C8    H81    sing N N 51  
BTN C8    H82    sing N N 52  
BTN C7    C2     sing N N 53  
BTN C7    H71    sing N N 54  
BTN C7    H72    sing N N 55  
BTN C2    S1     sing N N 56  
BTN C2    C4     sing N N 57  
BTN C2    H2     sing N N 58  
BTN S1    C6     sing N N 59  
BTN C6    C5     sing N N 60  
BTN C6    H61    sing N N 61  
BTN C6    H62    sing N N 62  
BTN C5    N1     sing N N 63  
BTN C5    C4     sing N N 64  
BTN C5    H5     sing N N 65  
BTN N1    C3     sing N N 66  
BTN N1    HN1    sing N N 67  
BTN C3    O3     doub N N 68  
BTN C3    N2     sing N N 69  
BTN N2    C4     sing N N 70  
BTN N2    HN2    sing N N 71  
BTN C4    H4     sing N N 72  
C   OP3   P      sing N N 73  
C   OP3   HOP3   sing N N 74  
C   P     OP1    doub N N 75  
C   P     OP2    sing N N 76  
C   P     "O5'"  sing N N 77  
C   OP2   HOP2   sing N N 78  
C   "O5'" "C5'"  sing N N 79  
C   "C5'" "C4'"  sing N N 80  
C   "C5'" "H5'"  sing N N 81  
C   "C5'" "H5''" sing N N 82  
C   "C4'" "O4'"  sing N N 83  
C   "C4'" "C3'"  sing N N 84  
C   "C4'" "H4'"  sing N N 85  
C   "O4'" "C1'"  sing N N 86  
C   "C3'" "O3'"  sing N N 87  
C   "C3'" "C2'"  sing N N 88  
C   "C3'" "H3'"  sing N N 89  
C   "O3'" "HO3'" sing N N 90  
C   "C2'" "O2'"  sing N N 91  
C   "C2'" "C1'"  sing N N 92  
C   "C2'" "H2'"  sing N N 93  
C   "O2'" "HO2'" sing N N 94  
C   "C1'" N1     sing N N 95  
C   "C1'" "H1'"  sing N N 96  
C   N1    C2     sing N N 97  
C   N1    C6     sing N N 98  
C   C2    O2     doub N N 99  
C   C2    N3     sing N N 100 
C   N3    C4     doub N N 101 
C   C4    N4     sing N N 102 
C   C4    C5     sing N N 103 
C   N4    H41    sing N N 104 
C   N4    H42    sing N N 105 
C   C5    C6     doub N N 106 
C   C5    H5     sing N N 107 
C   C6    H6     sing N N 108 
G   OP3   P      sing N N 109 
G   OP3   HOP3   sing N N 110 
G   P     OP1    doub N N 111 
G   P     OP2    sing N N 112 
G   P     "O5'"  sing N N 113 
G   OP2   HOP2   sing N N 114 
G   "O5'" "C5'"  sing N N 115 
G   "C5'" "C4'"  sing N N 116 
G   "C5'" "H5'"  sing N N 117 
G   "C5'" "H5''" sing N N 118 
G   "C4'" "O4'"  sing N N 119 
G   "C4'" "C3'"  sing N N 120 
G   "C4'" "H4'"  sing N N 121 
G   "O4'" "C1'"  sing N N 122 
G   "C3'" "O3'"  sing N N 123 
G   "C3'" "C2'"  sing N N 124 
G   "C3'" "H3'"  sing N N 125 
G   "O3'" "HO3'" sing N N 126 
G   "C2'" "O2'"  sing N N 127 
G   "C2'" "C1'"  sing N N 128 
G   "C2'" "H2'"  sing N N 129 
G   "O2'" "HO2'" sing N N 130 
G   "C1'" N9     sing N N 131 
G   "C1'" "H1'"  sing N N 132 
G   N9    C8     sing Y N 133 
G   N9    C4     sing Y N 134 
G   C8    N7     doub Y N 135 
G   C8    H8     sing N N 136 
G   N7    C5     sing Y N 137 
G   C5    C6     sing N N 138 
G   C5    C4     doub Y N 139 
G   C6    O6     doub N N 140 
G   C6    N1     sing N N 141 
G   N1    C2     sing N N 142 
G   N1    H1     sing N N 143 
G   C2    N2     sing N N 144 
G   C2    N3     doub N N 145 
G   N2    H21    sing N N 146 
G   N2    H22    sing N N 147 
G   N3    C4     sing N N 148 
HOH O     H1     sing N N 149 
HOH O     H2     sing N N 150 
U   OP3   P      sing N N 151 
U   OP3   HOP3   sing N N 152 
U   P     OP1    doub N N 153 
U   P     OP2    sing N N 154 
U   P     "O5'"  sing N N 155 
U   OP2   HOP2   sing N N 156 
U   "O5'" "C5'"  sing N N 157 
U   "C5'" "C4'"  sing N N 158 
U   "C5'" "H5'"  sing N N 159 
U   "C5'" "H5''" sing N N 160 
U   "C4'" "O4'"  sing N N 161 
U   "C4'" "C3'"  sing N N 162 
U   "C4'" "H4'"  sing N N 163 
U   "O4'" "C1'"  sing N N 164 
U   "C3'" "O3'"  sing N N 165 
U   "C3'" "C2'"  sing N N 166 
U   "C3'" "H3'"  sing N N 167 
U   "O3'" "HO3'" sing N N 168 
U   "C2'" "O2'"  sing N N 169 
U   "C2'" "C1'"  sing N N 170 
U   "C2'" "H2'"  sing N N 171 
U   "O2'" "HO2'" sing N N 172 
U   "C1'" N1     sing N N 173 
U   "C1'" "H1'"  sing N N 174 
U   N1    C2     sing N N 175 
U   N1    C6     sing N N 176 
U   C2    O2     doub N N 177 
U   C2    N3     sing N N 178 
U   N3    C4     sing N N 179 
U   N3    H3     sing N N 180 
U   C4    O4     doub N N 181 
U   C4    C5     sing N N 182 
U   C5    C6     doub N N 183 
U   C5    H5     sing N N 184 
U   C6    H6     sing N N 185 
# 
loop_
_ndb_struct_conf_na.entry_id 
_ndb_struct_conf_na.feature 
1F27 'double helix'        
1F27 'a-form double helix' 
# 
loop_
_ndb_struct_na_base_pair.model_number 
_ndb_struct_na_base_pair.i_label_asym_id 
_ndb_struct_na_base_pair.i_label_comp_id 
_ndb_struct_na_base_pair.i_label_seq_id 
_ndb_struct_na_base_pair.i_symmetry 
_ndb_struct_na_base_pair.j_label_asym_id 
_ndb_struct_na_base_pair.j_label_comp_id 
_ndb_struct_na_base_pair.j_label_seq_id 
_ndb_struct_na_base_pair.j_symmetry 
_ndb_struct_na_base_pair.shear 
_ndb_struct_na_base_pair.stretch 
_ndb_struct_na_base_pair.stagger 
_ndb_struct_na_base_pair.buckle 
_ndb_struct_na_base_pair.propeller 
_ndb_struct_na_base_pair.opening 
_ndb_struct_na_base_pair.pair_number 
_ndb_struct_na_base_pair.pair_name 
_ndb_struct_na_base_pair.i_auth_asym_id 
_ndb_struct_na_base_pair.i_auth_seq_id 
_ndb_struct_na_base_pair.i_PDB_ins_code 
_ndb_struct_na_base_pair.j_auth_asym_id 
_ndb_struct_na_base_pair.j_auth_seq_id 
_ndb_struct_na_base_pair.j_PDB_ins_code 
_ndb_struct_na_base_pair.hbond_type_28 
_ndb_struct_na_base_pair.hbond_type_12 
1 A A 1  1_555 A U 18 1_555 0.096  -0.149 0.064  6.292  -11.254 -2.210 1  A_A3:U20_A  A 3  ? A 20 ? 20 1 
1 A C 2  1_555 A G 17 1_555 0.297  -0.158 -0.032 10.904 -18.797 3.054  2  A_C4:G19_A  A 4  ? A 19 ? 19 1 
1 A C 3  1_555 A G 16 1_555 0.145  -0.131 -0.151 5.289  -12.611 -0.352 3  A_C5:G18_A  A 5  ? A 18 ? 19 1 
1 A G 4  1_555 A C 15 1_555 0.043  -0.163 0.075  3.091  -5.580  -1.116 4  A_G6:C17_A  A 6  ? A 17 ? 19 1 
1 A U 5  1_555 A A 14 1_555 0.200  -0.063 -0.370 18.693 1.315   9.522  5  A_U7:A16_A  A 7  ? A 16 ? 20 1 
1 B G 6  1_555 A C 13 1_555 -0.258 -0.122 0.158  12.700 -4.600  1.995  6  B_G27:C15_A B 27 ? A 15 ? 19 1 
1 B U 7  1_555 A A 12 1_555 0.001  -0.111 0.001  10.548 -10.690 -0.309 7  B_U28:A14_A B 28 ? A 14 ? 20 1 
1 B C 8  1_555 A G 11 1_555 0.213  -0.105 -0.010 9.759  -16.803 0.558  8  B_C29:G13_A B 29 ? A 13 ? 19 1 
1 B C 9  1_555 A G 10 1_555 0.100  -0.168 0.019  2.293  -12.850 0.939  9  B_C30:G12_A B 30 ? A 12 ? 19 1 
1 B U 10 1_555 A A 9  1_555 0.167  -0.348 0.210  0.727  -10.900 -0.636 10 B_U31:A11_A B 31 ? A 11 ? 20 1 
1 B C 11 1_555 A G 8  1_555 0.273  -0.178 0.066  4.818  -9.783  2.767  11 B_C32:G10_A B 32 ? A 10 ? 19 1 
# 
loop_
_ndb_struct_na_base_pair_step.model_number 
_ndb_struct_na_base_pair_step.i_label_asym_id_1 
_ndb_struct_na_base_pair_step.i_label_comp_id_1 
_ndb_struct_na_base_pair_step.i_label_seq_id_1 
_ndb_struct_na_base_pair_step.i_symmetry_1 
_ndb_struct_na_base_pair_step.j_label_asym_id_1 
_ndb_struct_na_base_pair_step.j_label_comp_id_1 
_ndb_struct_na_base_pair_step.j_label_seq_id_1 
_ndb_struct_na_base_pair_step.j_symmetry_1 
_ndb_struct_na_base_pair_step.i_label_asym_id_2 
_ndb_struct_na_base_pair_step.i_label_comp_id_2 
_ndb_struct_na_base_pair_step.i_label_seq_id_2 
_ndb_struct_na_base_pair_step.i_symmetry_2 
_ndb_struct_na_base_pair_step.j_label_asym_id_2 
_ndb_struct_na_base_pair_step.j_label_comp_id_2 
_ndb_struct_na_base_pair_step.j_label_seq_id_2 
_ndb_struct_na_base_pair_step.j_symmetry_2 
_ndb_struct_na_base_pair_step.shift 
_ndb_struct_na_base_pair_step.slide 
_ndb_struct_na_base_pair_step.rise 
_ndb_struct_na_base_pair_step.tilt 
_ndb_struct_na_base_pair_step.roll 
_ndb_struct_na_base_pair_step.twist 
_ndb_struct_na_base_pair_step.x_displacement 
_ndb_struct_na_base_pair_step.y_displacement 
_ndb_struct_na_base_pair_step.helical_rise 
_ndb_struct_na_base_pair_step.inclination 
_ndb_struct_na_base_pair_step.tip 
_ndb_struct_na_base_pair_step.helical_twist 
_ndb_struct_na_base_pair_step.step_number 
_ndb_struct_na_base_pair_step.step_name 
_ndb_struct_na_base_pair_step.i_auth_asym_id_1 
_ndb_struct_na_base_pair_step.i_auth_seq_id_1 
_ndb_struct_na_base_pair_step.i_PDB_ins_code_1 
_ndb_struct_na_base_pair_step.j_auth_asym_id_1 
_ndb_struct_na_base_pair_step.j_auth_seq_id_1 
_ndb_struct_na_base_pair_step.j_PDB_ins_code_1 
_ndb_struct_na_base_pair_step.i_auth_asym_id_2 
_ndb_struct_na_base_pair_step.i_auth_seq_id_2 
_ndb_struct_na_base_pair_step.i_PDB_ins_code_2 
_ndb_struct_na_base_pair_step.j_auth_asym_id_2 
_ndb_struct_na_base_pair_step.j_auth_seq_id_2 
_ndb_struct_na_base_pair_step.j_PDB_ins_code_2 
1 A A 1  1_555 A U 18 1_555 A C 2  1_555 A G 17 1_555 0.880  -1.265 3.081 1.400   4.949  33.929 -2.859 -1.291 2.906 8.421  -2.382 
34.305 1  AA_A3C4:G19U20_AA   A 3  ? A 20 ? A 4  ? A 19 ? 
1 A C 2  1_555 A G 17 1_555 A C 3  1_555 A G 16 1_555 -0.669 -1.774 3.359 -0.881  9.307  30.853 -4.780 1.057  2.739 17.011 1.610  
32.206 2  AA_C4C5:G18G19_AA   A 4  ? A 19 ? A 5  ? A 18 ? 
1 A C 3  1_555 A G 16 1_555 A G 4  1_555 A C 15 1_555 -0.309 -1.692 3.269 -2.047  11.476 27.461 -5.457 0.215  2.400 22.909 4.086  
29.789 3  AA_C5G6:C17G18_AA   A 5  ? A 18 ? A 6  ? A 17 ? 
1 A G 4  1_555 A C 15 1_555 A U 5  1_555 A A 14 1_555 0.735  -1.150 3.118 2.109   12.521 22.924 -5.524 -1.121 2.253 28.838 -4.857 
26.165 4  AA_G6U7:A16C17_AA   A 6  ? A 17 ? A 7  ? A 16 ? 
1 A U 5  1_555 A A 14 1_555 B G 6  1_555 A C 13 1_555 -2.765 0.145  3.325 -12.663 7.187  43.088 -0.538 2.305  3.923 9.469  16.683 
45.370 5  AB_U7G27:C15A16_AA  A 7  ? A 16 ? B 27 ? A 15 ? 
1 B G 6  1_555 A C 13 1_555 B U 7  1_555 A A 12 1_555 -0.543 -0.867 3.370 -2.280  4.883  31.232 -2.503 0.568  3.231 8.986  4.195  
31.682 6  BB_G27U28:A14C15_AA B 27 ? A 15 ? B 28 ? A 14 ? 
1 B U 7  1_555 A A 12 1_555 B C 8  1_555 A G 11 1_555 0.521  -1.667 3.256 0.238   3.748  34.894 -3.309 -0.830 3.069 6.227  -0.395 
35.089 7  BB_U28C29:G13A14_AA B 28 ? A 14 ? B 29 ? A 13 ? 
1 B C 8  1_555 A G 11 1_555 B C 9  1_555 A G 10 1_555 -0.758 -2.137 3.302 -2.841  10.494 28.182 -6.047 0.931  2.431 20.607 5.578  
30.166 8  BB_C29C30:G12G13_AA B 29 ? A 13 ? B 30 ? A 12 ? 
1 B C 9  1_555 A G 10 1_555 B U 10 1_555 A A 9  1_555 -0.629 -1.616 3.236 -3.391  8.545  30.043 -4.487 0.567  2.737 16.018 6.358  
31.387 9  BB_C30U31:A11G12_AA B 30 ? A 12 ? B 31 ? A 11 ? 
1 B U 10 1_555 A A 9  1_555 B C 11 1_555 A G 8  1_555 0.568  -1.455 3.130 2.457   3.731  32.191 -3.213 -0.612 2.981 6.688  -4.405 
32.491 10 BB_U31C32:G10A11_AA B 31 ? A 11 ? B 32 ? A 10 ? 
# 
_atom_sites.entry_id                    1F27 
_atom_sites.fract_transf_matrix[1][1]   0.00921336 
_atom_sites.fract_transf_matrix[1][2]   0.02002483 
_atom_sites.fract_transf_matrix[1][3]   -0.00518488 
_atom_sites.fract_transf_matrix[2][1]   -0.02003549 
_atom_sites.fract_transf_matrix[2][2]   0.00269567 
_atom_sites.fract_transf_matrix[2][3]   -0.02519131 
_atom_sites.fract_transf_matrix[3][1]   -0.00816574 
_atom_sites.fract_transf_matrix[3][2]   0.01311369 
_atom_sites.fract_transf_matrix[3][3]   0.00789775 
_atom_sites.fract_transf_vector[1]      0.483305 
_atom_sites.fract_transf_vector[2]      0.269928 
_atom_sites.fract_transf_vector[3]      0.231750 
# 
loop_
_atom_type.symbol 
C  
MG 
N  
O  
P  
S  
# 
loop_
_atom_site.group_PDB 
_atom_site.id 
_atom_site.type_symbol 
_atom_site.label_atom_id 
_atom_site.label_alt_id 
_atom_site.label_comp_id 
_atom_site.label_asym_id 
_atom_site.label_entity_id 
_atom_site.label_seq_id 
_atom_site.pdbx_PDB_ins_code 
_atom_site.Cartn_x 
_atom_site.Cartn_y 
_atom_site.Cartn_z 
_atom_site.occupancy 
_atom_site.B_iso_or_equiv 
_atom_site.pdbx_formal_charge 
_atom_site.auth_seq_id 
_atom_site.auth_comp_id 
_atom_site.auth_asym_id 
_atom_site.auth_atom_id 
_atom_site.pdbx_PDB_model_num 
ATOM   1   C  "C5'" . A   A 1 1  ? 3.044   -1.365  -16.330 1.00 16.99 ? 3   A   A "C5'" 1 
ATOM   2   C  "C4'" . A   A 1 1  ? 2.392   -2.694  -16.073 1.00 14.76 ? 3   A   A "C4'" 1 
ATOM   3   O  "O4'" . A   A 1 1  ? 3.407   -3.728  -16.028 1.00 14.59 ? 3   A   A "O4'" 1 
ATOM   4   C  "C3'" . A   A 1 1  ? 1.639   -2.853  -14.759 1.00 14.03 ? 3   A   A "C3'" 1 
ATOM   5   O  "O3'" . A   A 1 1  ? 0.322   -2.280  -14.828 1.00 14.16 ? 3   A   A "O3'" 1 
ATOM   6   C  "C2'" . A   A 1 1  ? 1.618   -4.367  -14.616 1.00 12.64 ? 3   A   A "C2'" 1 
ATOM   7   O  "O2'" . A   A 1 1  ? 0.679   -4.954  -15.515 1.00 14.35 ? 3   A   A "O2'" 1 
ATOM   8   C  "C1'" . A   A 1 1  ? 3.039   -4.718  -15.071 1.00 11.69 ? 3   A   A "C1'" 1 
ATOM   9   N  N9    . A   A 1 1  ? 4.014   -4.653  -13.988 1.00 10.61 ? 3   A   A N9    1 
ATOM   10  C  C8    . A   A 1 1  ? 4.834   -3.617  -13.637 1.00 9.66  ? 3   A   A C8    1 
ATOM   11  N  N7    . A   A 1 1  ? 5.623   -3.883  -12.622 1.00 8.75  ? 3   A   A N7    1 
ATOM   12  C  C5    . A   A 1 1  ? 5.281   -5.178  -12.272 1.00 8.26  ? 3   A   A C5    1 
ATOM   13  C  C6    . A   A 1 1  ? 5.771   -6.039  -11.279 1.00 6.60  ? 3   A   A C6    1 
ATOM   14  N  N6    . A   A 1 1  ? 6.723   -5.726  -10.411 1.00 8.84  ? 3   A   A N6    1 
ATOM   15  N  N1    . A   A 1 1  ? 5.211   -7.265  -11.196 1.00 8.12  ? 3   A   A N1    1 
ATOM   16  C  C2    . A   A 1 1  ? 4.251   -7.607  -12.074 1.00 8.72  ? 3   A   A C2    1 
ATOM   17  N  N3    . A   A 1 1  ? 3.727   -6.895  -13.070 1.00 10.09 ? 3   A   A N3    1 
ATOM   18  C  C4    . A   A 1 1  ? 4.288   -5.666  -13.107 1.00 9.58  ? 3   A   A C4    1 
ATOM   19  P  P     . C   A 1 2  ? -0.382  -1.716  -13.506 1.00 15.92 ? 4   C   A P     1 
ATOM   20  O  OP1   . C   A 1 2  ? -1.678  -1.145  -14.002 1.00 17.92 ? 4   C   A OP1   1 
ATOM   21  O  OP2   . C   A 1 2  ? 0.521   -0.887  -12.723 1.00 17.26 ? 4   C   A OP2   1 
ATOM   22  O  "O5'" . C   A 1 2  ? -0.689  -3.018  -12.634 1.00 12.69 ? 4   C   A "O5'" 1 
ATOM   23  C  "C5'" . C   A 1 2  ? -1.517  -4.045  -13.137 1.00 12.65 ? 4   C   A "C5'" 1 
ATOM   24  C  "C4'" . C   A 1 2  ? -1.337  -5.277  -12.304 1.00 10.76 ? 4   C   A "C4'" 1 
ATOM   25  O  "O4'" . C   A 1 2  ? 0.051   -5.668  -12.396 1.00 10.41 ? 4   C   A "O4'" 1 
ATOM   26  C  "C3'" . C   A 1 2  ? -1.548  -5.082  -10.810 1.00 11.48 ? 4   C   A "C3'" 1 
ATOM   27  O  "O3'" . C   A 1 2  ? -2.939  -5.128  -10.483 1.00 12.45 ? 4   C   A "O3'" 1 
ATOM   28  C  "C2'" . C   A 1 2  ? -0.795  -6.282  -10.262 1.00 10.96 ? 4   C   A "C2'" 1 
ATOM   29  O  "O2'" . C   A 1 2  ? -1.539  -7.487  -10.458 1.00 11.86 ? 4   C   A "O2'" 1 
ATOM   30  C  "C1'" . C   A 1 2  ? 0.455   -6.253  -11.158 1.00 9.82  ? 4   C   A "C1'" 1 
ATOM   31  N  N1    . C   A 1 2  ? 1.556   -5.448  -10.599 1.00 8.44  ? 4   C   A N1    1 
ATOM   32  C  C2    . C   A 1 2  ? 2.382   -6.065  -9.660  1.00 9.15  ? 4   C   A C2    1 
ATOM   33  O  O2    . C   A 1 2  ? 2.124   -7.245  -9.353  1.00 9.27  ? 4   C   A O2    1 
ATOM   34  N  N3    . C   A 1 2  ? 3.411   -5.388  -9.120  1.00 8.00  ? 4   C   A N3    1 
ATOM   35  C  C4    . C   A 1 2  ? 3.642   -4.127  -9.491  1.00 7.90  ? 4   C   A C4    1 
ATOM   36  N  N4    . C   A 1 2  ? 4.678   -3.522  -8.942  1.00 10.17 ? 4   C   A N4    1 
ATOM   37  C  C5    . C   A 1 2  ? 2.802   -3.450  -10.450 1.00 9.92  ? 4   C   A C5    1 
ATOM   38  C  C6    . C   A 1 2  ? 1.779   -4.151  -10.970 1.00 8.95  ? 4   C   A C6    1 
ATOM   39  P  P     . C   A 1 3  ? -3.468  -4.333  -9.206  1.00 13.44 ? 5   C   A P     1 
ATOM   40  O  OP1   . C   A 1 3  ? -4.971  -4.360  -9.312  1.00 13.99 ? 5   C   A OP1   1 
ATOM   41  O  OP2   . C   A 1 3  ? -2.790  -3.066  -9.007  1.00 13.65 ? 5   C   A OP2   1 
ATOM   42  O  "O5'" . C   A 1 3  ? -3.047  -5.254  -7.980  1.00 10.09 ? 5   C   A "O5'" 1 
ATOM   43  C  "C5'" . C   A 1 3  ? -3.512  -6.589  -7.878  1.00 8.74  ? 5   C   A "C5'" 1 
ATOM   44  C  "C4'" . C   A 1 3  ? -2.870  -7.242  -6.700  1.00 8.97  ? 5   C   A "C4'" 1 
ATOM   45  O  "O4'" . C   A 1 3  ? -1.451  -7.412  -6.957  1.00 8.81  ? 5   C   A "O4'" 1 
ATOM   46  C  "C3'" . C   A 1 3  ? -2.879  -6.420  -5.420  1.00 8.89  ? 5   C   A "C3'" 1 
ATOM   47  O  "O3'" . C   A 1 3  ? -4.165  -6.489  -4.783  1.00 10.74 ? 5   C   A "O3'" 1 
ATOM   48  C  "C2'" . C   A 1 3  ? -1.788  -7.117  -4.625  1.00 9.25  ? 5   C   A "C2'" 1 
ATOM   49  O  "O2'" . C   A 1 3  ? -2.201  -8.408  -4.215  1.00 10.59 ? 5   C   A "O2'" 1 
ATOM   50  C  "C1'" . C   A 1 3  ? -0.753  -7.343  -5.733  1.00 7.15  ? 5   C   A "C1'" 1 
ATOM   51  N  N1    . C   A 1 3  ? 0.199   -6.234  -5.833  1.00 7.18  ? 5   C   A N1    1 
ATOM   52  C  C2    . C   A 1 3  ? 1.290   -6.234  -5.000  1.00 7.23  ? 5   C   A C2    1 
ATOM   53  O  O2    . C   A 1 3  ? 1.385   -7.133  -4.157  1.00 8.67  ? 5   C   A O2    1 
ATOM   54  N  N3    . C   A 1 3  ? 2.220   -5.273  -5.110  1.00 7.40  ? 5   C   A N3    1 
ATOM   55  C  C4    . C   A 1 3  ? 2.065   -4.307  -6.004  1.00 6.19  ? 5   C   A C4    1 
ATOM   56  N  N4    . C   A 1 3  ? 3.008   -3.384  -6.064  1.00 8.35  ? 5   C   A N4    1 
ATOM   57  C  C5    . C   A 1 3  ? 0.915   -4.250  -6.864  1.00 8.55  ? 5   C   A C5    1 
ATOM   58  C  C6    . C   A 1 3  ? 0.018   -5.229  -6.750  1.00 8.38  ? 5   C   A C6    1 
ATOM   59  P  P     . G   A 1 4  ? -4.672  -5.250  -3.908  1.00 11.89 ? 6   G   A P     1 
ATOM   60  O  OP1   . G   A 1 4  ? -6.091  -5.539  -3.589  1.00 14.35 ? 6   G   A OP1   1 
ATOM   61  O  OP2   . G   A 1 4  ? -4.297  -3.991  -4.572  1.00 12.68 ? 6   G   A OP2   1 
ATOM   62  O  "O5'" . G   A 1 4  ? -3.770  -5.346  -2.605  1.00 10.34 ? 6   G   A "O5'" 1 
ATOM   63  C  "C5'" . G   A 1 4  ? -3.912  -6.451  -1.710  1.00 9.81  ? 6   G   A "C5'" 1 
ATOM   64  C  "C4'" . G   A 1 4  ? -2.847  -6.394  -0.656  1.00 9.13  ? 6   G   A "C4'" 1 
ATOM   65  O  "O4'" . G   A 1 4  ? -1.515  -6.452  -1.264  1.00 8.83  ? 6   G   A "O4'" 1 
ATOM   66  C  "C3'" . G   A 1 4  ? -2.790  -5.063  0.056   1.00 9.45  ? 6   G   A "C3'" 1 
ATOM   67  O  "O3'" . G   A 1 4  ? -3.863  -5.022  0.990   1.00 11.67 ? 6   G   A "O3'" 1 
ATOM   68  C  "C2'" . G   A 1 4  ? -1.399  -5.130  0.689   1.00 8.20  ? 6   G   A "C2'" 1 
ATOM   69  O  "O2'" . G   A 1 4  ? -1.392  -5.979  1.852   1.00 9.44  ? 6   G   A "O2'" 1 
ATOM   70  C  "C1'" . G   A 1 4  ? -0.597  -5.742  -0.467  1.00 9.12  ? 6   G   A "C1'" 1 
ATOM   71  N  N9    . G   A 1 4  ? 0.044   -4.718  -1.290  1.00 7.93  ? 6   G   A N9    1 
ATOM   72  C  C8    . G   A 1 4  ? -0.387  -4.193  -2.480  1.00 7.74  ? 6   G   A C8    1 
ATOM   73  N  N7    . G   A 1 4  ? 0.456   -3.331  -2.978  1.00 8.28  ? 6   G   A N7    1 
ATOM   74  C  C5    . G   A 1 4  ? 1.479   -3.265  -2.063  1.00 6.59  ? 6   G   A C5    1 
ATOM   75  C  C6    . G   A 1 4  ? 2.633   -2.496  -2.049  1.00 9.02  ? 6   G   A C6    1 
ATOM   76  O  O6    . G   A 1 4  ? 3.030   -1.687  -2.889  1.00 10.35 ? 6   G   A O6    1 
ATOM   77  N  N1    . G   A 1 4  ? 3.381   -2.711  -0.924  1.00 8.27  ? 6   G   A N1    1 
ATOM   78  C  C2    . G   A 1 4  ? 3.074   -3.589  0.095   1.00 6.58  ? 6   G   A C2    1 
ATOM   79  N  N2    . G   A 1 4  ? 3.929   -3.689  1.090   1.00 8.46  ? 6   G   A N2    1 
ATOM   80  N  N3    . G   A 1 4  ? 1.986   -4.316  0.100   1.00 7.43  ? 6   G   A N3    1 
ATOM   81  C  C4    . G   A 1 4  ? 1.241   -4.109  -1.001  1.00 7.72  ? 6   G   A C4    1 
ATOM   82  P  P     . U   A 1 5  ? -4.625  -3.617  1.286   1.00 12.90 ? 7   U   A P     1 
ATOM   83  O  OP1   . U   A 1 5  ? -5.844  -3.950  2.038   1.00 16.98 ? 7   U   A OP1   1 
ATOM   84  O  OP2   . U   A 1 5  ? -4.731  -2.842  0.050   1.00 12.36 ? 7   U   A OP2   1 
ATOM   85  O  "O5'" . U   A 1 5  ? -3.586  -2.864  2.229   1.00 11.89 ? 7   U   A "O5'" 1 
ATOM   86  C  "C5'" . U   A 1 5  ? -3.038  -3.467  3.425   1.00 11.35 ? 7   U   A "C5'" 1 
ATOM   87  C  "C4'" . U   A 1 5  ? -1.927  -2.567  3.928   1.00 11.17 ? 7   U   A "C4'" 1 
ATOM   88  O  "O4'" . U   A 1 5  ? -0.955  -2.438  2.868   1.00 11.66 ? 7   U   A "O4'" 1 
ATOM   89  C  "C3'" . U   A 1 5  ? -2.483  -1.168  4.222   1.00 11.18 ? 7   U   A "C3'" 1 
ATOM   90  O  "O3'" . U   A 1 5  ? -1.846  -0.673  5.426   1.00 12.17 ? 7   U   A "O3'" 1 
ATOM   91  C  "C2'" . U   A 1 5  ? -1.974  -0.332  3.058   1.00 11.44 ? 7   U   A "C2'" 1 
ATOM   92  O  "O2'" . U   A 1 5  ? -1.789  1.049   3.289   1.00 11.68 ? 7   U   A "O2'" 1 
ATOM   93  C  "C1'" . U   A 1 5  ? -0.690  -1.078  2.662   1.00 10.48 ? 7   U   A "C1'" 1 
ATOM   94  N  N1    . U   A 1 5  ? -0.267  -0.871  1.278   1.00 10.69 ? 7   U   A N1    1 
ATOM   95  C  C2    . U   A 1 5  ? 1.017   -0.365  1.065   1.00 10.68 ? 7   U   A C2    1 
ATOM   96  O  O2    . U   A 1 5  ? 1.863   -0.258  1.935   1.00 12.86 ? 7   U   A O2    1 
ATOM   97  N  N3    . U   A 1 5  ? 1.262   0.022   -0.202  1.00 11.19 ? 7   U   A N3    1 
ATOM   98  C  C4    . U   A 1 5  ? 0.418   -0.082  -1.276  1.00 10.95 ? 7   U   A C4    1 
ATOM   99  O  O4    . U   A 1 5  ? 0.774   0.392   -2.351  1.00 13.75 ? 7   U   A O4    1 
ATOM   100 C  C5    . U   A 1 5  ? -0.848  -0.701  -1.001  1.00 10.49 ? 7   U   A C5    1 
ATOM   101 C  C6    . U   A 1 5  ? -1.139  -1.073  0.243   1.00 9.59  ? 7   U   A C6    1 
ATOM   102 P  P     . C   A 1 6  ? -2.661  -0.511  6.798   1.00 13.87 ? 8   C   A P     1 
ATOM   103 O  OP1   . C   A 1 6  ? -1.613  -0.114  7.783   1.00 14.02 ? 8   C   A OP1   1 
ATOM   104 O  OP2   . C   A 1 6  ? -3.491  -1.689  7.025   1.00 15.11 ? 8   C   A OP2   1 
ATOM   105 O  "O5'" . C   A 1 6  ? -3.646  0.719   6.545   1.00 12.74 ? 8   C   A "O5'" 1 
ATOM   106 C  "C5'" . C   A 1 6  ? -5.048  0.514   6.321   1.00 12.74 ? 8   C   A "C5'" 1 
ATOM   107 C  "C4'" . C   A 1 6  ? -5.640  1.781   5.716   1.00 13.09 ? 8   C   A "C4'" 1 
ATOM   108 O  "O4'" . C   A 1 6  ? -5.566  2.842   6.689   1.00 13.28 ? 8   C   A "O4'" 1 
ATOM   109 C  "C3'" . C   A 1 6  ? -4.811  2.226   4.515   1.00 12.32 ? 8   C   A "C3'" 1 
ATOM   110 O  "O3'" . C   A 1 6  ? -5.666  2.803   3.510   1.00 13.06 ? 8   C   A "O3'" 1 
ATOM   111 C  "C2'" . C   A 1 6  ? -3.983  3.405   5.026   1.00 12.55 ? 8   C   A "C2'" 1 
ATOM   112 O  "O2'" . C   A 1 6  ? -3.703  4.390   4.089   1.00 12.00 ? 8   C   A "O2'" 1 
ATOM   113 C  "C1'" . C   A 1 6  ? -4.871  3.942   6.152   1.00 13.26 ? 8   C   A "C1'" 1 
ATOM   114 N  N1    . C   A 1 6  ? -4.230  4.614   7.259   1.00 13.33 ? 8   C   A N1    1 
ATOM   115 C  C2    . C   A 1 6  ? -4.239  6.003   7.302   1.00 14.39 ? 8   C   A C2    1 
ATOM   116 O  O2    . C   A 1 6  ? -4.793  6.642   6.368   1.00 13.45 ? 8   C   A O2    1 
ATOM   117 N  N3    . C   A 1 6  ? -3.660  6.620   8.358   1.00 14.09 ? 8   C   A N3    1 
ATOM   118 C  C4    . C   A 1 6  ? -3.104  5.891   9.343   1.00 16.81 ? 8   C   A C4    1 
ATOM   119 N  N4    . C   A 1 6  ? -2.565  6.528   10.370  1.00 16.55 ? 8   C   A N4    1 
ATOM   120 C  C5    . C   A 1 6  ? -3.090  4.481   9.313   1.00 15.22 ? 8   C   A C5    1 
ATOM   121 C  C6    . C   A 1 6  ? -3.660  3.888   8.262   1.00 13.94 ? 8   C   A C6    1 
ATOM   122 P  P     . A   A 1 7  ? -6.515  1.875   2.512   1.00 13.10 ? 9   A   A P     1 
ATOM   123 O  OP1   . A   A 1 7  ? -5.702  0.632   2.288   1.00 15.95 ? 9   A   A OP1   1 
ATOM   124 O  OP2   . A   A 1 7  ? -6.905  2.701   1.360   1.00 14.92 ? 9   A   A OP2   1 
ATOM   125 O  "O5'" . A   A 1 7  ? -7.774  1.396   3.356   1.00 16.49 ? 9   A   A "O5'" 1 
ATOM   126 C  "C5'" . A   A 1 7  ? -9.021  2.095   3.353   1.00 21.37 ? 9   A   A "C5'" 1 
ATOM   127 C  "C4'" . A   A 1 7  ? -9.715  1.944   4.706   1.00 24.90 ? 9   A   A "C4'" 1 
ATOM   128 O  "O4'" . A   A 1 7  ? -8.841  2.351   5.769   1.00 24.92 ? 9   A   A "O4'" 1 
ATOM   129 C  "C3'" . A   A 1 7  ? -11.017 2.749   4.840   1.00 27.06 ? 9   A   A "C3'" 1 
ATOM   130 O  "O3'" . A   A 1 7  ? -11.996 1.901   5.468   1.00 29.79 ? 9   A   A "O3'" 1 
ATOM   131 C  "C2'" . A   A 1 7  ? -10.744 3.769   5.941   1.00 28.37 ? 9   A   A "C2'" 1 
ATOM   132 O  "O2'" . A   A 1 7  ? -11.812 3.987   6.832   1.00 31.26 ? 9   A   A "O2'" 1 
ATOM   133 C  "C1'" . A   A 1 7  ? -9.588  3.106   6.685   1.00 26.53 ? 9   A   A "C1'" 1 
ATOM   134 N  N9    . A   A 1 7  ? -8.715  3.968   7.452   1.00 26.31 ? 9   A   A N9    1 
ATOM   135 C  C8    . A   A 1 7  ? -8.452  5.302   7.319   1.00 26.36 ? 9   A   A C8    1 
ATOM   136 N  N7    . A   A 1 7  ? -7.628  5.770   8.223   1.00 26.44 ? 9   A   A N7    1 
ATOM   137 C  C5    . A   A 1 7  ? -7.335  4.661   8.999   1.00 25.87 ? 9   A   A C5    1 
ATOM   138 C  C6    . A   A 1 7  ? -6.526  4.497   10.123  1.00 25.92 ? 9   A   A C6    1 
ATOM   139 N  N6    . A   A 1 7  ? -5.839  5.489   10.670  1.00 26.36 ? 9   A   A N6    1 
ATOM   140 N  N1    . A   A 1 7  ? -6.447  3.267   10.666  1.00 26.35 ? 9   A   A N1    1 
ATOM   141 C  C2    . A   A 1 7  ? -7.143  2.269   10.099  1.00 26.59 ? 9   A   A C2    1 
ATOM   142 N  N3    . A   A 1 7  ? -7.942  2.298   9.037   1.00 26.51 ? 9   A   A N3    1 
ATOM   143 C  C4    . A   A 1 7  ? -7.990  3.546   8.532   1.00 26.33 ? 9   A   A C4    1 
ATOM   144 P  P     . G   A 1 8  ? -12.948 0.956   4.612   1.00 32.93 ? 10  G   A P     1 
ATOM   145 O  OP1   . G   A 1 8  ? -13.661 0.066   5.563   1.00 32.78 ? 10  G   A OP1   1 
ATOM   146 O  OP2   . G   A 1 8  ? -12.180 0.353   3.484   1.00 34.07 ? 10  G   A OP2   1 
ATOM   147 O  "O5'" . G   A 1 8  ? -14.001 1.981   4.042   1.00 30.32 ? 10  G   A "O5'" 1 
ATOM   148 C  "C5'" . G   A 1 8  ? -15.239 1.535   3.555   1.00 28.48 ? 10  G   A "C5'" 1 
ATOM   149 C  "C4'" . G   A 1 8  ? -15.777 2.553   2.621   1.00 27.30 ? 10  G   A "C4'" 1 
ATOM   150 O  "O4'" . G   A 1 8  ? -16.095 3.766   3.371   1.00 25.52 ? 10  G   A "O4'" 1 
ATOM   151 C  "C3'" . G   A 1 8  ? -14.728 3.055   1.654   1.00 27.97 ? 10  G   A "C3'" 1 
ATOM   152 O  "O3'" . G   A 1 8  ? -14.437 2.124   0.610   1.00 29.54 ? 10  G   A "O3'" 1 
ATOM   153 C  "C2'" . G   A 1 8  ? -15.381 4.343   1.206   1.00 26.65 ? 10  G   A "C2'" 1 
ATOM   154 O  "O2'" . G   A 1 8  ? -16.529 4.095   0.427   1.00 27.47 ? 10  G   A "O2'" 1 
ATOM   155 C  "C1'" . G   A 1 8  ? -15.843 4.895   2.558   1.00 25.73 ? 10  G   A "C1'" 1 
ATOM   156 N  N9    . G   A 1 8  ? -14.814 5.711   3.199   1.00 23.42 ? 10  G   A N9    1 
ATOM   157 C  C8    . G   A 1 8  ? -14.031 5.384   4.273   1.00 23.02 ? 10  G   A C8    1 
ATOM   158 N  N7    . G   A 1 8  ? -13.202 6.338   4.611   1.00 22.99 ? 10  G   A N7    1 
ATOM   159 C  C5    . G   A 1 8  ? -13.462 7.358   3.697   1.00 22.18 ? 10  G   A C5    1 
ATOM   160 C  C6    . G   A 1 8  ? -12.892 8.650   3.573   1.00 21.15 ? 10  G   A C6    1 
ATOM   161 O  O6    . G   A 1 8  ? -12.012 9.166   4.277   1.00 23.21 ? 10  G   A O6    1 
ATOM   162 N  N1    . G   A 1 8  ? -13.446 9.364   2.509   1.00 21.01 ? 10  G   A N1    1 
ATOM   163 C  C2    . G   A 1 8  ? -14.444 8.892   1.678   1.00 21.96 ? 10  G   A C2    1 
ATOM   164 N  N2    . G   A 1 8  ? -14.852 9.712   0.691   1.00 22.96 ? 10  G   A N2    1 
ATOM   165 N  N3    . G   A 1 8  ? -14.991 7.700   1.799   1.00 21.65 ? 10  G   A N3    1 
ATOM   166 C  C4    . G   A 1 8  ? -14.451 6.987   2.818   1.00 22.39 ? 10  G   A C4    1 
ATOM   167 P  P     . A   A 1 9  ? -12.964 2.120   -0.063  1.00 29.43 ? 11  A   A P     1 
ATOM   168 O  OP1   . A   A 1 9  ? -12.844 0.826   -0.795  1.00 31.38 ? 11  A   A OP1   1 
ATOM   169 O  OP2   . A   A 1 9  ? -11.915 2.475   0.934   1.00 29.96 ? 11  A   A OP2   1 
ATOM   170 O  "O5'" . A   A 1 9  ? -13.112 3.279   -1.132  1.00 29.96 ? 11  A   A "O5'" 1 
ATOM   171 C  "C5'" . A   A 1 9  ? -14.291 3.364   -1.925  1.00 28.39 ? 11  A   A "C5'" 1 
ATOM   172 C  "C4'" . A   A 1 9  ? -14.310 4.659   -2.688  1.00 28.63 ? 11  A   A "C4'" 1 
ATOM   173 O  "O4'" . A   A 1 9  ? -14.606 5.765   -1.781  1.00 27.04 ? 11  A   A "O4'" 1 
ATOM   174 C  "C3'" . A   A 1 9  ? -12.976 5.039   -3.301  1.00 28.29 ? 11  A   A "C3'" 1 
ATOM   175 O  "O3'" . A   A 1 9  ? -12.700 4.312   -4.502  1.00 28.99 ? 11  A   A "O3'" 1 
ATOM   176 C  "C2'" . A   A 1 9  ? -13.124 6.551   -3.457  1.00 27.33 ? 11  A   A "C2'" 1 
ATOM   177 O  "O2'" . A   A 1 9  ? -13.940 6.953   -4.528  1.00 27.32 ? 11  A   A "O2'" 1 
ATOM   178 C  "C1'" . A   A 1 9  ? -13.842 6.908   -2.156  1.00 25.36 ? 11  A   A "C1'" 1 
ATOM   179 N  N9    . A   A 1 9  ? -12.883 7.160   -1.088  1.00 22.61 ? 11  A   A N9    1 
ATOM   180 C  C8    . A   A 1 9  ? -12.508 6.284   -0.110  1.00 21.66 ? 11  A   A C8    1 
ATOM   181 N  N7    . A   A 1 9  ? -11.619 6.757   0.714   1.00 21.20 ? 11  A   A N7    1 
ATOM   182 C  C5    . A   A 1 9  ? -11.394 8.040   0.255   1.00 20.46 ? 11  A   A C5    1 
ATOM   183 C  C6    . A   A 1 9  ? -10.561 9.043   0.715   1.00 19.05 ? 11  A   A C6    1 
ATOM   184 N  N6    . A   A 1 9  ? -9.787  8.904   1.785   1.00 19.19 ? 11  A   A N6    1 
ATOM   185 N  N1    . A   A 1 9  ? -10.540 10.209  0.033   1.00 19.19 ? 11  A   A N1    1 
ATOM   186 C  C2    . A   A 1 9  ? -11.337 10.339  -1.036  1.00 20.37 ? 11  A   A C2    1 
ATOM   187 N  N3    . A   A 1 9  ? -12.194 9.451   -1.562  1.00 20.59 ? 11  A   A N3    1 
ATOM   188 C  C4    . A   A 1 9  ? -12.165 8.307   -0.858  1.00 20.99 ? 11  A   A C4    1 
ATOM   189 P  P     . G   A 1 10 ? -11.200 3.777   -4.784  1.00 29.48 ? 12  G   A P     1 
ATOM   190 O  OP1   . G   A 1 10 ? -11.188 2.926   -6.025  1.00 30.60 ? 12  G   A OP1   1 
ATOM   191 O  OP2   . G   A 1 10 ? -10.562 3.256   -3.537  1.00 29.96 ? 12  G   A OP2   1 
ATOM   192 O  "O5'" . G   A 1 10 ? -10.437 5.114   -5.154  1.00 27.57 ? 12  G   A "O5'" 1 
ATOM   193 C  "C5'" . G   A 1 10 ? -10.943 5.965   -6.150  1.00 25.59 ? 12  G   A "C5'" 1 
ATOM   194 C  "C4'" . G   A 1 10 ? -10.254 7.295   -6.080  1.00 24.02 ? 12  G   A "C4'" 1 
ATOM   195 O  "O4'" . G   A 1 10 ? -10.620 7.966   -4.835  1.00 21.65 ? 12  G   A "O4'" 1 
ATOM   196 C  "C3'" . G   A 1 10 ? -8.737  7.269   -6.013  1.00 24.37 ? 12  G   A "C3'" 1 
ATOM   197 O  "O3'" . G   A 1 10 ? -8.185  7.102   -7.312  1.00 27.48 ? 12  G   A "O3'" 1 
ATOM   198 C  "C2'" . G   A 1 10 ? -8.464  8.669   -5.487  1.00 22.19 ? 12  G   A "C2'" 1 
ATOM   199 O  "O2'" . G   A 1 10 ? -8.693  9.641   -6.487  1.00 21.44 ? 12  G   A "O2'" 1 
ATOM   200 C  "C1'" . G   A 1 10 ? -9.546  8.790   -4.415  1.00 20.41 ? 12  G   A "C1'" 1 
ATOM   201 N  N9    . G   A 1 10 ? -9.069  8.309   -3.119  1.00 17.27 ? 12  G   A N9    1 
ATOM   202 C  C8    . G   A 1 10 ? -9.260  7.083   -2.526  1.00 16.67 ? 12  G   A C8    1 
ATOM   203 N  N7    . G   A 1 10 ? -8.659  6.977   -1.361  1.00 14.34 ? 12  G   A N7    1 
ATOM   204 C  C5    . G   A 1 10 ? -8.054  8.213   -1.187  1.00 14.31 ? 12  G   A C5    1 
ATOM   205 C  C6    . G   A 1 10 ? -7.256  8.704   -0.130  1.00 13.43 ? 12  G   A C6    1 
ATOM   206 O  O6    . G   A 1 10 ? -6.927  8.126   0.913   1.00 12.95 ? 12  G   A O6    1 
ATOM   207 N  N1    . G   A 1 10 ? -6.824  10.005  -0.381  1.00 13.37 ? 12  G   A N1    1 
ATOM   208 C  C2    . G   A 1 10 ? -7.128  10.738  -1.509  1.00 14.79 ? 12  G   A C2    1 
ATOM   209 N  N2    . G   A 1 10 ? -6.597  11.973  -1.600  1.00 13.93 ? 12  G   A N2    1 
ATOM   210 N  N3    . G   A 1 10 ? -7.884  10.292  -2.485  1.00 14.08 ? 12  G   A N3    1 
ATOM   211 C  C4    . G   A 1 10 ? -8.302  9.040   -2.266  1.00 15.58 ? 12  G   A C4    1 
ATOM   212 P  P     . G   A 1 11 ? -6.812  6.279   -7.493  1.00 29.26 ? 13  G   A P     1 
ATOM   213 O  OP1   . G   A 1 11 ? -6.581  6.315   -8.968  1.00 31.17 ? 13  G   A OP1   1 
ATOM   214 O  OP2   . G   A 1 11 ? -6.988  4.983   -6.822  1.00 29.63 ? 13  G   A OP2   1 
ATOM   215 O  "O5'" . G   A 1 11 ? -5.689  7.130   -6.734  1.00 28.12 ? 13  G   A "O5'" 1 
ATOM   216 C  "C5'" . G   A 1 11 ? -5.249  8.358   -7.283  1.00 25.86 ? 13  G   A "C5'" 1 
ATOM   217 C  "C4'" . G   A 1 11 ? -4.606  9.253   -6.235  1.00 24.21 ? 13  G   A "C4'" 1 
ATOM   218 O  "O4'" . G   A 1 11 ? -5.361  9.268   -4.989  1.00 22.38 ? 13  G   A "O4'" 1 
ATOM   219 C  "C3'" . G   A 1 11 ? -3.220  8.937   -5.713  1.00 22.74 ? 13  G   A "C3'" 1 
ATOM   220 O  "O3'" . G   A 1 11 ? -2.241  9.204   -6.698  1.00 22.52 ? 13  G   A "O3'" 1 
ATOM   221 C  "C2'" . G   A 1 11 ? -3.136  9.951   -4.579  1.00 21.50 ? 13  G   A "C2'" 1 
ATOM   222 O  "O2'" . G   A 1 11 ? -2.990  11.276  -5.046  1.00 23.49 ? 13  G   A "O2'" 1 
ATOM   223 C  "C1'" . G   A 1 11 ? -4.527  9.813   -3.962  1.00 19.99 ? 13  G   A "C1'" 1 
ATOM   224 N  N9    . G   A 1 11 ? -4.500  8.883   -2.843  1.00 17.15 ? 13  G   A N9    1 
ATOM   225 C  C8    . G   A 1 11 ? -5.094  7.658   -2.771  1.00 14.60 ? 13  G   A C8    1 
ATOM   226 N  N7    . G   A 1 11 ? -4.920  7.069   -1.622  1.00 15.35 ? 13  G   A N7    1 
ATOM   227 C  C5    . G   A 1 11 ? -4.147  7.969   -0.887  1.00 12.60 ? 13  G   A C5    1 
ATOM   228 C  C6    . G   A 1 11 ? -3.633  7.882   0.443   1.00 12.20 ? 13  G   A C6    1 
ATOM   229 O  O6    . G   A 1 11 ? -3.779  6.979   1.277   1.00 12.42 ? 13  G   A O6    1 
ATOM   230 N  N1    . G   A 1 11 ? -2.874  9.012   0.770   1.00 11.43 ? 13  G   A N1    1 
ATOM   231 C  C2    . G   A 1 11 ? -2.663  10.080  -0.049  1.00 12.40 ? 13  G   A C2    1 
ATOM   232 N  N2    . G   A 1 11 ? -1.921  11.066  0.486   1.00 12.97 ? 13  G   A N2    1 
ATOM   233 N  N3    . G   A 1 11 ? -3.150  10.176  -1.285  1.00 15.47 ? 13  G   A N3    1 
ATOM   234 C  C4    . G   A 1 11 ? -3.870  9.088   -1.628  1.00 15.17 ? 13  G   A C4    1 
ATOM   235 P  P     . A   A 1 12 ? -0.799  8.493   -6.609  1.00 25.25 ? 14  A   A P     1 
ATOM   236 O  OP1   . A   A 1 12 ? -0.111  8.788   -7.906  1.00 25.38 ? 14  A   A OP1   1 
ATOM   237 O  OP2   . A   A 1 12 ? -0.964  7.089   -6.181  1.00 24.07 ? 14  A   A OP2   1 
ATOM   238 O  "O5'" . A   A 1 12 ? -0.061  9.270   -5.439  1.00 22.29 ? 14  A   A "O5'" 1 
ATOM   239 C  "C5'" . A   A 1 12 ? 0.257   10.641  -5.555  1.00 20.87 ? 14  A   A "C5'" 1 
ATOM   240 C  "C4'" . A   A 1 12 ? 1.030   11.077  -4.341  1.00 21.13 ? 14  A   A "C4'" 1 
ATOM   241 O  "O4'" . A   A 1 12 ? 0.191   11.036  -3.142  1.00 20.04 ? 14  A   A "O4'" 1 
ATOM   242 C  "C3'" . A   A 1 12 ? 2.198   10.168  -3.988  1.00 21.32 ? 14  A   A "C3'" 1 
ATOM   243 O  "O3'" . A   A 1 12 ? 3.329   10.484  -4.817  1.00 24.55 ? 14  A   A "O3'" 1 
ATOM   244 C  "C2'" . A   A 1 12 ? 2.426   10.559  -2.541  1.00 20.55 ? 14  A   A "C2'" 1 
ATOM   245 O  "O2'" . A   A 1 12 ? 3.037   11.823  -2.476  1.00 21.59 ? 14  A   A "O2'" 1 
ATOM   246 C  "C1'" . A   A 1 12 ? 0.992   10.678  -2.024  1.00 18.63 ? 14  A   A "C1'" 1 
ATOM   247 N  N9    . A   A 1 12 ? 0.505   9.405   -1.489  1.00 15.98 ? 14  A   A N9    1 
ATOM   248 C  C8    . A   A 1 12 ? -0.266  8.473   -2.135  1.00 15.75 ? 14  A   A C8    1 
ATOM   249 N  N7    . A   A 1 12 ? -0.599  7.458   -1.384  1.00 14.75 ? 14  A   A N7    1 
ATOM   250 C  C5    . A   A 1 12 ? 0.003   7.731   -0.167  1.00 13.53 ? 14  A   A C5    1 
ATOM   251 C  C6    . A   A 1 12 ? -0.009  7.045   1.071   1.00 11.07 ? 14  A   A C6    1 
ATOM   252 N  N6    . A   A 1 12 ? -0.692  5.905   1.280   1.00 12.32 ? 14  A   A N6    1 
ATOM   253 N  N1    . A   A 1 12 ? 0.687   7.585   2.093   1.00 12.69 ? 14  A   A N1    1 
ATOM   254 C  C2    . A   A 1 12 ? 1.331   8.735   1.893   1.00 14.74 ? 14  A   A C2    1 
ATOM   255 N  N3    . A   A 1 12 ? 1.395   9.475   0.789   1.00 14.77 ? 14  A   A N3    1 
ATOM   256 C  C4    . A   A 1 12 ? 0.702   8.911   -0.215  1.00 14.43 ? 14  A   A C4    1 
ATOM   257 P  P     . C   A 1 13 ? 4.369   9.329   -5.244  1.00 24.29 ? 15  C   A P     1 
ATOM   258 O  OP1   . C   A 1 13 ? 5.300   9.906   -6.251  1.00 27.55 ? 15  C   A OP1   1 
ATOM   259 O  OP2   . C   A 1 13 ? 3.619   8.103   -5.582  1.00 26.06 ? 15  C   A OP2   1 
ATOM   260 O  "O5'" . C   A 1 13 ? 5.189   9.061   -3.894  1.00 23.86 ? 15  C   A "O5'" 1 
ATOM   261 C  "C5'" . C   A 1 13 ? 5.853   10.144  -3.223  1.00 23.85 ? 15  C   A "C5'" 1 
ATOM   262 C  "C4'" . C   A 1 13 ? 6.171   9.799   -1.783  1.00 22.30 ? 15  C   A "C4'" 1 
ATOM   263 O  "O4'" . C   A 1 13 ? 4.942   9.608   -1.028  1.00 21.87 ? 15  C   A "O4'" 1 
ATOM   264 C  "C3'" . C   A 1 13 ? 6.942   8.506   -1.541  1.00 23.81 ? 15  C   A "C3'" 1 
ATOM   265 O  "O3'" . C   A 1 13 ? 8.336   8.693   -1.746  1.00 25.20 ? 15  C   A "O3'" 1 
ATOM   266 C  "C2'" . C   A 1 13 ? 6.627   8.229   -0.072  1.00 22.29 ? 15  C   A "C2'" 1 
ATOM   267 O  "O2'" . C   A 1 13 ? 7.313   9.045   0.859   1.00 23.52 ? 15  C   A "O2'" 1 
ATOM   268 C  "C1'" . C   A 1 13 ? 5.165   8.652   0.006   1.00 21.02 ? 15  C   A "C1'" 1 
ATOM   269 N  N1    . C   A 1 13 ? 4.274   7.502   -0.200  1.00 18.71 ? 15  C   A N1    1 
ATOM   270 C  C2    . C   A 1 13 ? 4.038   6.651   0.886   1.00 17.10 ? 15  C   A C2    1 
ATOM   271 O  O2    . C   A 1 13 ? 4.610   6.879   1.964   1.00 18.07 ? 15  C   A O2    1 
ATOM   272 N  N3    . C   A 1 13 ? 3.198   5.608   0.740   1.00 14.86 ? 15  C   A N3    1 
ATOM   273 C  C4    . C   A 1 13 ? 2.596   5.402   -0.427  1.00 15.16 ? 15  C   A C4    1 
ATOM   274 N  N4    . C   A 1 13 ? 1.739   4.385   -0.508  1.00 12.86 ? 15  C   A N4    1 
ATOM   275 C  C5    . C   A 1 13 ? 2.838   6.236   -1.560  1.00 15.02 ? 15  C   A C5    1 
ATOM   276 C  C6    . C   A 1 13 ? 3.680   7.267   -1.402  1.00 17.28 ? 15  C   A C6    1 
ATOM   277 P  P     . A   A 1 14 ? 9.192   7.570   -2.506  1.00 28.28 ? 16  A   A P     1 
ATOM   278 O  OP1   . A   A 1 14 ? 10.528  8.184   -2.742  1.00 27.85 ? 16  A   A OP1   1 
ATOM   279 O  OP2   . A   A 1 14 ? 8.449   6.999   -3.666  1.00 27.78 ? 16  A   A OP2   1 
ATOM   280 O  "O5'" . A   A 1 14 ? 9.332   6.416   -1.411  1.00 26.91 ? 16  A   A "O5'" 1 
ATOM   281 C  "C5'" . A   A 1 14 ? 9.905   6.687   -0.131  1.00 26.18 ? 16  A   A "C5'" 1 
ATOM   282 C  "C4'" . A   A 1 14 ? 9.498   5.639   0.876   1.00 25.46 ? 16  A   A "C4'" 1 
ATOM   283 O  "O4'" . A   A 1 14 ? 8.061   5.709   1.105   1.00 24.94 ? 16  A   A "O4'" 1 
ATOM   284 C  "C3'" . A   A 1 14 ? 9.748   4.191   0.487   1.00 25.13 ? 16  A   A "C3'" 1 
ATOM   285 O  "O3'" . A   A 1 14 ? 11.124  3.780   0.653   1.00 24.98 ? 16  A   A "O3'" 1 
ATOM   286 C  "C2'" . A   A 1 14 ? 8.772   3.468   1.403   1.00 24.51 ? 16  A   A "C2'" 1 
ATOM   287 O  "O2'" . A   A 1 14 ? 9.173   3.416   2.757   1.00 25.83 ? 16  A   A "O2'" 1 
ATOM   288 C  "C1'" . A   A 1 14 ? 7.553   4.393   1.327   1.00 22.69 ? 16  A   A "C1'" 1 
ATOM   289 N  N9    . A   A 1 14 ? 6.676   4.055   0.212   1.00 19.36 ? 16  A   A N9    1 
ATOM   290 C  C8    . A   A 1 14 ? 6.706   4.539   -1.059  1.00 18.05 ? 16  A   A C8    1 
ATOM   291 N  N7    . A   A 1 14 ? 5.783   4.034   -1.851  1.00 17.90 ? 16  A   A N7    1 
ATOM   292 C  C5    . A   A 1 14 ? 5.106   3.146   -1.030  1.00 15.58 ? 16  A   A C5    1 
ATOM   293 C  C6    . A   A 1 14 ? 4.027   2.277   -1.273  1.00 14.30 ? 16  A   A C6    1 
ATOM   294 N  N6    . A   A 1 14 ? 3.425   2.159   -2.461  1.00 14.35 ? 16  A   A N6    1 
ATOM   295 N  N1    . A   A 1 14 ? 3.590   1.521   -0.239  1.00 13.19 ? 16  A   A N1    1 
ATOM   296 C  C2    . A   A 1 14 ? 4.201   1.643   0.952   1.00 14.23 ? 16  A   A C2    1 
ATOM   297 N  N3    . A   A 1 14 ? 5.230   2.432   1.301   1.00 17.06 ? 16  A   A N3    1 
ATOM   298 C  C4    . A   A 1 14 ? 5.637   3.153   0.245   1.00 17.20 ? 16  A   A C4    1 
ATOM   299 P  P     . C   A 1 15 ? 11.735  2.666   -0.331  1.00 25.76 ? 17  C   A P     1 
ATOM   300 O  OP1   . C   A 1 15 ? 13.217  2.710   -0.218  1.00 27.26 ? 17  C   A OP1   1 
ATOM   301 O  OP2   . C   A 1 15 ? 11.097  2.710   -1.663  1.00 26.41 ? 17  C   A OP2   1 
ATOM   302 O  "O5'" . C   A 1 15 ? 11.253  1.305   0.348   1.00 21.86 ? 17  C   A "O5'" 1 
ATOM   303 C  "C5'" . C   A 1 15 ? 11.574  1.029   1.692   1.00 20.48 ? 17  C   A "C5'" 1 
ATOM   304 C  "C4'" . C   A 1 15 ? 10.690  -0.080  2.211   1.00 16.13 ? 17  C   A "C4'" 1 
ATOM   305 O  "O4'" . C   A 1 15 ? 9.312   0.371   2.182   1.00 15.60 ? 17  C   A "O4'" 1 
ATOM   306 C  "C3'" . C   A 1 15 ? 10.617  -1.339  1.364   1.00 15.38 ? 17  C   A "C3'" 1 
ATOM   307 O  "O3'" . C   A 1 15 ? 11.771  -2.154  1.494   1.00 15.55 ? 17  C   A "O3'" 1 
ATOM   308 C  "C2'" . C   A 1 15 ? 9.373   -1.975  1.952   1.00 13.79 ? 17  C   A "C2'" 1 
ATOM   309 O  "O2'" . C   A 1 15 ? 9.576   -2.418  3.280   1.00 14.84 ? 17  C   A "O2'" 1 
ATOM   310 C  "C1'" . C   A 1 15 ? 8.447   -0.758  2.032   1.00 13.91 ? 17  C   A "C1'" 1 
ATOM   311 N  N1    . C   A 1 15 ? 7.690   -0.596  0.796   1.00 12.08 ? 17  C   A N1    1 
ATOM   312 C  C2    . C   A 1 15 ? 6.519   -1.339  0.644   1.00 10.78 ? 17  C   A C2    1 
ATOM   313 O  O2    . C   A 1 15 ? 6.163   -2.077  1.576   1.00 11.37 ? 17  C   A O2    1 
ATOM   314 N  N3    . C   A 1 15 ? 5.819   -1.252  -0.496  1.00 10.16 ? 17  C   A N3    1 
ATOM   315 C  C4    . C   A 1 15 ? 6.250   -0.466  -1.491  1.00 10.35 ? 17  C   A C4    1 
ATOM   316 N  N4    . C   A 1 15 ? 5.546   -0.440  -2.605  1.00 12.38 ? 17  C   A N4    1 
ATOM   317 C  C5    . C   A 1 15 ? 7.450   0.336   -1.374  1.00 11.01 ? 17  C   A C5    1 
ATOM   318 C  C6    . C   A 1 15 ? 8.121   0.242   -0.211  1.00 12.68 ? 17  C   A C6    1 
ATOM   319 P  P     . G   A 1 16 ? 12.168  -3.137  0.304   1.00 16.88 ? 18  G   A P     1 
ATOM   320 O  OP1   . G   A 1 16 ? 13.461  -3.738  0.699   1.00 19.12 ? 18  G   A OP1   1 
ATOM   321 O  OP2   . G   A 1 16 ? 12.002  -2.519  -1.021  1.00 18.17 ? 18  G   A OP2   1 
ATOM   322 O  "O5'" . G   A 1 16 ? 11.068  -4.292  0.378   1.00 14.84 ? 18  G   A "O5'" 1 
ATOM   323 C  "C5'" . G   A 1 16 ? 10.931  -5.036  1.574   1.00 12.86 ? 18  G   A "C5'" 1 
ATOM   324 C  "C4'" . G   A 1 16 ? 9.655   -5.832  1.553   1.00 10.63 ? 18  G   A "C4'" 1 
ATOM   325 O  "O4'" . G   A 1 16 ? 8.502   -4.947  1.474   1.00 10.09 ? 18  G   A "O4'" 1 
ATOM   326 C  "C3'" . G   A 1 16 ? 9.454   -6.749  0.361   1.00 9.55  ? 18  G   A "C3'" 1 
ATOM   327 O  "O3'" . G   A 1 16 ? 10.210  -7.949  0.487   1.00 11.26 ? 18  G   A "O3'" 1 
ATOM   328 C  "C2'" . G   A 1 16 ? 7.964   -7.011  0.456   1.00 8.69  ? 18  G   A "C2'" 1 
ATOM   329 O  "O2'" . G   A 1 16 ? 7.675   -7.768  1.597   1.00 10.04 ? 18  G   A "O2'" 1 
ATOM   330 C  "C1'" . G   A 1 16 ? 7.457   -5.612  0.781   1.00 8.47  ? 18  G   A "C1'" 1 
ATOM   331 N  N9    . G   A 1 16 ? 7.229   -4.907  -0.473  1.00 7.77  ? 18  G   A N9    1 
ATOM   332 C  C8    . G   A 1 16 ? 8.013   -3.941  -1.074  1.00 8.99  ? 18  G   A C8    1 
ATOM   333 N  N7    . G   A 1 16 ? 7.508   -3.501  -2.189  1.00 9.19  ? 18  G   A N7    1 
ATOM   334 C  C5    . G   A 1 16 ? 6.316   -4.220  -2.331  1.00 7.45  ? 18  G   A C5    1 
ATOM   335 C  C6    . G   A 1 16 ? 5.364   -4.208  -3.345  1.00 7.43  ? 18  G   A C6    1 
ATOM   336 O  O6    . G   A 1 16 ? 5.337   -3.496  -4.357  1.00 9.11  ? 18  G   A O6    1 
ATOM   337 N  N1    . G   A 1 16 ? 4.340   -5.145  -3.127  1.00 6.47  ? 18  G   A N1    1 
ATOM   338 C  C2    . G   A 1 16 ? 4.274   -5.972  -2.047  1.00 6.62  ? 18  G   A C2    1 
ATOM   339 N  N2    . G   A 1 16 ? 3.215   -6.785  -2.061  1.00 7.06  ? 18  G   A N2    1 
ATOM   340 N  N3    . G   A 1 16 ? 5.153   -5.994  -1.075  1.00 7.92  ? 18  G   A N3    1 
ATOM   341 C  C4    . G   A 1 16 ? 6.152   -5.104  -1.285  1.00 8.10  ? 18  G   A C4    1 
ATOM   342 P  P     . G   A 1 17 ? 10.814  -8.657  -0.826  1.00 11.32 ? 19  G   A P     1 
ATOM   343 O  OP1   . G   A 1 17 ? 11.671  -9.752  -0.341  1.00 13.61 ? 19  G   A OP1   1 
ATOM   344 O  OP2   . G   A 1 17 ? 11.377  -7.646  -1.785  1.00 11.92 ? 19  G   A OP2   1 
ATOM   345 O  "O5'" . G   A 1 17 ? 9.539   -9.262  -1.523  1.00 9.19  ? 19  G   A "O5'" 1 
ATOM   346 C  "C5'" . G   A 1 17 ? 8.734   -10.177 -0.772  1.00 7.71  ? 19  G   A "C5'" 1 
ATOM   347 C  "C4'" . G   A 1 17 ? 7.427   -10.401 -1.459  1.00 8.09  ? 19  G   A "C4'" 1 
ATOM   348 O  "O4'" . G   A 1 17 ? 6.694   -9.153  -1.608  1.00 7.41  ? 19  G   A "O4'" 1 
ATOM   349 C  "C3'" . G   A 1 17 ? 7.504   -10.938 -2.872  1.00 8.43  ? 19  G   A "C3'" 1 
ATOM   350 O  "O3'" . G   A 1 17 ? 7.701   -12.344 -2.825  1.00 9.97  ? 19  G   A "O3'" 1 
ATOM   351 C  "C2'" . G   A 1 17 ? 6.115   -10.581 -3.396  1.00 6.78  ? 19  G   A "C2'" 1 
ATOM   352 O  "O2'" . G   A 1 17 ? 5.131   -11.454 -2.852  1.00 9.02  ? 19  G   A "O2'" 1 
ATOM   353 C  "C1'" . G   A 1 17 ? 5.920   -9.209  -2.778  1.00 6.35  ? 19  G   A "C1'" 1 
ATOM   354 N  N9    . G   A 1 17 ? 6.360   -8.171  -3.698  1.00 5.25  ? 19  G   A N9    1 
ATOM   355 C  C8    . G   A 1 17 ? 7.467   -7.387  -3.634  1.00 7.19  ? 19  G   A C8    1 
ATOM   356 N  N7    . G   A 1 17 ? 7.507   -6.512  -4.600  1.00 8.36  ? 19  G   A N7    1 
ATOM   357 C  C5    . G   A 1 17 ? 6.362   -6.739  -5.339  1.00 7.16  ? 19  G   A C5    1 
ATOM   358 C  C6    . G   A 1 17 ? 5.892   -6.095  -6.493  1.00 8.98  ? 19  G   A C6    1 
ATOM   359 O  O6    . G   A 1 17 ? 6.391   -5.122  -7.075  1.00 9.78  ? 19  G   A O6    1 
ATOM   360 N  N1    . G   A 1 17 ? 4.737   -6.666  -6.970  1.00 8.10  ? 19  G   A N1    1 
ATOM   361 C  C2    . G   A 1 17 ? 4.085   -7.736  -6.369  1.00 6.76  ? 19  G   A C2    1 
ATOM   362 N  N2    . G   A 1 17 ? 2.972   -8.192  -6.974  1.00 7.41  ? 19  G   A N2    1 
ATOM   363 N  N3    . G   A 1 17 ? 4.512   -8.316  -5.263  1.00 7.56  ? 19  G   A N3    1 
ATOM   364 C  C4    . G   A 1 17 ? 5.651   -7.777  -4.810  1.00 6.20  ? 19  G   A C4    1 
ATOM   365 P  P     . U   A 1 18 ? 8.413   -13.087 -4.077  1.00 12.54 ? 20  U   A P     1 
ATOM   366 O  OP1   . U   A 1 18 ? 8.740   -14.435 -3.589  1.00 14.19 ? 20  U   A OP1   1 
ATOM   367 O  OP2   . U   A 1 18 ? 9.459   -12.249 -4.680  1.00 14.52 ? 20  U   A OP2   1 
ATOM   368 O  "O5'" . U   A 1 18 ? 7.287   -13.169 -5.189  1.00 12.38 ? 20  U   A "O5'" 1 
ATOM   369 C  "C5'" . U   A 1 18 ? 6.117   -13.920 -4.992  1.00 12.96 ? 20  U   A "C5'" 1 
ATOM   370 C  "C4'" . U   A 1 18 ? 5.244   -13.832 -6.220  1.00 12.48 ? 20  U   A "C4'" 1 
ATOM   371 O  "O4'" . U   A 1 18 ? 4.680   -12.499 -6.299  1.00 10.87 ? 20  U   A "O4'" 1 
ATOM   372 C  "C3'" . U   A 1 18 ? 5.943   -14.008 -7.554  1.00 13.02 ? 20  U   A "C3'" 1 
ATOM   373 O  "O3'" . U   A 1 18 ? 6.241   -15.385 -7.894  1.00 16.82 ? 20  U   A "O3'" 1 
ATOM   374 C  "C2'" . U   A 1 18 ? 4.944   -13.337 -8.488  1.00 11.42 ? 20  U   A "C2'" 1 
ATOM   375 O  "O2'" . U   A 1 18 ? 3.804   -14.149 -8.717  1.00 13.45 ? 20  U   A "O2'" 1 
ATOM   376 C  "C1'" . U   A 1 18 ? 4.515   -12.133 -7.654  1.00 10.99 ? 20  U   A "C1'" 1 
ATOM   377 N  N1    . U   A 1 18 ? 5.380   -10.968 -7.903  1.00 7.60  ? 20  U   A N1    1 
ATOM   378 C  C2    . U   A 1 18 ? 5.026   -10.132 -8.938  1.00 8.53  ? 20  U   A C2    1 
ATOM   379 O  O2    . U   A 1 18 ? 4.061   -10.321 -9.651  1.00 9.24  ? 20  U   A O2    1 
ATOM   380 N  N3    . U   A 1 18 ? 5.847   -9.066  -9.112  1.00 7.29  ? 20  U   A N3    1 
ATOM   381 C  C4    . U   A 1 18 ? 6.949   -8.744  -8.369  1.00 8.06  ? 20  U   A C4    1 
ATOM   382 O  O4    . U   A 1 18 ? 7.554   -7.706  -8.619  1.00 9.25  ? 20  U   A O4    1 
ATOM   383 C  C5    . U   A 1 18 ? 7.261   -9.656  -7.312  1.00 7.16  ? 20  U   A C5    1 
ATOM   384 C  C6    . U   A 1 18 ? 6.482   -10.732 -7.131  1.00 8.14  ? 20  U   A C6    1 
ATOM   385 P  P     . U   A 1 19 ? 7.594   -15.709 -8.720  1.00 18.16 ? 21  U   A P     1 
ATOM   386 O  OP1   . U   A 1 19 ? 7.824   -17.197 -8.822  1.00 19.56 ? 21  U   A OP1   1 
ATOM   387 O  OP2   . U   A 1 19 ? 8.721   -14.835 -8.279  1.00 20.56 ? 21  U   A OP2   1 
ATOM   388 O  "O5'" . U   A 1 19 ? 7.262   -15.198 -10.183 1.00 16.67 ? 21  U   A "O5'" 1 
ATOM   389 C  "C5'" . U   A 1 19 ? 6.219   -15.802 -10.931 1.00 14.07 ? 21  U   A "C5'" 1 
ATOM   390 C  "C4'" . U   A 1 19 ? 5.903   -14.953 -12.124 1.00 13.21 ? 21  U   A "C4'" 1 
ATOM   391 O  "O4'" . U   A 1 19 ? 5.594   -13.624 -11.663 1.00 12.75 ? 21  U   A "O4'" 1 
ATOM   392 C  "C3'" . U   A 1 19 ? 7.010   -14.688 -13.127 1.00 15.16 ? 21  U   A "C3'" 1 
ATOM   393 O  "O3'" . U   A 1 19 ? 7.161   -15.827 -13.955 1.00 18.43 ? 21  U   A "O3'" 1 
ATOM   394 C  "C2'" . U   A 1 19 ? 6.427   -13.494 -13.872 1.00 13.75 ? 21  U   A "C2'" 1 
ATOM   395 O  "O2'" . U   A 1 19 ? 5.384   -13.931 -14.754 1.00 18.28 ? 21  U   A "O2'" 1 
ATOM   396 C  "C1'" . U   A 1 19 ? 5.783   -12.719 -12.725 1.00 13.40 ? 21  U   A "C1'" 1 
ATOM   397 N  N1    . U   A 1 19 ? 6.677   -11.660 -12.265 1.00 10.32 ? 21  U   A N1    1 
ATOM   398 C  C2    . U   A 1 19 ? 6.582   -10.496 -12.945 1.00 9.90  ? 21  U   A C2    1 
ATOM   399 O  O2    . U   A 1 19 ? 5.808   -10.334 -13.862 1.00 12.96 ? 21  U   A O2    1 
ATOM   400 N  N3    . U   A 1 19 ? 7.430   -9.501  -12.525 1.00 8.77  ? 21  U   A N3    1 
ATOM   401 C  C4    . U   A 1 19 ? 8.336   -9.583  -11.528 1.00 9.97  ? 21  U   A C4    1 
ATOM   402 O  O4    . U   A 1 19 ? 9.043   -8.586  -11.285 1.00 9.74  ? 21  U   A O4    1 
ATOM   403 C  C5    . U   A 1 19 ? 8.395   -10.840 -10.861 1.00 8.61  ? 21  U   A C5    1 
ATOM   404 C  C6    . U   A 1 19 ? 7.562   -11.818 -11.232 1.00 9.39  ? 21  U   A C6    1 
ATOM   405 O  "O5'" . A   B 2 1  ? 6.556   -18.113 -1.463  1.00 22.47 ? 22  A   B "O5'" 1 
ATOM   406 C  "C5'" . A   B 2 1  ? 5.098   -17.917 -1.432  1.00 19.04 ? 22  A   B "C5'" 1 
ATOM   407 C  "C4'" . A   B 2 1  ? 4.782   -16.696 -0.604  1.00 14.44 ? 22  A   B "C4'" 1 
ATOM   408 O  "O4'" . A   B 2 1  ? 5.864   -16.289 0.222   1.00 10.60 ? 22  A   B "O4'" 1 
ATOM   409 C  "C3'" . A   B 2 1  ? 4.238   -15.457 -1.295  1.00 11.83 ? 22  A   B "C3'" 1 
ATOM   410 O  "O3'" . A   B 2 1  ? 3.058   -15.214 -0.556  1.00 13.63 ? 22  A   B "O3'" 1 
ATOM   411 C  "C2'" . A   B 2 1  ? 5.185   -14.339 -0.862  1.00 10.07 ? 22  A   B "C2'" 1 
ATOM   412 O  "O2'" . A   B 2 1  ? 4.636   -13.062 -0.645  1.00 11.89 ? 22  A   B "O2'" 1 
ATOM   413 C  "C1'" . A   B 2 1  ? 5.740   -14.915 0.445   1.00 10.18 ? 22  A   B "C1'" 1 
ATOM   414 N  N9    . A   B 2 1  ? 7.034   -14.406 0.848   1.00 7.90  ? 22  A   B N9    1 
ATOM   415 C  C8    . A   B 2 1  ? 8.056   -13.899 0.082   1.00 8.95  ? 22  A   B C8    1 
ATOM   416 N  N7    . A   B 2 1  ? 9.092   -13.533 0.777   1.00 9.76  ? 22  A   B N7    1 
ATOM   417 C  C5    . A   B 2 1  ? 8.730   -13.827 2.093   1.00 8.34  ? 22  A   B C5    1 
ATOM   418 C  C6    . A   B 2 1  ? 9.399   -13.668 3.308   1.00 10.03 ? 22  A   B C6    1 
ATOM   419 N  N6    . A   B 2 1  ? 10.605  -13.123 3.388   1.00 11.48 ? 22  A   B N6    1 
ATOM   420 N  N1    . A   B 2 1  ? 8.776   -14.090 4.448   1.00 8.72  ? 22  A   B N1    1 
ATOM   421 C  C2    . A   B 2 1  ? 7.564   -14.599 4.331   1.00 9.20  ? 22  A   B C2    1 
ATOM   422 N  N3    . A   B 2 1  ? 6.819   -14.769 3.242   1.00 8.09  ? 22  A   B N3    1 
ATOM   423 C  C4    . A   B 2 1  ? 7.473   -14.354 2.140   1.00 9.19  ? 22  A   B C4    1 
ATOM   424 P  P     . A   B 2 2  ? 1.653   -15.816 -1.055  1.00 17.10 ? 23  A   B P     1 
ATOM   425 O  OP1   . A   B 2 2  ? 0.749   -15.655 0.089   1.00 19.20 ? 23  A   B OP1   1 
ATOM   426 O  OP2   . A   B 2 2  ? 1.850   -17.096 -1.713  1.00 18.13 ? 23  A   B OP2   1 
ATOM   427 O  "O5'" . A   B 2 2  ? 1.186   -14.767 -2.168  1.00 12.39 ? 23  A   B "O5'" 1 
ATOM   428 C  "C5'" . A   B 2 2  ? 0.832   -13.438 -1.792  1.00 10.68 ? 23  A   B "C5'" 1 
ATOM   429 C  "C4'" . A   B 2 2  ? 1.566   -12.474 -2.696  1.00 10.22 ? 23  A   B "C4'" 1 
ATOM   430 O  "O4'" . A   B 2 2  ? 1.069   -12.716 -4.029  1.00 9.13  ? 23  A   B "O4'" 1 
ATOM   431 C  "C3'" . A   B 2 2  ? 1.305   -10.994 -2.471  1.00 9.28  ? 23  A   B "C3'" 1 
ATOM   432 O  "O3'" . A   B 2 2  ? 2.253   -10.492 -1.520  1.00 11.03 ? 23  A   B "O3'" 1 
ATOM   433 C  "C2'" . A   B 2 2  ? 1.626   -10.419 -3.853  1.00 8.99  ? 23  A   B "C2'" 1 
ATOM   434 O  "O2'" . A   B 2 2  ? 3.039   -10.243 -3.984  1.00 10.06 ? 23  A   B "O2'" 1 
ATOM   435 C  "C1'" . A   B 2 2  ? 1.217   -11.567 -4.791  1.00 9.41  ? 23  A   B "C1'" 1 
ATOM   436 N  N9    . A   B 2 2  ? -0.028  -11.375 -5.508  1.00 7.69  ? 23  A   B N9    1 
ATOM   437 C  C8    . A   B 2 2  ? -1.317  -11.733 -5.156  1.00 8.90  ? 23  A   B C8    1 
ATOM   438 N  N7    . A   B 2 2  ? -2.213  -11.380 -6.038  1.00 9.11  ? 23  A   B N7    1 
ATOM   439 C  C5    . A   B 2 2  ? -1.478  -10.762 -7.040  1.00 7.69  ? 23  A   B C5    1 
ATOM   440 C  C6    . A   B 2 2  ? -1.830  -10.185 -8.247  1.00 7.91  ? 23  A   B C6    1 
ATOM   441 N  N6    . A   B 2 2  ? -3.108  -10.106 -8.676  1.00 11.20 ? 23  A   B N6    1 
ATOM   442 N  N1    . A   B 2 2  ? -0.829  -9.669  -9.013  1.00 8.00  ? 23  A   B N1    1 
ATOM   443 C  C2    . A   B 2 2  ? 0.421   -9.757  -8.586  1.00 7.80  ? 23  A   B C2    1 
ATOM   444 N  N3    . A   B 2 2  ? 0.894   -10.289 -7.460  1.00 7.12  ? 23  A   B N3    1 
ATOM   445 C  C4    . A   B 2 2  ? -0.131  -10.766 -6.726  1.00 7.72  ? 23  A   B C4    1 
ATOM   446 P  P     . A   B 2 3  ? 1.767   -9.797  -0.133  1.00 10.33 ? 24  A   B P     1 
ATOM   447 O  OP1   . A   B 2 3  ? 0.295   -9.715  -0.089  1.00 12.85 ? 24  A   B OP1   1 
ATOM   448 O  OP2   . A   B 2 3  ? 2.551   -8.557  0.041   1.00 10.93 ? 24  A   B OP2   1 
ATOM   449 O  "O5'" . A   B 2 3  ? 2.392   -10.773 0.979   1.00 13.53 ? 24  A   B "O5'" 1 
ATOM   450 C  "C5'" . A   B 2 3  ? 1.764   -11.959 1.438   1.00 13.94 ? 24  A   B "C5'" 1 
ATOM   451 C  "C4'" . A   B 2 3  ? 2.339   -12.336 2.799   1.00 10.70 ? 24  A   B "C4'" 1 
ATOM   452 O  "O4'" . A   B 2 3  ? 3.657   -12.943 2.707   1.00 10.81 ? 24  A   B "O4'" 1 
ATOM   453 C  "C3'" . A   B 2 3  ? 2.544   -11.175 3.775   1.00 10.36 ? 24  A   B "C3'" 1 
ATOM   454 O  "O3'" . A   B 2 3  ? 1.307   -10.831 4.343   1.00 10.53 ? 24  A   B "O3'" 1 
ATOM   455 C  "C2'" . A   B 2 3  ? 3.500   -11.791 4.785   1.00 11.01 ? 24  A   B "C2'" 1 
ATOM   456 O  "O2'" . A   B 2 3  ? 2.785   -12.683 5.634   1.00 12.70 ? 24  A   B "O2'" 1 
ATOM   457 C  "C1'" . A   B 2 3  ? 4.407   -12.594 3.851   1.00 10.72 ? 24  A   B "C1'" 1 
ATOM   458 N  N9    . A   B 2 3  ? 5.520   -11.792 3.405   1.00 9.74  ? 24  A   B N9    1 
ATOM   459 C  C8    . A   B 2 3  ? 5.815   -11.303 2.145   1.00 10.67 ? 24  A   B C8    1 
ATOM   460 N  N7    . A   B 2 3  ? 6.958   -10.694 2.090   1.00 11.03 ? 24  A   B N7    1 
ATOM   461 C  C5    . A   B 2 3  ? 7.451   -10.759 3.382   1.00 9.78  ? 24  A   B C5    1 
ATOM   462 C  C6    . A   B 2 3  ? 8.627   -10.276 3.962   1.00 10.54 ? 24  A   B C6    1 
ATOM   463 N  N6    . A   B 2 3  ? 9.560   -9.577  3.282   1.00 12.62 ? 24  A   B N6    1 
ATOM   464 N  N1    . A   B 2 3  ? 8.826   -10.517 5.292   1.00 11.40 ? 24  A   B N1    1 
ATOM   465 C  C2    . A   B 2 3  ? 7.852   -11.196 5.952   1.00 10.16 ? 24  A   B C2    1 
ATOM   466 N  N3    . A   B 2 3  ? 6.708   -11.673 5.511   1.00 9.93  ? 24  A   B N3    1 
ATOM   467 C  C4    . A   B 2 3  ? 6.560   -11.424 4.197   1.00 8.18  ? 24  A   B C4    1 
ATOM   468 P  P     . A   B 2 4  ? 1.032   -9.336  4.881   1.00 11.35 ? 25  A   B P     1 
ATOM   469 O  OP1   . A   B 2 4  ? -0.421  -9.311  5.144   1.00 15.11 ? 25  A   B OP1   1 
ATOM   470 O  OP2   . A   B 2 4  ? 1.660   -8.347  3.947   1.00 10.24 ? 25  A   B OP2   1 
ATOM   471 O  "O5'" . A   B 2 4  ? 1.855   -9.243  6.209   1.00 11.73 ? 25  A   B "O5'" 1 
ATOM   472 C  "C5'" . A   B 2 4  ? 1.413   -9.929  7.378   1.00 11.98 ? 25  A   B "C5'" 1 
ATOM   473 C  "C4'" . A   B 2 4  ? 2.438   -9.782  8.457   1.00 10.54 ? 25  A   B "C4'" 1 
ATOM   474 O  "O4'" . A   B 2 4  ? 3.740   -10.291 8.045   1.00 10.87 ? 25  A   B "O4'" 1 
ATOM   475 C  "C3'" . A   B 2 4  ? 2.739   -8.334  8.789   1.00 11.39 ? 25  A   B "C3'" 1 
ATOM   476 O  "O3'" . A   B 2 4  ? 1.764   -7.792  9.651   1.00 12.31 ? 25  A   B "O3'" 1 
ATOM   477 C  "C2'" . A   B 2 4  ? 4.101   -8.429  9.440   1.00 11.38 ? 25  A   B "C2'" 1 
ATOM   478 O  "O2'" . A   B 2 4  ? 4.006   -8.981  10.743  1.00 11.98 ? 25  A   B "O2'" 1 
ATOM   479 C  "C1'" . A   B 2 4  ? 4.760   -9.471  8.542   1.00 11.09 ? 25  A   B "C1'" 1 
ATOM   480 N  N9    . A   B 2 4  ? 5.414   -8.818  7.407   1.00 11.26 ? 25  A   B N9    1 
ATOM   481 C  C8    . A   B 2 4  ? 4.984   -8.680  6.101   1.00 9.67  ? 25  A   B C8    1 
ATOM   482 N  N7    . A   B 2 4  ? 5.852   -8.057  5.333   1.00 8.76  ? 25  A   B N7    1 
ATOM   483 C  C5    . A   B 2 4  ? 6.909   -7.769  6.178   1.00 10.25 ? 25  A   B C5    1 
ATOM   484 C  C6    . A   B 2 4  ? 8.127   -7.109  5.972   1.00 12.00 ? 25  A   B C6    1 
ATOM   485 N  N6    . A   B 2 4  ? 8.516   -6.622  4.794   1.00 13.06 ? 25  A   B N6    1 
ATOM   486 N  N1    . A   B 2 4  ? 8.946   -6.950  7.041   1.00 15.40 ? 25  A   B N1    1 
ATOM   487 C  C2    . A   B 2 4  ? 8.551   -7.434  8.236   1.00 14.62 ? 25  A   B C2    1 
ATOM   488 N  N3    . A   B 2 4  ? 7.435   -8.069  8.554   1.00 13.86 ? 25  A   B N3    1 
ATOM   489 C  C4    . A   B 2 4  ? 6.645   -8.208  7.468   1.00 11.88 ? 25  A   B C4    1 
ATOM   490 P  P     . A   B 2 5  ? 1.270   -6.288  9.438   1.00 13.45 ? 26  A   B P     1 
ATOM   491 O  OP1   . A   B 2 5  ? 0.106   -6.142  10.379  1.00 15.38 ? 26  A   B OP1   1 
ATOM   492 O  OP2   . A   B 2 5  ? 1.029   -6.018  7.995   1.00 13.01 ? 26  A   B OP2   1 
ATOM   493 O  "O5'" . A   B 2 5  ? 2.532   -5.446  9.836   1.00 11.65 ? 26  A   B "O5'" 1 
ATOM   494 C  "C5'" . A   B 2 5  ? 3.019   -5.379  11.185  1.00 13.66 ? 26  A   B "C5'" 1 
ATOM   495 C  "C4'" . A   B 2 5  ? 4.284   -4.580  11.257  1.00 14.44 ? 26  A   B "C4'" 1 
ATOM   496 O  "O4'" . A   B 2 5  ? 5.313   -5.240  10.496  1.00 14.26 ? 26  A   B "O4'" 1 
ATOM   497 C  "C3'" . A   B 2 5  ? 4.201   -3.192  10.627  1.00 14.47 ? 26  A   B "C3'" 1 
ATOM   498 O  "O3'" . A   B 2 5  ? 3.687   -2.253  11.583  1.00 15.59 ? 26  A   B "O3'" 1 
ATOM   499 C  "C2'" . A   B 2 5  ? 5.662   -2.920  10.291  1.00 15.29 ? 26  A   B "C2'" 1 
ATOM   500 O  "O2'" . A   B 2 5  ? 6.434   -2.552  11.413  1.00 17.19 ? 26  A   B "O2'" 1 
ATOM   501 C  "C1'" . A   B 2 5  ? 6.132   -4.302  9.818   1.00 13.66 ? 26  A   B "C1'" 1 
ATOM   502 N  N9    . A   B 2 5  ? 5.903   -4.491  8.382   1.00 12.90 ? 26  A   B N9    1 
ATOM   503 C  C8    . A   B 2 5  ? 4.855   -5.137  7.784   1.00 11.25 ? 26  A   B C8    1 
ATOM   504 N  N7    . A   B 2 5  ? 4.888   -5.096  6.472   1.00 10.67 ? 26  A   B N7    1 
ATOM   505 C  C5    . A   B 2 5  ? 6.038   -4.386  6.192   1.00 10.45 ? 26  A   B C5    1 
ATOM   506 C  C6    . A   B 2 5  ? 6.615   -3.972  4.991   1.00 11.05 ? 26  A   B C6    1 
ATOM   507 N  N6    . A   B 2 5  ? 6.092   -4.218  3.771   1.00 10.35 ? 26  A   B N6    1 
ATOM   508 N  N1    . A   B 2 5  ? 7.762   -3.277  5.067   1.00 12.98 ? 26  A   B N1    1 
ATOM   509 C  C2    . A   B 2 5  ? 8.279   -2.997  6.275   1.00 14.34 ? 26  A   B C2    1 
ATOM   510 N  N3    . A   B 2 5  ? 7.823   -3.311  7.465   1.00 14.97 ? 26  A   B N3    1 
ATOM   511 C  C4    . A   B 2 5  ? 6.684   -4.017  7.360   1.00 11.49 ? 26  A   B C4    1 
ATOM   512 P  P     . G   B 2 6  ? 2.333   -1.405  11.285  1.00 16.34 ? 27  G   B P     1 
ATOM   513 O  OP1   . G   B 2 6  ? 2.212   -0.590  12.550  1.00 17.87 ? 27  G   B OP1   1 
ATOM   514 O  OP2   . G   B 2 6  ? 1.210   -2.269  10.876  1.00 15.17 ? 27  G   B OP2   1 
ATOM   515 O  "O5'" . G   B 2 6  ? 2.727   -0.455  10.068  1.00 15.32 ? 27  G   B "O5'" 1 
ATOM   516 C  "C5'" . G   B 2 6  ? 3.768   0.530   10.159  1.00 16.37 ? 27  G   B "C5'" 1 
ATOM   517 C  "C4'" . G   B 2 6  ? 3.257   1.846   9.612   1.00 15.40 ? 27  G   B "C4'" 1 
ATOM   518 O  "O4'" . G   B 2 6  ? 3.083   1.814   8.165   1.00 14.64 ? 27  G   B "O4'" 1 
ATOM   519 C  "C3'" . G   B 2 6  ? 1.903   2.219   10.213  1.00 15.22 ? 27  G   B "C3'" 1 
ATOM   520 O  "O3'" . G   B 2 6  ? 2.065   3.581   10.663  1.00 17.36 ? 27  G   B "O3'" 1 
ATOM   521 C  "C2'" . G   B 2 6  ? 0.957   2.273   9.006   1.00 14.37 ? 27  G   B "C2'" 1 
ATOM   522 O  "O2'" . G   B 2 6  ? -0.109  3.200   8.984   1.00 15.26 ? 27  G   B "O2'" 1 
ATOM   523 C  "C1'" . G   B 2 6  ? 1.947   2.585   7.897   1.00 13.60 ? 27  G   B "C1'" 1 
ATOM   524 N  N9    . G   B 2 6  ? 1.511   2.410   6.521   1.00 12.33 ? 27  G   B N9    1 
ATOM   525 C  C8    . G   B 2 6  ? 0.488   1.636   6.040   1.00 11.49 ? 27  G   B C8    1 
ATOM   526 N  N7    . G   B 2 6  ? 0.326   1.778   4.747   1.00 11.55 ? 27  G   B N7    1 
ATOM   527 C  C5    . G   B 2 6  ? 1.307   2.674   4.365   1.00 10.50 ? 27  G   B C5    1 
ATOM   528 C  C6    . G   B 2 6  ? 1.618   3.246   3.082   1.00 11.88 ? 27  G   B C6    1 
ATOM   529 O  O6    . G   B 2 6  ? 1.063   3.053   1.996   1.00 11.41 ? 27  G   B O6    1 
ATOM   530 N  N1    . G   B 2 6  ? 2.665   4.146   3.154   1.00 11.91 ? 27  G   B N1    1 
ATOM   531 C  C2    . G   B 2 6  ? 3.326   4.468   4.295   1.00 12.54 ? 27  G   B C2    1 
ATOM   532 N  N2    . G   B 2 6  ? 4.288   5.382   4.166   1.00 15.60 ? 27  G   B N2    1 
ATOM   533 N  N3    . G   B 2 6  ? 3.060   3.949   5.474   1.00 11.63 ? 27  G   B N3    1 
ATOM   534 C  C4    . G   B 2 6  ? 2.052   3.067   5.444   1.00 11.60 ? 27  G   B C4    1 
ATOM   535 P  P     . U   B 2 7  ? 1.671   4.033   12.151  1.00 19.04 ? 28  U   B P     1 
ATOM   536 O  OP1   . U   B 2 7  ? 2.739   3.628   13.092  1.00 21.84 ? 28  U   B OP1   1 
ATOM   537 O  OP2   . U   B 2 7  ? 0.285   3.679   12.459  1.00 19.59 ? 28  U   B OP2   1 
ATOM   538 O  "O5'" . U   B 2 7  ? 1.744   5.606   11.936  1.00 21.16 ? 28  U   B "O5'" 1 
ATOM   539 C  "C5'" . U   B 2 7  ? 0.828   6.272   11.063  1.00 19.00 ? 28  U   B "C5'" 1 
ATOM   540 C  "C4'" . U   B 2 7  ? 1.568   7.243   10.206  1.00 18.39 ? 28  U   B "C4'" 1 
ATOM   541 O  "O4'" . U   B 2 7  ? 2.150   6.543   9.068   1.00 17.86 ? 28  U   B "O4'" 1 
ATOM   542 C  "C3'" . U   B 2 7  ? 0.725   8.327   9.559   1.00 17.36 ? 28  U   B "C3'" 1 
ATOM   543 O  "O3'" . U   B 2 7  ? 0.550   9.390   10.488  1.00 19.01 ? 28  U   B "O3'" 1 
ATOM   544 C  "C2'" . U   B 2 7  ? 1.612   8.743   8.397   1.00 17.07 ? 28  U   B "C2'" 1 
ATOM   545 O  "O2'" . U   B 2 7  ? 2.727   9.529   8.777   1.00 17.85 ? 28  U   B "O2'" 1 
ATOM   546 C  "C1'" . U   B 2 7  ? 2.124   7.380   7.927   1.00 16.57 ? 28  U   B "C1'" 1 
ATOM   547 N  N1    . U   B 2 7  ? 1.227   6.759   6.936   1.00 15.04 ? 28  U   B N1    1 
ATOM   548 C  C2    . U   B 2 7  ? 1.362   7.210   5.648   1.00 14.21 ? 28  U   B C2    1 
ATOM   549 O  O2    . U   B 2 7  ? 2.114   8.102   5.368   1.00 16.22 ? 28  U   B O2    1 
ATOM   550 N  N3    . U   B 2 7  ? 0.566   6.570   4.716   1.00 12.16 ? 28  U   B N3    1 
ATOM   551 C  C4    . U   B 2 7  ? -0.364  5.554   4.974   1.00 12.91 ? 28  U   B C4    1 
ATOM   552 O  O4    . U   B 2 7  ? -0.999  5.042   4.035   1.00 13.35 ? 28  U   B O4    1 
ATOM   553 C  C5    . U   B 2 7  ? -0.465  5.164   6.360   1.00 12.83 ? 28  U   B C5    1 
ATOM   554 C  C6    . U   B 2 7  ? 0.323   5.777   7.272   1.00 14.08 ? 28  U   B C6    1 
ATOM   555 P  P     . C   B 2 8  ? -0.803  10.235  10.475  1.00 19.27 ? 29  C   B P     1 
ATOM   556 O  OP1   . C   B 2 8  ? -0.558  11.194  11.597  1.00 19.53 ? 29  C   B OP1   1 
ATOM   557 O  OP2   . C   B 2 8  ? -2.022  9.445   10.459  1.00 18.66 ? 29  C   B OP2   1 
ATOM   558 O  "O5'" . C   B 2 8  ? -0.732  11.051  9.115   1.00 17.23 ? 29  C   B "O5'" 1 
ATOM   559 C  "C5'" . C   B 2 8  ? 0.271   12.050  8.963   1.00 17.38 ? 29  C   B "C5'" 1 
ATOM   560 C  "C4'" . C   B 2 8  ? 0.363   12.503  7.541   1.00 14.42 ? 29  C   B "C4'" 1 
ATOM   561 O  "O4'" . C   B 2 8  ? 0.747   11.373  6.716   1.00 15.60 ? 29  C   B "O4'" 1 
ATOM   562 C  "C3'" . C   B 2 8  ? -0.931  12.974  6.897   1.00 15.71 ? 29  C   B "C3'" 1 
ATOM   563 O  "O3'" . C   B 2 8  ? -1.225  14.300  7.312   1.00 15.12 ? 29  C   B "O3'" 1 
ATOM   564 C  "C2'" . C   B 2 8  ? -0.530  12.876  5.428   1.00 13.99 ? 29  C   B "C2'" 1 
ATOM   565 O  "O2'" . C   B 2 8  ? 0.420   13.861  5.006   1.00 15.94 ? 29  C   B "O2'" 1 
ATOM   566 C  "C1'" . C   B 2 8  ? 0.191   11.529  5.420   1.00 15.51 ? 29  C   B "C1'" 1 
ATOM   567 N  N1    . C   B 2 8  ? -0.746  10.428  5.145   1.00 12.82 ? 29  C   B N1    1 
ATOM   568 C  C2    . C   B 2 8  ? -1.098  10.198  3.812   1.00 12.78 ? 29  C   B C2    1 
ATOM   569 O  O2    . C   B 2 8  ? -0.613  10.933  2.910   1.00 13.06 ? 29  C   B O2    1 
ATOM   570 N  N3    . C   B 2 8  ? -1.967  9.185   3.524   1.00 11.24 ? 29  C   B N3    1 
ATOM   571 C  C4    . C   B 2 8  ? -2.484  8.436   4.491   1.00 12.60 ? 29  C   B C4    1 
ATOM   572 N  N4    . C   B 2 8  ? -3.337  7.471   4.129   1.00 10.97 ? 29  C   B N4    1 
ATOM   573 C  C5    . C   B 2 8  ? -2.150  8.645   5.867   1.00 12.20 ? 29  C   B C5    1 
ATOM   574 C  C6    . C   B 2 8  ? -1.280  9.645   6.143   1.00 13.04 ? 29  C   B C6    1 
ATOM   575 P  P     . C   B 2 9  ? -2.727  14.881  7.174   1.00 17.46 ? 30  C   B P     1 
ATOM   576 O  OP1   . C   B 2 9  ? -2.695  16.240  7.835   1.00 19.35 ? 30  C   B OP1   1 
ATOM   577 O  OP2   . C   B 2 9  ? -3.719  13.919  7.646   1.00 17.46 ? 30  C   B OP2   1 
ATOM   578 O  "O5'" . C   B 2 9  ? -2.936  15.078  5.623   1.00 16.92 ? 30  C   B "O5'" 1 
ATOM   579 C  "C5'" . C   B 2 9  ? -2.111  15.963  4.883   1.00 16.32 ? 30  C   B "C5'" 1 
ATOM   580 C  "C4'" . C   B 2 9  ? -2.515  15.958  3.432   1.00 16.80 ? 30  C   B "C4'" 1 
ATOM   581 O  "O4'" . C   B 2 9  ? -2.252  14.646  2.887   1.00 15.04 ? 30  C   B "O4'" 1 
ATOM   582 C  "C3'" . C   B 2 9  ? -3.999  16.129  3.134   1.00 15.96 ? 30  C   B "C3'" 1 
ATOM   583 O  "O3'" . C   B 2 9  ? -4.351  17.504  3.215   1.00 16.80 ? 30  C   B "O3'" 1 
ATOM   584 C  "C2'" . C   B 2 9  ? -4.091  15.565  1.719   1.00 15.90 ? 30  C   B "C2'" 1 
ATOM   585 O  "O2'" . C   B 2 9  ? -3.486  16.379  0.720   1.00 17.64 ? 30  C   B "O2'" 1 
ATOM   586 C  "C1'" . C   B 2 9  ? -3.187  14.347  1.862   1.00 15.31 ? 30  C   B "C1'" 1 
ATOM   587 N  N1    . C   B 2 9  ? -3.903  13.138  2.253   1.00 13.90 ? 30  C   B N1    1 
ATOM   588 C  C2    . C   B 2 9  ? -4.641  12.476  1.288   1.00 14.65 ? 30  C   B C2    1 
ATOM   589 O  O2    . C   B 2 9  ? -4.724  12.991  0.180   1.00 14.32 ? 30  C   B O2    1 
ATOM   590 N  N3    . C   B 2 9  ? -5.236  11.297  1.590   1.00 13.38 ? 30  C   B N3    1 
ATOM   591 C  C4    . C   B 2 9  ? -5.099  10.789  2.808   1.00 12.92 ? 30  C   B C4    1 
ATOM   592 N  N4    . C   B 2 9  ? -5.650  9.609   3.057   1.00 12.34 ? 30  C   B N4    1 
ATOM   593 C  C5    . C   B 2 9  ? -4.383  11.477  3.842   1.00 14.23 ? 30  C   B C5    1 
ATOM   594 C  C6    . C   B 2 9  ? -3.818  12.645  3.524   1.00 14.77 ? 30  C   B C6    1 
ATOM   595 P  P     . U   B 2 10 ? -5.849  17.899  3.587   1.00 17.96 ? 31  U   B P     1 
ATOM   596 O  OP1   . U   B 2 10 ? -5.804  19.380  3.788   1.00 18.91 ? 31  U   B OP1   1 
ATOM   597 O  OP2   . U   B 2 10 ? -6.394  17.038  4.663   1.00 18.71 ? 31  U   B OP2   1 
ATOM   598 O  "O5'" . U   B 2 10 ? -6.707  17.528  2.299   1.00 15.98 ? 31  U   B "O5'" 1 
ATOM   599 C  "C5'" . U   B 2 10 ? -6.461  18.151  1.048   1.00 17.68 ? 31  U   B "C5'" 1 
ATOM   600 C  "C4'" . U   B 2 10 ? -7.348  17.523  -0.010  1.00 16.74 ? 31  U   B "C4'" 1 
ATOM   601 O  "O4'" . U   B 2 10 ? -6.940  16.144  -0.196  1.00 16.10 ? 31  U   B "O4'" 1 
ATOM   602 C  "C3'" . U   B 2 10 ? -8.836  17.407  0.302   1.00 16.71 ? 31  U   B "C3'" 1 
ATOM   603 O  "O3'" . U   B 2 10 ? -9.498  18.649  0.063   1.00 18.89 ? 31  U   B "O3'" 1 
ATOM   604 C  "C2'" . U   B 2 10 ? -9.261  16.319  -0.674  1.00 16.84 ? 31  U   B "C2'" 1 
ATOM   605 O  "O2'" . U   B 2 10 ? -9.284  16.741  -2.036  1.00 16.52 ? 31  U   B "O2'" 1 
ATOM   606 C  "C1'" . U   B 2 10 ? -8.075  15.367  -0.549  1.00 15.63 ? 31  U   B "C1'" 1 
ATOM   607 N  N1    . U   B 2 10 ? -8.276  14.327  0.467   1.00 15.27 ? 31  U   B N1    1 
ATOM   608 C  C2    . U   B 2 10 ? -9.068  13.268  0.099   1.00 15.44 ? 31  U   B C2    1 
ATOM   609 O  O2    . U   B 2 10 ? -9.689  13.238  -0.944  1.00 16.84 ? 31  U   B O2    1 
ATOM   610 N  N3    . U   B 2 10 ? -9.108  12.230  0.990   1.00 14.29 ? 31  U   B N3    1 
ATOM   611 C  C4    . U   B 2 10 ? -8.471  12.164  2.195   1.00 14.03 ? 31  U   B C4    1 
ATOM   612 O  O4    . U   B 2 10 ? -8.566  11.125  2.862   1.00 16.08 ? 31  U   B O4    1 
ATOM   613 C  C5    . U   B 2 10 ? -7.731  13.333  2.554   1.00 12.94 ? 31  U   B C5    1 
ATOM   614 C  C6    . U   B 2 10 ? -7.664  14.363  1.699   1.00 14.27 ? 31  U   B C6    1 
ATOM   615 P  P     . C   B 2 11 ? -10.735 19.071  0.984   1.00 20.54 ? 32  C   B P     1 
ATOM   616 O  OP1   . C   B 2 11 ? -11.181 20.425  0.574   1.00 21.66 ? 32  C   B OP1   1 
ATOM   617 O  OP2   . C   B 2 11 ? -10.434 18.811  2.438   1.00 21.75 ? 32  C   B OP2   1 
ATOM   618 O  "O5'" . C   B 2 11 ? -11.882 18.037  0.626   1.00 21.70 ? 32  C   B "O5'" 1 
ATOM   619 C  "C5'" . C   B 2 11 ? -12.550 18.113  -0.631  1.00 23.42 ? 32  C   B "C5'" 1 
ATOM   620 C  "C4'" . C   B 2 11 ? -13.381 16.875  -0.861  1.00 24.22 ? 32  C   B "C4'" 1 
ATOM   621 O  "O4'" . C   B 2 11 ? -12.534 15.713  -0.741  1.00 23.46 ? 32  C   B "O4'" 1 
ATOM   622 C  "C3'" . C   B 2 11 ? -14.505 16.591  0.125   1.00 25.47 ? 32  C   B "C3'" 1 
ATOM   623 O  "O3'" . C   B 2 11 ? -15.714 17.389  -0.048  1.00 26.90 ? 32  C   B "O3'" 1 
ATOM   624 C  "C2'" . C   B 2 11 ? -14.742 15.105  -0.109  1.00 25.63 ? 32  C   B "C2'" 1 
ATOM   625 O  "O2'" . C   B 2 11 ? -15.488 14.853  -1.281  1.00 28.20 ? 32  C   B "O2'" 1 
ATOM   626 C  "C1'" . C   B 2 11 ? -13.319 14.605  -0.349  1.00 23.91 ? 32  C   B "C1'" 1 
ATOM   627 N  N1    . C   B 2 11 ? -12.749 13.981  0.854   1.00 22.51 ? 32  C   B N1    1 
ATOM   628 C  C2    . C   B 2 11 ? -13.058 12.662  1.081   1.00 21.88 ? 32  C   B C2    1 
ATOM   629 O  O2    . C   B 2 11 ? -13.781 12.089  0.254   1.00 23.05 ? 32  C   B O2    1 
ATOM   630 N  N3    . C   B 2 11 ? -12.586 12.035  2.177   1.00 20.56 ? 32  C   B N3    1 
ATOM   631 C  C4    . C   B 2 11 ? -11.818 12.703  3.038   1.00 21.30 ? 32  C   B C4    1 
ATOM   632 N  N4    . C   B 2 11 ? -11.364 12.034  4.125   1.00 19.03 ? 32  C   B N4    1 
ATOM   633 C  C5    . C   B 2 11 ? -11.480 14.075  2.828   1.00 21.63 ? 32  C   B C5    1 
ATOM   634 C  C6    . C   B 2 11 ? -11.959 14.668  1.731   1.00 22.40 ? 32  C   B C6    1 
HETATM 635 MG MG    . MG  C 3 .  ? 9.430   -2.815  -5.904  0.49 8.60  ? 34  MG  A MG    1 
HETATM 636 MG MG    . MG  D 3 .  ? -0.008  0.404   -4.525  0.89 19.34 ? 35  MG  A MG    1 
HETATM 637 MG MG    . MG  E 3 .  ? -7.423  3.190   -0.517  0.92 15.15 ? 36  MG  A MG    1 
HETATM 638 MG MG    . MG  F 3 .  ? -4.417  -3.115  7.909   1.00 52.20 ? 37  MG  A MG    1 
HETATM 639 MG MG    . MG  G 3 .  ? 11.682  -7.253  -7.980  0.64 13.43 ? 39  MG  A MG    1 
HETATM 640 C  C11   . BTN H 4 .  ? 8.834   1.679   6.768   0.61 26.48 ? 33  BTN A C11   1 
HETATM 641 O  O11   . BTN H 4 .  ? 9.491   2.709   6.662   0.13 27.28 ? 33  BTN A O11   1 
HETATM 642 O  O12   . BTN H 4 .  ? 9.370   0.589   6.571   0.27 27.19 ? 33  BTN A O12   1 
HETATM 643 C  C10   . BTN H 4 .  ? 7.377   1.742   7.208   0.83 26.54 ? 33  BTN A C10   1 
HETATM 644 C  C9    . BTN H 4 .  ? 6.365   1.608   6.048   0.34 23.46 ? 33  BTN A C9    1 
HETATM 645 C  C8    . BTN H 4 .  ? 6.258   0.175   5.560   0.97 21.65 ? 33  BTN A C8    1 
HETATM 646 C  C7    . BTN H 4 .  ? 4.986   -0.108  4.789   1.00 17.36 ? 33  BTN A C7    1 
HETATM 647 C  C2    . BTN H 4 .  ? 3.770   -0.456  5.658   1.00 14.69 ? 33  BTN A C2    1 
HETATM 648 S  S1    . BTN H 4 .  ? 4.087   -1.698  7.080   0.83 15.48 ? 33  BTN A S1    1 
HETATM 649 C  C6    . BTN H 4 .  ? 2.190   -1.867  7.208   0.88 14.62 ? 33  BTN A C6    1 
HETATM 650 C  C5    . BTN H 4 .  ? 1.675   -1.754  5.744   1.00 11.91 ? 33  BTN A C5    1 
HETATM 651 N  N1    . BTN H 4 .  ? 1.644   -3.206  5.197   1.00 12.13 ? 33  BTN A N1    1 
HETATM 652 C  C3    . BTN H 4 .  ? 2.380   -3.376  4.186   1.00 10.92 ? 33  BTN A C3    1 
HETATM 653 O  O3    . BTN H 4 .  ? 2.724   -4.453  3.581   1.00 11.34 ? 33  BTN A O3    1 
HETATM 654 N  N2    . BTN H 4 .  ? 3.201   -2.231  3.867   1.00 12.59 ? 33  BTN A N2    1 
HETATM 655 C  C4    . BTN H 4 .  ? 2.697   -1.135  4.805   0.90 13.45 ? 33  BTN A C4    1 
HETATM 656 MG MG    . MG  I 3 .  ? 2.186   -6.432  3.785   0.93 8.28  ? 38  MG  B MG    1 
HETATM 657 O  O     . HOH J 5 .  ? -1.752  -9.573  -1.903  1.00 13.77 ? 41  HOH A O     1 
HETATM 658 O  O     . HOH J 5 .  ? -6.229  5.552   1.981   1.00 12.73 ? 42  HOH A O     1 
HETATM 659 O  O     . HOH J 5 .  ? 9.607   -4.866  -5.108  1.00 10.03 ? 43  HOH A O     1 
HETATM 660 O  O     . HOH J 5 .  ? -4.338  4.441   1.457   1.00 16.34 ? 44  HOH A O     1 
HETATM 661 O  O     . HOH J 5 .  ? -2.740  -2.454  -6.213  1.00 15.14 ? 45  HOH A O     1 
HETATM 662 O  O     . HOH J 5 .  ? -1.903  1.447   9.939   1.00 22.72 ? 48  HOH A O     1 
HETATM 663 O  O     . HOH J 5 .  ? 4.815   -0.628  -9.941  1.00 17.40 ? 49  HOH A O     1 
HETATM 664 O  O     . HOH J 5 .  ? -0.990  -8.657  -12.996 0.79 14.18 ? 50  HOH A O     1 
HETATM 665 O  O     . HOH J 5 .  ? 11.581  -12.282 0.555   1.00 26.00 ? 51  HOH A O     1 
HETATM 666 O  O     . HOH J 5 .  ? 3.197   -10.930 -14.700 1.00 18.00 ? 52  HOH A O     1 
HETATM 667 O  O     . HOH J 5 .  ? -4.808  -9.574  -4.187  1.00 18.48 ? 54  HOH A O     1 
HETATM 668 O  O     . HOH J 5 .  ? -3.675  -2.079  -2.527  0.78 15.58 ? 55  HOH A O     1 
HETATM 669 O  O     . HOH J 5 .  ? 2.719   -14.489 -11.192 0.76 13.79 ? 57  HOH A O     1 
HETATM 670 O  O     . HOH J 5 .  ? -1.299  -8.493  1.680   0.81 15.31 ? 58  HOH A O     1 
HETATM 671 O  O     . HOH J 5 .  ? 10.138  -9.594  -5.282  1.00 19.07 ? 61  HOH A O     1 
HETATM 672 O  O     . HOH J 5 .  ? -5.428  9.197   6.066   1.00 21.80 ? 62  HOH A O     1 
HETATM 673 O  O     . HOH J 5 .  ? 2.667   -0.993  -7.632  0.85 16.41 ? 63  HOH A O     1 
HETATM 674 O  O     . HOH J 5 .  ? 1.590   -7.924  -14.406 1.00 31.50 ? 64  HOH A O     1 
HETATM 675 O  O     . HOH J 5 .  ? -8.278  3.652   -2.441  0.84 14.25 ? 65  HOH A O     1 
HETATM 676 O  O     . HOH J 5 .  ? -6.516  -1.553  3.619   1.00 20.48 ? 66  HOH A O     1 
HETATM 677 O  O     . HOH J 5 .  ? 2.606   -11.412 -11.734 1.00 29.59 ? 67  HOH A O     1 
HETATM 678 O  O     . HOH J 5 .  ? 9.499   -14.764 -14.794 1.00 46.76 ? 69  HOH A O     1 
HETATM 679 O  O     . HOH J 5 .  ? -6.996  13.470  -4.069  1.00 33.42 ? 71  HOH A O     1 
HETATM 680 O  O     . HOH J 5 .  ? -4.463  0.019   0.105   0.74 15.95 ? 73  HOH A O     1 
HETATM 681 O  O     . HOH J 5 .  ? -8.264  -0.682  7.634   1.00 39.80 ? 78  HOH A O     1 
HETATM 682 O  O     . HOH J 5 .  ? 9.680   -12.411 -7.833  0.91 22.04 ? 79  HOH A O     1 
HETATM 683 O  O     . HOH J 5 .  ? 11.067  -5.026  -2.871  0.81 16.80 ? 83  HOH A O     1 
HETATM 684 O  O     . HOH J 5 .  ? -10.558 4.642   1.754   0.97 28.01 ? 86  HOH A O     1 
HETATM 685 O  O     . HOH J 5 .  ? -1.658  2.804   1.271   1.00 18.80 ? 87  HOH A O     1 
HETATM 686 O  O     . HOH J 5 .  ? -3.643  -0.520  -12.422 1.00 34.89 ? 88  HOH A O     1 
HETATM 687 O  O     . HOH J 5 .  ? -0.871  13.577  -0.976  1.00 29.44 ? 90  HOH A O     1 
HETATM 688 O  O     . HOH J 5 .  ? 11.866  -2.843  4.698   1.00 25.02 ? 91  HOH A O     1 
HETATM 689 O  O     . HOH J 5 .  ? 0.267   3.957   -2.851  0.94 22.34 ? 93  HOH A O     1 
HETATM 690 O  O     . HOH J 5 .  ? -2.404  4.978   -0.910  0.63 26.00 ? 94  HOH A O     1 
HETATM 691 O  O     . HOH J 5 .  ? 2.955   11.818  1.478   1.00 44.85 ? 95  HOH A O     1 
HETATM 692 O  O     . HOH J 5 .  ? -1.157  -3.898  -17.069 1.00 32.52 ? 96  HOH A O     1 
HETATM 693 O  O     . HOH J 5 .  ? 10.826  -15.001 -2.225  1.00 38.79 ? 97  HOH A O     1 
HETATM 694 O  O     . HOH J 5 .  ? -0.374  -1.593  -8.791  0.98 24.24 ? 101 HOH A O     1 
HETATM 695 O  O     . HOH J 5 .  ? -7.308  -2.255  -0.926  0.90 31.66 ? 102 HOH A O     1 
HETATM 696 O  O     . HOH J 5 .  ? 10.782  -0.614  -2.643  0.77 19.93 ? 103 HOH A O     1 
HETATM 697 O  O     . HOH J 5 .  ? -5.905  -3.071  6.163   0.74 18.05 ? 105 HOH A O     1 
HETATM 698 O  O     . HOH J 5 .  ? 6.509   1.149   -9.074  0.86 24.66 ? 106 HOH A O     1 
HETATM 699 O  O     . HOH J 5 .  ? 3.102   -0.251  -12.607 1.00 31.03 ? 107 HOH A O     1 
HETATM 700 O  O     . HOH J 5 .  ? 6.240   1.368   -4.643  1.00 29.48 ? 108 HOH A O     1 
HETATM 701 O  O     . HOH J 5 .  ? -3.231  12.442  -2.719  1.00 33.40 ? 109 HOH A O     1 
HETATM 702 O  O     . HOH J 5 .  ? 14.368  -9.975  -1.114  0.84 29.30 ? 113 HOH A O     1 
HETATM 703 O  O     . HOH J 5 .  ? -6.679  6.783   4.357   1.00 28.39 ? 114 HOH A O     1 
HETATM 704 O  O     . HOH J 5 .  ? 1.555   6.281   -5.055  1.00 33.33 ? 115 HOH A O     1 
HETATM 705 O  O     . HOH J 5 .  ? 13.015  -9.698  2.345   0.58 22.93 ? 117 HOH A O     1 
HETATM 706 O  O     . HOH J 5 .  ? 8.943   -16.696 -4.787  0.96 33.15 ? 119 HOH A O     1 
HETATM 707 O  O     . HOH J 5 .  ? -9.628  6.480   3.785   0.98 33.41 ? 123 HOH A O     1 
HETATM 708 O  O     . HOH J 5 .  ? -3.774  -0.616  -9.958  1.00 39.40 ? 126 HOH A O     1 
HETATM 709 O  O     . HOH J 5 .  ? -2.426  -7.726  -14.995 1.00 31.96 ? 127 HOH A O     1 
HETATM 710 O  O     . HOH J 5 .  ? -7.859  12.095  -5.975  1.00 40.39 ? 128 HOH A O     1 
HETATM 711 O  O     . HOH J 5 .  ? -2.472  1.983   -1.319  0.80 29.59 ? 129 HOH A O     1 
HETATM 712 O  O     . HOH J 5 .  ? 8.835   3.003   -3.442  0.97 41.60 ? 131 HOH A O     1 
HETATM 713 O  O     . HOH J 5 .  ? -7.880  -5.288  1.003   1.00 42.43 ? 134 HOH A O     1 
HETATM 714 O  O     . HOH J 5 .  ? -4.095  -9.643  -0.051  0.62 24.50 ? 136 HOH A O     1 
HETATM 715 O  O     . HOH J 5 .  ? 12.025  -8.380  -4.277  1.00 39.74 ? 137 HOH A O     1 
HETATM 716 O  O     . HOH J 5 .  ? -6.234  -5.315  4.180   1.00 35.30 ? 139 HOH A O     1 
HETATM 717 O  O     . HOH J 5 .  ? 6.406   -15.376 -16.449 1.00 39.37 ? 140 HOH A O     1 
HETATM 718 O  O     . HOH J 5 .  ? -6.334  -1.958  -5.319  0.86 33.95 ? 141 HOH A O     1 
HETATM 719 O  O     . HOH J 5 .  ? -2.056  -0.256  12.270  0.92 42.09 ? 143 HOH A O     1 
HETATM 720 O  O     . HOH J 5 .  ? -8.383  -1.669  5.206   1.00 44.54 ? 144 HOH A O     1 
HETATM 721 O  O     . HOH J 5 .  ? 13.689  -13.140 1.471   0.82 40.23 ? 146 HOH A O     1 
HETATM 722 O  O     . HOH J 5 .  ? -15.865 -0.580  -0.241  1.00 38.31 ? 148 HOH A O     1 
HETATM 723 O  O     . HOH J 5 .  ? -4.855  -6.126  -14.032 1.00 34.56 ? 149 HOH A O     1 
HETATM 724 O  O     . HOH J 5 .  ? -1.362  -1.601  -18.225 0.85 36.00 ? 150 HOH A O     1 
HETATM 725 O  O     . HOH J 5 .  ? -6.865  -2.927  -11.230 0.74 27.83 ? 155 HOH A O     1 
HETATM 726 O  O     . HOH J 5 .  ? 9.482   -16.392 -12.927 1.00 40.24 ? 156 HOH A O     1 
HETATM 727 O  O     . HOH J 5 .  ? 0.227   -5.753  4.102   1.00 10.92 ? 159 HOH A O     1 
HETATM 728 O  O     . HOH J 5 .  ? 4.171   -6.815  3.431   1.00 9.34  ? 160 HOH A O     1 
HETATM 729 O  O     . HOH J 5 .  ? 1.938   -0.237  -4.954  1.00 13.58 ? 162 HOH A O     1 
HETATM 730 O  O     . HOH J 5 .  ? 8.978   -2.010  -4.031  1.00 15.39 ? 163 HOH A O     1 
HETATM 731 O  O     . HOH J 5 .  ? -0.583  -1.540  -4.714  1.00 15.52 ? 164 HOH A O     1 
HETATM 732 O  O     . HOH J 5 .  ? -8.403  4.779   0.274   1.00 14.87 ? 165 HOH A O     1 
HETATM 733 O  O     . HOH J 5 .  ? -5.764  4.499   -0.968  1.00 18.96 ? 166 HOH A O     1 
HETATM 734 O  O     . HOH J 5 .  ? -9.083  1.899   -0.267  1.00 17.73 ? 167 HOH A O     1 
HETATM 735 O  O     . HOH J 5 .  ? -6.426  1.601   -1.364  1.00 20.17 ? 168 HOH A O     1 
HETATM 736 O  O     . HOH J 5 .  ? 11.030  -8.265  -9.600  1.00 26.72 ? 169 HOH A O     1 
HETATM 737 O  O     . HOH J 5 .  ? -3.230  -4.638  6.777   1.00 20.49 ? 170 HOH A O     1 
HETATM 738 O  O     . HOH J 5 .  ? 11.406  -2.660  -5.408  0.99 26.37 ? 171 HOH A O     1 
HETATM 739 O  O     . HOH J 5 .  ? -5.728  -1.828  8.854   0.79 23.72 ? 172 HOH A O     1 
HETATM 740 O  O     . HOH J 5 .  ? 0.932   2.252   -4.629  0.92 29.03 ? 173 HOH A O     1 
HETATM 741 O  O     . HOH J 5 .  ? -14.720 -3.109  -1.983  1.00 39.66 ? 174 HOH A O     1 
HETATM 742 O  O     . HOH J 5 .  ? 8.739   -17.186 -15.111 1.00 39.91 ? 176 HOH A O     1 
HETATM 743 O  O     . HOH J 5 .  ? 14.292  -8.113  -3.083  1.00 44.39 ? 180 HOH A O     1 
HETATM 744 O  O     . HOH J 5 .  ? -11.720 7.100   7.707   1.00 40.86 ? 181 HOH A O     1 
HETATM 745 O  O     . HOH J 5 .  ? 7.807   7.949   -6.642  1.00 45.04 ? 182 HOH A O     1 
HETATM 746 O  O     . HOH J 5 .  ? -6.558  5.026   -4.319  0.99 38.75 ? 183 HOH A O     1 
HETATM 747 O  O     . HOH J 5 .  ? -7.808  8.415   7.793   0.72 34.49 ? 184 HOH A O     1 
HETATM 748 O  O     . HOH J 5 .  ? -7.722  -5.168  -1.452  0.80 45.97 ? 185 HOH A O     1 
HETATM 749 O  O     . HOH J 5 .  ? -1.693  5.704   -3.190  0.99 43.43 ? 186 HOH A O     1 
HETATM 750 O  O     . HOH J 5 .  ? -6.218  -6.510  -10.352 1.00 43.13 ? 188 HOH A O     1 
HETATM 751 O  O     . HOH J 5 .  ? 14.019  -3.448  3.460   0.82 36.98 ? 190 HOH A O     1 
HETATM 752 O  O     . HOH J 5 .  ? 11.870  -17.194 -12.330 0.85 46.88 ? 191 HOH A O     1 
HETATM 753 O  O     . HOH J 5 .  ? 14.440  -0.406  -1.012  0.89 46.02 ? 193 HOH A O     1 
HETATM 754 O  O     . HOH J 5 .  ? 4.430   13.530  -4.173  0.84 42.33 ? 195 HOH A O     1 
HETATM 755 O  O     . HOH J 5 .  ? -4.687  0.915   11.105  1.00 45.55 ? 196 HOH A O     1 
HETATM 756 O  O     . HOH J 5 .  ? 12.315  -6.396  -6.015  0.50 13.95 ? 197 HOH A O     1 
HETATM 757 O  O     . HOH J 5 .  ? 11.795  -5.431  -8.688  0.99 12.45 ? 198 HOH A O     1 
HETATM 758 O  O     . HOH J 5 .  ? 11.438  -3.437  -7.182  0.44 14.17 ? 199 HOH A O     1 
HETATM 759 O  O     . HOH J 5 .  ? 7.463   -3.012  -6.136  0.72 13.88 ? 200 HOH A O     1 
HETATM 760 O  O     . HOH J 5 .  ? 9.509   -0.987  -6.812  0.71 14.34 ? 201 HOH A O     1 
HETATM 761 O  O     . HOH J 5 .  ? -5.300  -4.637  8.804   0.52 18.21 ? 202 HOH A O     1 
HETATM 762 O  O     . HOH J 5 .  ? -3.290  -3.190  9.528   0.48 17.75 ? 203 HOH A O     1 
HETATM 763 O  O     . HOH J 5 .  ? 4.502   -17.640 -8.064  0.92 31.37 ? 204 HOH A O     1 
HETATM 764 O  O     . HOH J 5 .  ? -3.679  0.442   -3.185  1.00 35.43 ? 205 HOH A O     1 
HETATM 765 O  O     . HOH J 5 .  ? -0.439  0.441   -10.613 0.99 40.74 ? 206 HOH A O     1 
HETATM 766 O  O     . HOH J 5 .  ? 8.557   2.185   -7.682  1.00 35.37 ? 207 HOH A O     1 
HETATM 767 O  O     . HOH J 5 .  ? 11.092  -16.167 -7.385  0.94 41.09 ? 210 HOH A O     1 
HETATM 768 O  O     . HOH J 5 .  ? -8.800  -0.582  1.027   0.98 39.65 ? 211 HOH A O     1 
HETATM 769 O  O     . HOH J 5 .  ? -17.553 6.971   0.272   1.00 44.78 ? 212 HOH A O     1 
HETATM 770 O  O     . HOH J 5 .  ? 2.506   8.274   -8.148  0.87 32.36 ? 217 HOH A O     1 
HETATM 771 O  O     . HOH J 5 .  ? -6.961  -7.965  -5.207  0.88 41.79 ? 219 HOH A O     1 
HETATM 772 O  O     . HOH J 5 .  ? -4.303  3.760   13.269  1.00 39.15 ? 221 HOH A O     1 
HETATM 773 O  O     . HOH J 5 .  ? 12.105  -13.205 -3.699  0.90 44.09 ? 223 HOH A O     1 
HETATM 774 O  O     . HOH K 5 .  ? 4.972   -7.825  1.050   0.94 8.99  ? 40  HOH B O     1 
HETATM 775 O  O     . HOH K 5 .  ? -0.678  -2.293  9.037   1.00 17.63 ? 46  HOH B O     1 
HETATM 776 O  O     . HOH K 5 .  ? 4.365   -16.305 3.573   0.90 11.71 ? 47  HOH B O     1 
HETATM 777 O  O     . HOH K 5 .  ? -0.626  -4.102  6.939   1.00 15.39 ? 53  HOH B O     1 
HETATM 778 O  O     . HOH K 5 .  ? 9.358   -14.205 7.086   0.80 11.58 ? 56  HOH B O     1 
HETATM 779 O  O     . HOH K 5 .  ? -13.159 21.908  -0.371  1.00 30.90 ? 59  HOH B O     1 
HETATM 780 O  O     . HOH K 5 .  ? -1.545  -7.137  5.885   0.99 18.44 ? 60  HOH B O     1 
HETATM 781 O  O     . HOH K 5 .  ? -1.808  4.888   12.562  0.69 21.25 ? 68  HOH B O     1 
HETATM 782 O  O     . HOH K 5 .  ? 4.965   4.593   7.715   1.00 26.78 ? 70  HOH B O     1 
HETATM 783 O  O     . HOH K 5 .  ? 6.536   -8.745  11.410  1.00 28.56 ? 72  HOH B O     1 
HETATM 784 O  O     . HOH K 5 .  ? -0.065  -15.543 -4.618  1.00 30.23 ? 74  HOH B O     1 
HETATM 785 O  O     . HOH K 5 .  ? -5.794  14.491  5.531   1.00 25.43 ? 75  HOH B O     1 
HETATM 786 O  O     . HOH K 5 .  ? 1.958   -9.116  12.679  1.00 20.61 ? 76  HOH B O     1 
HETATM 787 O  O     . HOH K 5 .  ? -8.923  20.281  3.906   1.00 31.06 ? 77  HOH B O     1 
HETATM 788 O  O     . HOH K 5 .  ? 1.546   -15.544 2.902   0.89 19.28 ? 80  HOH B O     1 
HETATM 789 O  O     . HOH K 5 .  ? 11.283  -5.778  4.621   1.00 28.97 ? 81  HOH B O     1 
HETATM 790 O  O     . HOH K 5 .  ? -9.565  16.747  3.982   0.71 23.20 ? 82  HOH B O     1 
HETATM 791 O  O     . HOH K 5 .  ? 2.943   -16.428 -4.701  1.00 25.19 ? 84  HOH B O     1 
HETATM 792 O  O     . HOH K 5 .  ? 0.151   -13.703 5.661   1.00 35.41 ? 85  HOH B O     1 
HETATM 793 O  O     . HOH K 5 .  ? -16.488 20.133  0.854   1.00 45.34 ? 89  HOH B O     1 
HETATM 794 O  O     . HOH K 5 .  ? 0.910   13.143  2.656   1.00 43.44 ? 92  HOH B O     1 
HETATM 795 O  O     . HOH K 5 .  ? 11.851  -8.457  4.130   1.00 33.13 ? 98  HOH B O     1 
HETATM 796 O  O     . HOH K 5 .  ? 11.104  -10.016 6.711   1.00 23.84 ? 99  HOH B O     1 
HETATM 797 O  O     . HOH K 5 .  ? -9.897  12.366  -3.757  0.95 24.23 ? 100 HOH B O     1 
HETATM 798 O  O     . HOH K 5 .  ? 3.280   1.212   14.093  1.00 30.82 ? 104 HOH B O     1 
HETATM 799 O  O     . HOH K 5 .  ? -2.699  -11.963 -1.689  1.00 30.97 ? 110 HOH B O     1 
HETATM 800 O  O     . HOH K 5 .  ? -4.785  -11.958 -5.666  0.81 20.71 ? 111 HOH B O     1 
HETATM 801 O  O     . HOH K 5 .  ? -2.848  20.712  3.440   0.89 32.98 ? 112 HOH B O     1 
HETATM 802 O  O     . HOH K 5 .  ? -8.063  10.628  5.407   0.68 22.67 ? 116 HOH B O     1 
HETATM 803 O  O     . HOH K 5 .  ? 2.565   -2.077  14.784  0.68 32.46 ? 118 HOH B O     1 
HETATM 804 O  O     . HOH K 5 .  ? 10.087  -17.181 -0.972  1.00 39.83 ? 120 HOH B O     1 
HETATM 805 O  O     . HOH K 5 .  ? -6.205  21.576  3.237   1.00 33.36 ? 121 HOH B O     1 
HETATM 806 O  O     . HOH K 5 .  ? -4.139  -6.857  5.072   1.00 35.91 ? 122 HOH B O     1 
HETATM 807 O  O     . HOH K 5 .  ? 1.758   10.452  13.187  1.00 34.51 ? 124 HOH B O     1 
HETATM 808 O  O     . HOH K 5 .  ? -0.287  -3.945  12.245  0.77 24.63 ? 125 HOH B O     1 
HETATM 809 O  O     . HOH K 5 .  ? 5.901   -6.973  13.119  1.00 43.20 ? 130 HOH B O     1 
HETATM 810 O  O     . HOH K 5 .  ? -4.127  15.615  -1.639  0.78 35.47 ? 132 HOH B O     1 
HETATM 811 O  O     . HOH K 5 .  ? -2.704  19.134  0.942   1.00 31.06 ? 133 HOH B O     1 
HETATM 812 O  O     . HOH K 5 .  ? -4.260  11.360  7.430   0.93 30.01 ? 135 HOH B O     1 
HETATM 813 O  O     . HOH K 5 .  ? 9.501   -18.904 -2.471  1.00 38.62 ? 138 HOH B O     1 
HETATM 814 O  O     . HOH K 5 .  ? 9.260   -2.375  9.529   0.83 32.06 ? 142 HOH B O     1 
HETATM 815 O  O     . HOH K 5 .  ? -2.095  -11.164 6.330   1.00 35.82 ? 145 HOH B O     1 
HETATM 816 O  O     . HOH K 5 .  ? -10.402 15.318  -3.801  1.00 34.87 ? 147 HOH B O     1 
HETATM 817 O  O     . HOH K 5 .  ? -7.351  20.644  5.829   0.93 40.55 ? 151 HOH B O     1 
HETATM 818 O  O     . HOH K 5 .  ? -15.017 22.103  1.551   1.00 44.66 ? 152 HOH B O     1 
HETATM 819 O  O     . HOH K 5 .  ? -3.788  9.288   8.864   0.96 44.15 ? 153 HOH B O     1 
HETATM 820 O  O     . HOH K 5 .  ? -2.511  -7.462  10.883  1.00 45.99 ? 154 HOH B O     1 
HETATM 821 O  O     . HOH K 5 .  ? -2.810  -14.042 -2.749  1.00 38.41 ? 157 HOH B O     1 
HETATM 822 O  O     . HOH K 5 .  ? 1.863   -6.570  1.784   1.00 9.19  ? 158 HOH B O     1 
HETATM 823 O  O     . HOH K 5 .  ? 2.531   -6.242  5.832   0.90 9.68  ? 161 HOH B O     1 
HETATM 824 O  O     . HOH K 5 .  ? 1.263   8.094   14.363  1.00 35.32 ? 175 HOH B O     1 
HETATM 825 O  O     . HOH K 5 .  ? -17.986 13.690  -1.485  0.93 34.24 ? 177 HOH B O     1 
HETATM 826 O  O     . HOH K 5 .  ? -2.296  13.086  11.748  1.00 35.93 ? 178 HOH B O     1 
HETATM 827 O  O     . HOH K 5 .  ? 5.865   3.286   9.573   0.92 59.07 ? 179 HOH B O     1 
HETATM 828 O  O     . HOH K 5 .  ? -2.111  -5.034  10.459  1.00 43.94 ? 187 HOH B O     1 
HETATM 829 O  O     . HOH K 5 .  ? -1.812  -12.112 0.692   0.90 42.23 ? 189 HOH B O     1 
HETATM 830 O  O     . HOH K 5 .  ? -1.885  -10.387 3.223   0.89 37.94 ? 192 HOH B O     1 
HETATM 831 O  O     . HOH K 5 .  ? 3.439   9.774   11.307  1.00 47.82 ? 194 HOH B O     1 
HETATM 832 O  O     . HOH K 5 .  ? -2.710  -6.767  8.369   1.00 45.19 ? 208 HOH B O     1 
HETATM 833 O  O     . HOH K 5 .  ? -3.955  18.387  7.339   1.00 42.53 ? 209 HOH B O     1 
HETATM 834 O  O     . HOH K 5 .  ? 4.966   5.657   9.985   1.00 50.79 ? 213 HOH B O     1 
HETATM 835 O  O     . HOH K 5 .  ? -6.982  16.246  -4.041  1.00 42.85 ? 214 HOH B O     1 
HETATM 836 O  O     . HOH K 5 .  ? -6.895  18.565  7.143   0.92 40.55 ? 215 HOH B O     1 
HETATM 837 O  O     . HOH K 5 .  ? -12.241 18.330  4.193   0.97 50.98 ? 216 HOH B O     1 
HETATM 838 O  O     . HOH K 5 .  ? 3.955   -5.808  14.567  1.00 45.40 ? 218 HOH B O     1 
HETATM 839 O  O     . HOH K 5 .  ? -0.327  -7.721  12.344  1.00 46.35 ? 220 HOH B O     1 
HETATM 840 O  O     . HOH K 5 .  ? 0.967   -4.388  14.781  1.00 47.85 ? 222 HOH B O     1 
# 
